data_7TLP
#
_entry.id   7TLP
#
_cell.length_a   91.744
_cell.length_b   159.262
_cell.length_c   178.069
_cell.angle_alpha   90.000
_cell.angle_beta   90.155
_cell.angle_gamma   90.000
#
_symmetry.space_group_name_H-M   'C 1 2 1'
#
loop_
_entity.id
_entity.type
_entity.pdbx_description
1 polymer 'Cysteine desulfurase'
2 non-polymer N-GLYCINE-[3-HYDROXY-2-METHYL-5-PHOSPHONOOXYMETHYL-PYRIDIN-4-YL-METHANE]
#
_entity_poly.entity_id   1
_entity_poly.type   'polypeptide(L)'
_entity_poly.pdbx_seq_one_letter_code
;MASSHHHHHHHENLYFQGMTDTEVAQITDNPYKADFPILAANPKVAYLDSAATSQRPRVVIEAQSRFYETMNANALRGLY
RWSVDATAAIEDARASIAKFIGAVDKNAKPESQQIIFTRNTSEALNLVASSLGRYALKPGDDVVISIMEHHSNIIPWQQI
CKATGANLVYLRMNSQYQITPEEIASKITERAKIVSVTHVSNVLGTRNDIKAIAKRTHAMGAYMVVDAAQSAPHILVNVH
DLDCDLLAFSAHRMCGPMGIGVLWGRAELLNAMPPFLTGGEMIDSVTETGAVWAPVPEKFEAGTQDAAGIYATGAAIKYL
NGLDMAKIEKREELLARYLVQQLCTLDFVDIVGSKLGQNHVGAVAFNVRGVHPHDVSSILDMNNVCIRAGHHCAEPLLIE
LHESSTCRASVAFYNDKHDIDQLIEGLNQVWKIFGSAVNTKQNKELK
;
_entity_poly.pdbx_strand_id   A,B,C,D,E,F
#
loop_
_chem_comp.id
_chem_comp.type
_chem_comp.name
_chem_comp.formula
PLG non-polymer N-GLYCINE-[3-HYDROXY-2-METHYL-5-PHOSPHONOOXYMETHYL-PYRIDIN-4-YL-METHANE] 'C10 H15 N2 O7 P'
#
# COMPACT_ATOMS: atom_id res chain seq x y z
N MET A 19 28.83 51.07 7.85
CA MET A 19 28.59 50.30 9.07
C MET A 19 27.96 51.11 10.22
N THR A 20 27.00 50.52 10.92
CA THR A 20 26.34 51.29 11.96
C THR A 20 27.20 51.28 13.22
N ASP A 21 26.92 52.21 14.13
CA ASP A 21 27.60 52.27 15.42
C ASP A 21 27.31 51.02 16.27
N THR A 22 26.17 50.35 16.02
CA THR A 22 25.86 49.11 16.73
C THR A 22 26.45 47.88 16.08
N GLU A 23 26.95 47.98 14.84
CA GLU A 23 27.74 46.90 14.25
C GLU A 23 29.19 46.95 14.70
N VAL A 24 29.75 48.15 14.88
CA VAL A 24 31.06 48.18 15.51
C VAL A 24 30.93 47.64 16.93
N ALA A 25 29.74 47.74 17.50
CA ALA A 25 29.51 47.20 18.83
C ALA A 25 29.64 45.68 18.82
N GLN A 26 29.06 45.04 17.82
CA GLN A 26 29.13 43.58 17.73
C GLN A 26 30.58 43.15 17.47
N ILE A 27 31.27 43.85 16.57
CA ILE A 27 32.66 43.51 16.30
C ILE A 27 33.49 43.75 17.54
N THR A 28 33.08 44.71 18.38
CA THR A 28 33.90 45.09 19.52
C THR A 28 33.82 44.06 20.62
N ASP A 29 32.65 43.47 20.81
CA ASP A 29 32.56 42.39 21.74
C ASP A 29 33.05 41.11 21.08
N ASN A 30 33.65 40.25 21.89
CA ASN A 30 34.09 38.93 21.44
C ASN A 30 33.51 37.89 22.37
N PRO A 31 32.32 37.36 22.06
CA PRO A 31 31.74 36.29 22.87
C PRO A 31 32.36 34.92 22.63
N TYR A 32 33.39 34.78 21.76
CA TYR A 32 33.85 33.45 21.35
C TYR A 32 35.28 33.08 21.70
N LYS A 33 36.17 34.06 21.94
CA LYS A 33 37.59 33.74 21.98
C LYS A 33 37.97 32.82 23.15
N ALA A 34 37.21 32.90 24.26
CA ALA A 34 37.47 32.05 25.42
C ALA A 34 37.43 30.57 25.08
N ASP A 35 36.63 30.18 24.08
CA ASP A 35 36.49 28.78 23.71
C ASP A 35 37.68 28.20 22.99
N PHE A 36 38.75 28.96 22.85
CA PHE A 36 39.93 28.49 22.14
C PHE A 36 41.11 28.59 23.08
N PRO A 37 41.72 27.47 23.44
CA PRO A 37 42.80 27.51 24.44
C PRO A 37 43.98 28.35 24.02
N ILE A 38 44.36 28.30 22.75
CA ILE A 38 45.54 29.00 22.26
C ILE A 38 45.29 30.50 22.24
N LEU A 39 44.05 30.91 21.93
CA LEU A 39 43.72 32.32 22.02
C LEU A 39 43.53 32.72 23.47
N ALA A 40 42.84 31.88 24.23
CA ALA A 40 42.61 32.20 25.62
C ALA A 40 43.93 32.47 26.32
N ALA A 41 44.96 31.68 26.00
CA ALA A 41 46.29 31.79 26.60
C ALA A 41 47.10 32.94 26.06
N ASN A 42 46.60 33.65 25.06
CA ASN A 42 47.38 34.68 24.38
C ASN A 42 46.45 35.81 23.99
N PRO A 43 45.99 36.58 24.97
CA PRO A 43 45.23 37.79 24.63
C PRO A 43 46.08 38.81 23.90
N LYS A 44 47.42 38.73 24.01
CA LYS A 44 48.28 39.69 23.33
C LYS A 44 48.31 39.49 21.81
N VAL A 45 47.90 38.29 21.33
CA VAL A 45 48.09 37.88 19.93
C VAL A 45 46.85 38.23 19.16
N ALA A 46 47.04 38.77 17.96
CA ALA A 46 45.97 38.90 16.98
C ALA A 46 46.25 37.87 15.90
N TYR A 47 45.34 36.88 15.76
CA TYR A 47 45.51 35.77 14.82
C TYR A 47 44.62 36.07 13.63
N LEU A 48 45.24 36.31 12.48
CA LEU A 48 44.53 36.77 11.28
C LEU A 48 44.94 35.94 10.06
N ASP A 49 44.82 34.62 10.18
CA ASP A 49 45.24 33.68 9.15
C ASP A 49 44.30 32.48 9.10
N SER A 50 43.05 32.66 9.53
CA SER A 50 42.12 31.53 9.56
CA SER A 50 42.11 31.54 9.56
C SER A 50 41.86 30.94 8.18
N ALA A 51 42.23 31.65 7.10
CA ALA A 51 42.14 31.04 5.80
C ALA A 51 43.20 29.94 5.67
N ALA A 52 44.26 30.04 6.44
CA ALA A 52 45.29 29.00 6.43
C ALA A 52 44.76 27.80 7.21
N THR A 53 44.68 27.92 8.53
CA THR A 53 44.01 26.89 9.29
C THR A 53 43.33 27.60 10.45
N SER A 54 42.18 27.06 10.89
CA SER A 54 41.46 27.63 12.02
C SER A 54 42.19 27.37 13.34
N GLN A 55 41.72 28.04 14.39
CA GLN A 55 42.08 27.52 15.70
C GLN A 55 41.08 26.48 16.17
N ARG A 56 41.51 25.71 17.17
CA ARG A 56 40.68 24.59 17.60
C ARG A 56 39.96 24.96 18.87
N PRO A 57 38.65 24.69 18.92
CA PRO A 57 37.90 24.77 20.18
C PRO A 57 38.37 23.70 21.16
N ARG A 58 38.39 24.05 22.45
CA ARG A 58 38.68 23.07 23.50
C ARG A 58 37.86 21.80 23.35
N VAL A 59 36.57 21.94 23.02
CA VAL A 59 35.70 20.79 22.85
C VAL A 59 36.28 19.81 21.83
N VAL A 60 36.82 20.34 20.72
CA VAL A 60 37.34 19.50 19.64
C VAL A 60 38.66 18.86 20.04
N ILE A 61 39.52 19.59 20.77
CA ILE A 61 40.75 19.00 21.28
C ILE A 61 40.42 17.84 22.22
N GLU A 62 39.59 18.08 23.22
CA GLU A 62 39.22 17.00 24.14
C GLU A 62 38.49 15.87 23.42
N ALA A 63 37.59 16.19 22.49
CA ALA A 63 36.83 15.10 21.88
C ALA A 63 37.75 14.07 21.26
N GLN A 64 38.88 14.51 20.73
CA GLN A 64 39.72 13.58 20.02
C GLN A 64 40.62 12.82 20.99
N SER A 65 41.09 13.51 22.02
CA SER A 65 41.77 12.84 23.11
C SER A 65 40.85 11.79 23.72
N ARG A 66 39.61 12.19 24.03
CA ARG A 66 38.56 11.28 24.47
C ARG A 66 38.51 10.00 23.65
N PHE A 67 38.37 10.13 22.33
CA PHE A 67 38.28 8.95 21.48
C PHE A 67 39.35 7.93 21.84
N TYR A 68 40.60 8.37 21.85
CA TYR A 68 41.76 7.50 22.04
C TYR A 68 41.77 6.88 23.43
N GLU A 69 41.20 7.59 24.40
CA GLU A 69 41.22 7.13 25.77
C GLU A 69 40.04 6.24 26.12
N THR A 70 38.97 6.24 25.35
CA THR A 70 37.87 5.34 25.65
C THR A 70 37.51 4.33 24.56
N MET A 71 37.89 4.53 23.30
CA MET A 71 37.39 3.63 22.26
C MET A 71 38.49 2.98 21.44
N ASN A 72 39.29 3.80 20.76
CA ASN A 72 40.35 3.36 19.84
C ASN A 72 39.78 2.42 18.77
N ASP A 85 30.07 2.19 21.51
CA ASP A 85 30.64 1.69 20.25
C ASP A 85 31.27 2.79 19.35
N ALA A 86 32.42 2.43 18.76
CA ALA A 86 33.13 3.33 17.87
C ALA A 86 32.49 3.39 16.49
N THR A 87 32.02 2.26 15.96
CA THR A 87 31.43 2.27 14.63
C THR A 87 30.19 3.15 14.62
N ALA A 88 29.38 3.06 15.66
CA ALA A 88 28.24 3.96 15.77
C ALA A 88 28.65 5.42 15.66
N ALA A 89 29.86 5.75 16.12
CA ALA A 89 30.24 7.16 16.19
C ALA A 89 30.87 7.67 14.90
N ILE A 90 31.60 6.84 14.13
CA ILE A 90 32.06 7.29 12.83
C ILE A 90 30.87 7.68 11.96
N GLU A 91 29.84 6.84 11.91
CA GLU A 91 28.72 7.18 11.06
C GLU A 91 27.93 8.36 11.61
N ASP A 92 27.87 8.55 12.93
CA ASP A 92 27.22 9.77 13.45
C ASP A 92 28.00 11.00 12.99
N ALA A 93 29.31 10.86 12.83
CA ALA A 93 30.13 11.93 12.30
C ALA A 93 29.83 12.17 10.82
N ARG A 94 29.92 11.12 9.99
CA ARG A 94 29.45 11.17 8.62
C ARG A 94 28.09 11.87 8.54
N ALA A 95 27.16 11.47 9.41
CA ALA A 95 25.84 12.09 9.42
C ALA A 95 25.93 13.58 9.70
N SER A 96 26.63 13.95 10.78
CA SER A 96 26.72 15.36 11.18
C SER A 96 27.28 16.23 10.07
N ILE A 97 28.38 15.79 9.45
CA ILE A 97 28.93 16.50 8.30
C ILE A 97 27.90 16.56 7.17
N ALA A 98 27.26 15.44 6.85
CA ALA A 98 26.35 15.45 5.70
C ALA A 98 25.27 16.50 5.88
N LYS A 99 24.57 16.48 7.03
CA LYS A 99 23.53 17.48 7.28
C LYS A 99 24.09 18.90 7.24
N PHE A 100 25.31 19.10 7.71
CA PHE A 100 25.91 20.43 7.70
C PHE A 100 26.09 20.99 6.30
N ILE A 101 26.29 20.15 5.30
CA ILE A 101 26.45 20.63 3.93
C ILE A 101 25.16 20.48 3.13
N GLY A 102 24.04 20.26 3.83
CA GLY A 102 22.74 20.09 3.22
C GLY A 102 22.52 18.77 2.52
N ALA A 103 23.41 17.79 2.68
CA ALA A 103 23.33 16.54 1.94
C ALA A 103 22.32 15.60 2.59
N VAL A 104 21.04 15.91 2.38
CA VAL A 104 19.94 15.21 3.03
C VAL A 104 19.13 14.42 2.00
N ASP A 105 17.95 13.95 2.38
CA ASP A 105 17.16 13.06 1.53
C ASP A 105 15.71 13.40 1.75
N ALA A 108 13.54 12.17 5.34
CA ALA A 108 14.47 13.29 5.44
C ALA A 108 15.75 12.87 6.18
N LYS A 109 16.61 12.16 5.47
CA LYS A 109 17.73 11.55 6.15
C LYS A 109 19.07 12.07 5.63
N PRO A 110 20.04 12.29 6.52
CA PRO A 110 21.37 12.71 6.07
C PRO A 110 22.02 11.64 5.20
N GLU A 111 22.62 12.09 4.09
CA GLU A 111 23.24 11.19 3.12
C GLU A 111 24.66 10.81 3.55
N SER A 112 24.76 10.10 4.67
CA SER A 112 26.08 9.84 5.24
C SER A 112 26.83 8.74 4.49
N GLN A 113 26.16 7.92 3.71
CA GLN A 113 26.95 6.93 3.00
C GLN A 113 27.56 7.52 1.74
N GLN A 114 27.42 8.84 1.57
CA GLN A 114 27.94 9.56 0.43
C GLN A 114 29.03 10.59 0.78
N ILE A 115 29.57 10.55 1.99
CA ILE A 115 30.69 11.40 2.29
C ILE A 115 31.86 10.51 2.63
N ILE A 116 33.04 10.92 2.18
CA ILE A 116 34.25 10.13 2.19
C ILE A 116 35.29 10.94 2.94
N PHE A 117 36.19 10.27 3.65
CA PHE A 117 37.26 10.97 4.36
C PHE A 117 38.56 10.85 3.60
N THR A 118 39.28 11.95 3.50
CA THR A 118 40.61 11.95 2.94
C THR A 118 41.49 12.59 3.99
N ARG A 119 42.68 13.01 3.59
CA ARG A 119 43.56 13.68 4.52
C ARG A 119 43.27 15.15 4.62
N ASN A 120 42.84 15.76 3.51
CA ASN A 120 42.70 17.19 3.28
C ASN A 120 42.20 17.39 1.85
N THR A 121 41.84 18.65 1.52
CA THR A 121 41.17 19.01 0.26
C THR A 121 42.00 18.61 -0.94
N SER A 122 43.32 18.72 -0.81
CA SER A 122 44.22 18.34 -1.88
C SER A 122 44.03 16.89 -2.26
N GLU A 123 43.89 16.00 -1.27
CA GLU A 123 43.73 14.60 -1.63
C GLU A 123 42.38 14.36 -2.29
N ALA A 124 41.32 14.96 -1.76
CA ALA A 124 40.03 14.74 -2.41
C ALA A 124 40.08 15.21 -3.84
N LEU A 125 40.75 16.33 -4.09
CA LEU A 125 40.86 16.82 -5.46
C LEU A 125 41.70 15.90 -6.32
N ASN A 126 42.82 15.43 -5.81
CA ASN A 126 43.61 14.42 -6.54
C ASN A 126 42.79 13.18 -6.90
N LEU A 127 41.94 12.71 -5.96
CA LEU A 127 41.06 11.57 -6.16
C LEU A 127 40.06 11.78 -7.30
N VAL A 128 39.35 12.92 -7.25
CA VAL A 128 38.45 13.31 -8.33
C VAL A 128 39.19 13.33 -9.65
N ALA A 129 40.28 14.08 -9.72
CA ALA A 129 41.03 14.17 -10.96
C ALA A 129 41.41 12.79 -11.50
N SER A 130 41.81 11.86 -10.60
CA SER A 130 42.15 10.50 -11.06
C SER A 130 40.89 9.70 -11.40
N SER A 131 39.98 9.53 -10.44
CA SER A 131 38.85 8.65 -10.69
CA SER A 131 38.84 8.64 -10.68
C SER A 131 37.91 9.22 -11.74
N LEU A 132 37.37 10.43 -11.50
CA LEU A 132 36.47 11.05 -12.48
C LEU A 132 37.15 11.20 -13.83
N GLY A 133 38.45 11.54 -13.83
CA GLY A 133 39.17 11.72 -15.08
C GLY A 133 39.29 10.45 -15.90
N ARG A 134 39.55 9.31 -15.24
CA ARG A 134 39.58 8.04 -15.98
C ARG A 134 38.20 7.69 -16.51
N TYR A 135 37.18 7.87 -15.68
CA TYR A 135 35.82 7.52 -16.05
C TYR A 135 35.21 8.39 -17.13
N ALA A 136 35.76 9.57 -17.40
CA ALA A 136 34.91 10.49 -18.15
C ALA A 136 35.59 11.17 -19.34
N LEU A 137 36.89 11.45 -19.28
CA LEU A 137 37.57 12.22 -20.31
C LEU A 137 37.93 11.33 -21.51
N LYS A 138 37.39 11.62 -22.59
CA LYS A 138 37.80 11.02 -23.87
C LYS A 138 38.68 12.03 -24.61
N PRO A 139 39.57 11.59 -25.51
CA PRO A 139 40.64 12.50 -25.97
C PRO A 139 40.07 13.66 -26.74
N GLY A 140 40.58 14.85 -26.47
CA GLY A 140 39.99 16.07 -26.98
C GLY A 140 38.81 16.62 -26.20
N ASP A 141 38.44 16.02 -25.07
CA ASP A 141 37.49 16.66 -24.19
C ASP A 141 38.15 17.82 -23.47
N ASP A 142 37.35 18.68 -22.89
CA ASP A 142 37.86 19.90 -22.31
C ASP A 142 37.56 19.88 -20.82
N VAL A 143 38.58 20.12 -20.00
CA VAL A 143 38.42 20.26 -18.56
C VAL A 143 38.65 21.74 -18.23
N VAL A 144 37.78 22.32 -17.43
CA VAL A 144 37.75 23.77 -17.23
C VAL A 144 37.93 24.07 -15.74
N ILE A 145 38.98 24.81 -15.43
CA ILE A 145 39.19 25.31 -14.10
C ILE A 145 39.13 26.84 -14.17
N SER A 146 39.16 27.49 -13.02
CA SER A 146 39.25 28.95 -13.03
C SER A 146 40.68 29.41 -12.83
N ILE A 147 40.98 30.63 -13.27
CA ILE A 147 42.28 31.21 -12.95
C ILE A 147 42.44 31.51 -11.45
N MET A 148 41.35 31.49 -10.70
CA MET A 148 41.35 31.73 -9.27
C MET A 148 41.78 30.51 -8.47
N GLU A 149 42.05 29.40 -9.14
CA GLU A 149 42.27 28.14 -8.46
C GLU A 149 43.53 28.15 -7.59
N HIS A 150 43.40 27.49 -6.44
CA HIS A 150 44.54 27.02 -5.67
C HIS A 150 45.20 25.87 -6.44
N HIS A 151 46.50 25.67 -6.21
CA HIS A 151 47.29 24.74 -7.03
C HIS A 151 46.70 23.32 -6.99
N SER A 152 46.10 22.93 -5.85
CA SER A 152 45.52 21.59 -5.70
C SER A 152 44.35 21.35 -6.62
N ASN A 153 43.72 22.41 -7.13
CA ASN A 153 42.69 22.32 -8.16
C ASN A 153 43.25 22.66 -9.55
N ILE A 154 44.56 22.55 -9.76
CA ILE A 154 45.18 22.85 -11.05
C ILE A 154 46.05 21.70 -11.51
N ILE A 155 47.06 21.36 -10.74
CA ILE A 155 48.04 20.38 -11.20
C ILE A 155 47.45 19.00 -11.45
N PRO A 156 46.60 18.44 -10.60
CA PRO A 156 46.03 17.14 -10.93
C PRO A 156 45.31 17.15 -12.25
N TRP A 157 44.65 18.26 -12.58
CA TRP A 157 43.94 18.39 -13.85
C TRP A 157 44.91 18.48 -15.01
N GLN A 158 46.08 19.06 -14.77
CA GLN A 158 47.09 19.09 -15.81
C GLN A 158 47.56 17.70 -16.12
N GLN A 159 47.83 16.90 -15.07
CA GLN A 159 48.21 15.51 -15.29
C GLN A 159 47.09 14.76 -16.01
N ILE A 160 45.89 14.77 -15.44
CA ILE A 160 44.73 14.13 -16.05
C ILE A 160 44.70 14.50 -17.53
N CYS A 161 44.86 15.79 -17.84
CA CYS A 161 44.78 16.20 -19.25
C CYS A 161 45.91 15.63 -20.11
N LYS A 162 47.13 15.56 -19.58
CA LYS A 162 48.18 14.93 -20.37
C LYS A 162 47.91 13.44 -20.54
N ALA A 163 47.52 12.77 -19.46
CA ALA A 163 47.29 11.34 -19.55
C ALA A 163 46.19 11.00 -20.54
N THR A 164 45.24 11.92 -20.76
CA THR A 164 43.96 11.56 -21.36
C THR A 164 43.78 12.07 -22.78
N GLY A 165 44.59 13.01 -23.22
CA GLY A 165 44.36 13.65 -24.50
C GLY A 165 43.40 14.82 -24.45
N ALA A 166 43.25 15.47 -23.30
CA ALA A 166 42.27 16.51 -23.05
C ALA A 166 42.92 17.87 -22.84
N ASN A 167 42.17 18.93 -23.11
CA ASN A 167 42.64 20.30 -23.02
C ASN A 167 42.19 20.94 -21.71
N LEU A 168 43.05 21.81 -21.14
CA LEU A 168 42.72 22.51 -19.88
C LEU A 168 42.40 23.97 -20.21
N VAL A 169 41.14 24.36 -20.00
CA VAL A 169 40.63 25.70 -20.29
C VAL A 169 40.33 26.43 -18.98
N TYR A 170 40.74 27.70 -18.89
CA TYR A 170 40.58 28.53 -17.69
C TYR A 170 39.50 29.58 -17.87
N LEU A 171 38.75 29.83 -16.80
CA LEU A 171 37.79 30.92 -16.68
C LEU A 171 38.53 32.10 -16.08
N ARG A 172 38.40 33.27 -16.71
CA ARG A 172 39.14 34.47 -16.32
C ARG A 172 38.18 35.48 -15.70
N MET A 173 38.77 36.52 -15.12
CA MET A 173 38.06 37.51 -14.31
C MET A 173 37.88 38.81 -15.05
N ASN A 174 36.91 39.60 -14.60
CA ASN A 174 36.67 40.92 -15.16
C ASN A 174 37.31 41.98 -14.27
N SER A 175 37.06 43.24 -14.62
CA SER A 175 37.55 44.38 -13.85
C SER A 175 37.13 44.28 -12.39
N GLN A 176 35.89 43.89 -12.15
CA GLN A 176 35.40 43.81 -10.78
C GLN A 176 35.72 42.48 -10.12
N TYR A 177 36.57 41.65 -10.75
CA TYR A 177 37.12 40.42 -10.15
C TYR A 177 36.09 39.29 -10.11
N GLN A 178 35.27 39.18 -11.14
CA GLN A 178 34.19 38.21 -11.15
C GLN A 178 34.38 37.25 -12.32
N ILE A 179 33.71 36.09 -12.26
CA ILE A 179 33.55 35.20 -13.40
C ILE A 179 32.16 35.50 -13.96
N THR A 180 32.12 36.26 -15.03
CA THR A 180 30.88 36.81 -15.56
C THR A 180 30.11 35.76 -16.30
N PRO A 181 28.78 35.93 -16.44
CA PRO A 181 27.99 34.98 -17.24
C PRO A 181 28.45 34.89 -18.68
N GLU A 182 29.26 35.83 -19.15
CA GLU A 182 29.80 35.66 -20.49
C GLU A 182 31.00 34.74 -20.49
N GLU A 183 31.90 34.89 -19.51
CA GLU A 183 33.04 33.98 -19.42
C GLU A 183 32.56 32.54 -19.32
N ILE A 184 31.57 32.29 -18.45
CA ILE A 184 31.01 30.95 -18.25
C ILE A 184 30.53 30.35 -19.56
N ALA A 185 29.55 31.00 -20.21
CA ALA A 185 29.00 30.51 -21.48
C ALA A 185 30.04 30.41 -22.59
N SER A 186 31.10 31.20 -22.55
CA SER A 186 32.06 31.20 -23.65
CA SER A 186 32.08 31.22 -23.63
C SER A 186 33.21 30.21 -23.45
N LYS A 187 33.51 29.84 -22.20
CA LYS A 187 34.61 28.92 -21.96
C LYS A 187 34.15 27.53 -21.58
N ILE A 188 32.90 27.34 -21.16
CA ILE A 188 32.31 26.01 -20.97
C ILE A 188 31.41 25.71 -22.15
N THR A 189 31.91 24.91 -23.11
CA THR A 189 31.14 24.58 -24.31
C THR A 189 30.84 23.09 -24.34
N GLU A 190 30.28 22.63 -25.46
CA GLU A 190 29.97 21.22 -25.68
C GLU A 190 31.19 20.33 -25.53
N ARG A 191 32.40 20.85 -25.80
CA ARG A 191 33.60 20.06 -25.55
C ARG A 191 33.84 19.83 -24.06
N ALA A 192 33.28 20.65 -23.19
CA ALA A 192 33.47 20.47 -21.76
C ALA A 192 32.96 19.11 -21.28
N LYS A 193 33.78 18.44 -20.40
CA LYS A 193 33.46 17.18 -19.72
C LYS A 193 33.60 17.28 -18.20
N ILE A 194 34.66 17.91 -17.69
CA ILE A 194 34.74 18.24 -16.28
C ILE A 194 34.90 19.76 -16.13
N VAL A 195 34.19 20.34 -15.16
CA VAL A 195 34.40 21.73 -14.74
C VAL A 195 34.65 21.72 -13.25
N SER A 196 35.79 22.27 -12.83
CA SER A 196 36.18 22.30 -11.42
C SER A 196 36.61 23.72 -11.04
N VAL A 197 35.78 24.37 -10.22
CA VAL A 197 35.92 25.77 -9.85
C VAL A 197 35.88 25.93 -8.34
N THR A 198 36.75 26.80 -7.81
CA THR A 198 36.73 27.16 -6.39
C THR A 198 35.46 27.89 -6.03
N HIS A 199 34.95 27.60 -4.85
CA HIS A 199 33.75 28.30 -4.38
C HIS A 199 34.10 29.68 -3.86
N VAL A 200 35.22 29.76 -3.16
CA VAL A 200 35.69 30.99 -2.56
C VAL A 200 37.20 31.03 -2.73
N SER A 201 37.73 32.14 -3.22
CA SER A 201 39.16 32.27 -3.41
C SER A 201 39.89 32.55 -2.10
N ASN A 202 40.90 31.72 -1.80
CA ASN A 202 41.81 31.92 -0.66
C ASN A 202 42.69 33.16 -0.78
N VAL A 203 42.71 33.82 -1.94
CA VAL A 203 43.38 35.10 -2.08
C VAL A 203 42.39 36.26 -2.17
N LEU A 204 41.53 36.24 -3.16
CA LEU A 204 40.67 37.40 -3.36
C LEU A 204 39.58 37.48 -2.31
N GLY A 205 39.09 36.36 -1.81
CA GLY A 205 37.89 36.37 -1.00
C GLY A 205 36.60 36.39 -1.79
N THR A 206 36.66 36.15 -3.11
CA THR A 206 35.49 36.16 -3.97
C THR A 206 34.66 34.90 -3.80
N ARG A 207 33.34 35.04 -3.73
CA ARG A 207 32.40 33.92 -3.75
C ARG A 207 31.92 33.73 -5.18
N ASN A 208 32.25 32.60 -5.77
CA ASN A 208 31.91 32.40 -7.17
C ASN A 208 30.51 31.83 -7.33
N ASP A 209 29.94 32.07 -8.51
CA ASP A 209 28.52 31.82 -8.66
C ASP A 209 28.37 30.34 -9.06
N ILE A 210 28.59 29.47 -8.06
CA ILE A 210 28.78 28.05 -8.34
C ILE A 210 27.53 27.43 -8.97
N LYS A 211 26.33 27.86 -8.55
CA LYS A 211 25.12 27.31 -9.16
C LYS A 211 24.98 27.72 -10.63
N ALA A 212 25.33 28.97 -10.96
CA ALA A 212 25.38 29.34 -12.37
C ALA A 212 26.29 28.41 -13.16
N ILE A 213 27.52 28.23 -12.70
CA ILE A 213 28.49 27.49 -13.47
C ILE A 213 28.06 26.02 -13.55
N ALA A 214 27.47 25.50 -12.46
CA ALA A 214 26.86 24.16 -12.45
C ALA A 214 25.89 23.98 -13.61
N LYS A 215 25.02 24.99 -13.83
CA LYS A 215 23.90 24.81 -14.76
C LYS A 215 24.38 24.88 -16.20
N ARG A 216 25.30 25.78 -16.52
CA ARG A 216 25.86 25.73 -17.87
C ARG A 216 26.63 24.42 -18.10
N THR A 217 27.23 23.84 -17.06
CA THR A 217 28.13 22.70 -17.21
C THR A 217 27.36 21.43 -17.54
N HIS A 218 26.32 21.16 -16.76
CA HIS A 218 25.37 20.10 -17.05
C HIS A 218 24.84 20.22 -18.49
N ALA A 219 24.44 21.42 -18.88
CA ALA A 219 24.00 21.67 -20.26
C ALA A 219 24.98 21.12 -21.26
N MET A 220 26.27 21.26 -20.98
CA MET A 220 27.29 20.87 -21.93
C MET A 220 27.77 19.45 -21.72
N GLY A 221 27.02 18.67 -20.93
CA GLY A 221 27.25 17.27 -20.64
C GLY A 221 28.48 17.09 -19.79
N ALA A 222 28.54 17.75 -18.64
CA ALA A 222 29.81 17.83 -17.94
C ALA A 222 29.61 17.80 -16.42
N TYR A 223 30.65 17.31 -15.71
CA TYR A 223 30.58 17.12 -14.26
C TYR A 223 31.14 18.33 -13.49
N MET A 224 30.42 18.69 -12.44
CA MET A 224 30.69 19.84 -11.62
C MET A 224 31.43 19.46 -10.34
N VAL A 225 32.72 19.79 -10.29
CA VAL A 225 33.52 19.63 -9.08
C VAL A 225 33.65 21.00 -8.44
N VAL A 226 33.46 21.08 -7.12
CA VAL A 226 33.59 22.35 -6.40
C VAL A 226 34.64 22.17 -5.32
N ASP A 227 35.71 22.96 -5.42
CA ASP A 227 36.67 23.10 -4.35
C ASP A 227 36.12 24.15 -3.39
N ALA A 228 35.73 23.70 -2.21
CA ALA A 228 35.05 24.56 -1.25
C ALA A 228 35.81 24.62 0.06
N ALA A 229 37.13 24.40 0.03
CA ALA A 229 37.91 24.43 1.27
C ALA A 229 37.79 25.77 2.01
N GLN A 230 37.52 26.84 1.29
CA GLN A 230 37.50 28.16 1.85
C GLN A 230 36.08 28.74 1.88
N SER A 231 35.10 28.05 1.28
CA SER A 231 33.72 28.46 1.46
C SER A 231 33.05 27.75 2.61
N ALA A 232 33.31 26.46 2.79
CA ALA A 232 32.63 25.68 3.81
C ALA A 232 32.72 26.26 5.22
N PRO A 233 33.83 26.87 5.65
CA PRO A 233 33.93 27.38 7.02
C PRO A 233 33.36 28.77 7.25
N HIS A 234 32.75 29.41 6.27
CA HIS A 234 32.37 30.81 6.45
C HIS A 234 30.94 31.08 6.00
N ILE A 235 30.63 30.71 4.77
CA ILE A 235 29.29 30.83 4.25
C ILE A 235 28.62 29.47 4.34
N LEU A 236 27.32 29.43 4.08
CA LEU A 236 26.60 28.17 4.13
C LEU A 236 26.79 27.42 2.82
N VAL A 237 26.95 26.10 2.91
CA VAL A 237 27.04 25.25 1.74
C VAL A 237 25.86 24.30 1.76
N ASN A 238 25.15 24.20 0.63
CA ASN A 238 24.07 23.25 0.44
C ASN A 238 24.30 22.59 -0.91
N VAL A 239 24.84 21.36 -0.90
CA VAL A 239 25.19 20.72 -2.16
C VAL A 239 23.98 20.60 -3.08
N HIS A 240 22.77 20.50 -2.52
CA HIS A 240 21.59 20.36 -3.36
C HIS A 240 21.09 21.69 -3.88
N ASP A 241 21.43 22.80 -3.21
CA ASP A 241 21.25 24.10 -3.82
C ASP A 241 22.31 24.33 -4.89
N LEU A 242 23.58 24.16 -4.54
CA LEU A 242 24.63 24.33 -5.52
C LEU A 242 24.50 23.35 -6.68
N ASP A 243 23.70 22.28 -6.54
CA ASP A 243 23.42 21.38 -7.65
C ASP A 243 24.69 20.91 -8.33
N CYS A 244 25.73 20.69 -7.53
CA CYS A 244 26.99 20.16 -8.04
C CYS A 244 27.06 18.64 -7.95
N ASP A 245 28.19 18.10 -8.39
CA ASP A 245 28.40 16.67 -8.43
C ASP A 245 29.48 16.18 -7.48
N LEU A 246 30.54 16.93 -7.27
CA LEU A 246 31.58 16.64 -6.29
C LEU A 246 31.85 17.94 -5.52
N LEU A 247 31.95 17.84 -4.19
CA LEU A 247 32.37 18.93 -3.32
C LEU A 247 33.43 18.41 -2.35
N ALA A 248 34.47 19.20 -2.12
CA ALA A 248 35.52 18.80 -1.19
C ALA A 248 35.83 19.96 -0.25
N PHE A 249 36.43 19.65 0.90
CA PHE A 249 37.01 20.67 1.77
C PHE A 249 37.87 20.00 2.83
N SER A 250 38.39 20.79 3.75
CA SER A 250 39.17 20.24 4.86
C SER A 250 38.50 20.57 6.19
N ALA A 251 38.85 19.84 7.21
CA ALA A 251 38.20 20.11 8.48
C ALA A 251 38.96 21.13 9.29
N HIS A 252 40.21 21.38 8.97
CA HIS A 252 40.98 22.26 9.83
C HIS A 252 40.75 23.74 9.55
N ARG A 253 39.89 24.08 8.57
CA ARG A 253 39.46 25.45 8.38
C ARG A 253 38.19 25.76 9.12
N MET A 254 37.34 24.77 9.26
CA MET A 254 36.23 24.82 10.21
C MET A 254 36.56 24.09 11.49
N CYS A 255 37.52 24.62 12.21
CA CYS A 255 37.73 24.29 13.61
C CYS A 255 37.95 22.81 13.90
N GLY A 256 38.10 21.97 12.88
CA GLY A 256 38.29 20.57 13.10
C GLY A 256 39.75 20.21 13.13
N PRO A 257 40.04 18.94 13.31
CA PRO A 257 41.45 18.53 13.44
C PRO A 257 42.14 18.56 12.08
N MET A 258 43.46 18.66 12.13
CA MET A 258 44.19 18.38 10.90
C MET A 258 44.15 16.87 10.62
N GLY A 259 44.46 16.52 9.38
CA GLY A 259 44.34 15.14 8.94
C GLY A 259 43.01 14.74 8.33
N ILE A 260 42.00 15.60 8.33
CA ILE A 260 40.68 15.23 7.84
C ILE A 260 40.26 16.16 6.70
N GLY A 261 40.16 15.62 5.49
CA GLY A 261 39.44 16.24 4.39
C GLY A 261 38.19 15.44 4.08
N VAL A 262 37.15 16.10 3.54
CA VAL A 262 35.94 15.35 3.24
C VAL A 262 35.61 15.60 1.76
N LEU A 263 35.08 14.57 1.12
CA LEU A 263 34.51 14.75 -0.22
C LEU A 263 33.07 14.27 -0.20
N TRP A 264 32.20 14.98 -0.88
CA TRP A 264 30.86 14.50 -1.09
C TRP A 264 30.64 14.31 -2.58
N GLY A 265 29.74 13.39 -2.90
CA GLY A 265 29.37 13.12 -4.29
C GLY A 265 27.94 12.68 -4.39
N ARG A 266 27.34 12.95 -5.55
CA ARG A 266 26.12 12.26 -5.97
C ARG A 266 26.34 10.75 -5.98
N ALA A 267 25.54 10.04 -5.19
CA ALA A 267 25.63 8.59 -5.04
C ALA A 267 25.86 7.85 -6.36
N GLU A 268 25.05 8.16 -7.37
CA GLU A 268 25.17 7.46 -8.64
C GLU A 268 26.56 7.59 -9.23
N LEU A 269 27.16 8.78 -9.17
CA LEU A 269 28.54 8.98 -9.62
C LEU A 269 29.56 8.26 -8.71
N LEU A 270 29.42 8.40 -7.40
CA LEU A 270 30.28 7.66 -6.50
C LEU A 270 30.24 6.16 -6.82
N ASN A 271 29.04 5.62 -7.06
CA ASN A 271 28.99 4.21 -7.45
C ASN A 271 29.71 3.98 -8.78
N ALA A 272 29.65 4.94 -9.69
CA ALA A 272 30.20 4.73 -11.02
C ALA A 272 31.70 5.05 -11.12
N MET A 273 32.26 5.82 -10.20
CA MET A 273 33.64 6.11 -10.51
C MET A 273 34.53 4.95 -10.10
N PRO A 274 35.64 4.76 -10.80
CA PRO A 274 36.64 3.80 -10.34
C PRO A 274 37.12 4.16 -8.95
N PRO A 275 37.70 3.21 -8.22
CA PRO A 275 38.36 3.57 -6.97
C PRO A 275 39.72 4.19 -7.27
N PHE A 276 40.20 4.98 -6.32
CA PHE A 276 41.43 5.73 -6.54
C PHE A 276 42.50 4.95 -5.80
N LEU A 277 42.66 5.16 -4.50
CA LEU A 277 43.54 4.28 -3.74
C LEU A 277 42.95 2.89 -3.57
N THR A 278 43.83 1.87 -3.59
CA THR A 278 43.43 0.48 -3.50
C THR A 278 44.15 -0.22 -2.35
N GLY A 279 43.53 -1.26 -1.84
CA GLY A 279 44.21 -2.13 -0.93
C GLY A 279 43.21 -2.78 0.00
N GLY A 280 43.57 -2.81 1.28
CA GLY A 280 42.72 -3.39 2.30
C GLY A 280 41.70 -2.38 2.84
N GLU A 281 40.43 -2.80 2.82
CA GLU A 281 39.26 -2.16 3.43
C GLU A 281 38.49 -1.22 2.46
N MET A 282 39.16 -0.65 1.47
CA MET A 282 38.72 -0.89 0.13
C MET A 282 38.76 -2.40 -0.29
N ALA A 294 33.97 -2.94 -3.43
CA ALA A 294 33.15 -2.71 -2.23
C ALA A 294 32.18 -1.53 -2.41
N PRO A 295 31.25 -1.34 -1.48
CA PRO A 295 30.30 -0.24 -1.60
C PRO A 295 30.94 1.11 -1.26
N VAL A 296 30.25 2.15 -1.72
CA VAL A 296 30.47 3.52 -1.27
C VAL A 296 29.91 3.65 0.14
N PRO A 297 30.61 4.33 1.07
CA PRO A 297 31.88 5.03 0.89
C PRO A 297 33.17 4.17 0.93
N GLU A 298 33.10 2.99 1.55
CA GLU A 298 34.31 2.20 1.83
C GLU A 298 35.20 2.05 0.61
N LYS A 299 34.64 1.98 -0.58
CA LYS A 299 35.40 1.92 -1.82
C LYS A 299 36.48 3.01 -1.92
N PHE A 300 36.41 4.08 -1.13
CA PHE A 300 37.32 5.20 -1.30
C PHE A 300 38.16 5.46 -0.06
N GLU A 301 38.24 4.52 0.87
CA GLU A 301 38.95 4.70 2.13
C GLU A 301 39.79 3.44 2.35
N ALA A 302 41.03 3.47 1.86
CA ALA A 302 41.95 2.34 1.95
C ALA A 302 42.80 2.43 3.21
N GLY A 303 42.72 1.41 4.05
CA GLY A 303 43.54 1.34 5.24
C GLY A 303 42.82 1.85 6.46
N THR A 304 43.52 1.76 7.59
CA THR A 304 43.02 2.35 8.83
C THR A 304 42.94 3.86 8.67
N GLN A 305 41.85 4.43 9.15
CA GLN A 305 41.57 5.85 9.00
C GLN A 305 41.64 6.53 10.35
N ASP A 306 41.73 7.87 10.31
CA ASP A 306 41.91 8.68 11.50
C ASP A 306 40.58 8.79 12.26
N ALA A 307 40.18 7.66 12.86
CA ALA A 307 38.89 7.61 13.54
C ALA A 307 38.79 8.68 14.63
N ALA A 308 39.83 8.85 15.44
CA ALA A 308 39.79 9.90 16.47
C ALA A 308 39.66 11.28 15.86
N GLY A 309 40.24 11.50 14.67
CA GLY A 309 40.08 12.73 13.96
C GLY A 309 38.73 12.88 13.27
N ILE A 310 38.22 11.81 12.65
CA ILE A 310 36.84 11.86 12.18
C ILE A 310 35.89 12.12 13.33
N TYR A 311 36.20 11.59 14.51
CA TYR A 311 35.36 11.83 15.67
C TYR A 311 35.36 13.32 16.05
N ALA A 312 36.56 13.91 16.10
CA ALA A 312 36.67 15.32 16.44
C ALA A 312 36.07 16.19 15.36
N THR A 313 36.14 15.72 14.12
CA THR A 313 35.51 16.45 13.03
C THR A 313 34.02 16.56 13.28
N GLY A 314 33.42 15.48 13.81
CA GLY A 314 32.05 15.55 14.28
C GLY A 314 31.87 16.56 15.41
N ALA A 315 32.75 16.51 16.42
CA ALA A 315 32.62 17.48 17.51
C ALA A 315 32.63 18.92 16.96
N ALA A 316 33.48 19.18 15.95
CA ALA A 316 33.58 20.52 15.39
C ALA A 316 32.30 20.91 14.67
N ILE A 317 31.76 20.00 13.85
CA ILE A 317 30.48 20.33 13.24
C ILE A 317 29.44 20.56 14.32
N LYS A 318 29.43 19.71 15.36
CA LYS A 318 28.42 19.88 16.41
C LYS A 318 28.67 21.19 17.18
N TYR A 319 29.93 21.65 17.27
CA TYR A 319 30.23 22.91 17.94
C TYR A 319 29.76 24.11 17.11
N LEU A 320 29.90 24.05 15.80
CA LEU A 320 29.48 25.16 14.96
C LEU A 320 27.95 25.30 14.95
N ASN A 321 27.20 24.20 14.79
CA ASN A 321 25.74 24.35 14.75
C ASN A 321 25.20 24.85 16.08
N GLY A 322 25.93 24.59 17.17
CA GLY A 322 25.51 25.11 18.45
C GLY A 322 25.66 26.62 18.56
N LEU A 323 26.74 27.16 17.97
CA LEU A 323 26.96 28.61 17.92
C LEU A 323 25.90 29.35 17.13
N ASP A 324 25.00 28.62 16.46
CA ASP A 324 24.13 29.16 15.41
C ASP A 324 25.01 29.65 14.26
N MET A 325 25.19 28.76 13.30
CA MET A 325 25.90 28.94 12.04
C MET A 325 25.51 30.22 11.29
N ALA A 326 24.26 30.66 11.45
CA ALA A 326 23.86 31.91 10.84
C ALA A 326 24.55 33.08 11.53
N LYS A 327 24.46 33.14 12.86
CA LYS A 327 25.19 34.15 13.59
C LYS A 327 26.68 34.10 13.25
N ILE A 328 27.18 32.96 12.78
CA ILE A 328 28.60 32.88 12.42
C ILE A 328 28.86 33.65 11.13
N GLU A 329 28.27 33.20 10.02
CA GLU A 329 28.27 33.97 8.78
C GLU A 329 28.03 35.47 9.03
N LYS A 330 27.10 35.84 9.91
CA LYS A 330 26.85 37.27 10.14
C LYS A 330 28.06 37.96 10.76
N ARG A 331 28.64 37.38 11.81
CA ARG A 331 29.75 38.05 12.48
C ARG A 331 30.94 38.21 11.53
N GLU A 332 31.24 37.17 10.74
CA GLU A 332 32.37 37.23 9.84
C GLU A 332 32.21 38.33 8.77
N GLU A 333 30.98 38.57 8.30
CA GLU A 333 30.81 39.64 7.34
C GLU A 333 31.04 40.99 7.99
N LEU A 334 30.69 41.14 9.26
CA LEU A 334 30.94 42.41 9.91
C LEU A 334 32.44 42.57 10.16
N LEU A 335 33.13 41.48 10.52
CA LEU A 335 34.59 41.57 10.62
C LEU A 335 35.22 41.77 9.25
N ALA A 336 34.73 41.10 8.22
CA ALA A 336 35.23 41.33 6.88
C ALA A 336 35.05 42.79 6.45
N ARG A 337 33.84 43.35 6.63
CA ARG A 337 33.60 44.71 6.16
C ARG A 337 34.45 45.71 6.93
N TYR A 338 34.61 45.49 8.25
CA TYR A 338 35.36 46.43 9.08
C TYR A 338 36.85 46.47 8.69
N LEU A 339 37.42 45.31 8.39
CA LEU A 339 38.83 45.24 7.99
C LEU A 339 39.09 46.05 6.72
N VAL A 340 38.38 45.75 5.62
CA VAL A 340 38.69 46.45 4.39
C VAL A 340 38.42 47.94 4.52
N GLN A 341 37.29 48.32 5.13
CA GLN A 341 37.04 49.74 5.38
C GLN A 341 38.23 50.37 6.07
N GLN A 342 38.72 49.71 7.09
CA GLN A 342 39.88 50.20 7.81
C GLN A 342 41.13 50.21 6.92
N LEU A 343 41.35 49.14 6.16
CA LEU A 343 42.52 49.08 5.27
C LEU A 343 42.49 50.21 4.25
N CYS A 344 41.30 50.70 3.88
CA CYS A 344 41.20 51.75 2.88
C CYS A 344 41.50 53.13 3.44
N THR A 345 41.52 53.30 4.75
CA THR A 345 42.03 54.56 5.22
C THR A 345 43.53 54.66 5.01
N LEU A 346 44.22 53.53 4.87
CA LEU A 346 45.67 53.49 4.68
C LEU A 346 46.04 53.54 3.19
N ASP A 347 46.67 54.66 2.80
CA ASP A 347 46.97 54.98 1.41
C ASP A 347 48.15 54.19 0.89
N PHE A 348 49.17 54.01 1.73
CA PHE A 348 50.32 53.22 1.36
C PHE A 348 49.95 51.75 1.16
N VAL A 349 48.70 51.36 1.36
CA VAL A 349 48.25 49.97 1.24
C VAL A 349 47.39 49.81 -0.01
N ASP A 350 47.66 48.74 -0.77
CA ASP A 350 46.87 48.34 -1.94
C ASP A 350 46.16 47.01 -1.66
N ILE A 351 44.82 47.04 -1.55
CA ILE A 351 44.03 45.83 -1.42
C ILE A 351 43.91 45.17 -2.78
N VAL A 352 44.22 43.87 -2.84
CA VAL A 352 44.46 43.18 -4.12
C VAL A 352 43.18 42.41 -4.42
N GLY A 353 42.19 43.11 -4.91
CA GLY A 353 40.87 42.54 -5.02
C GLY A 353 39.85 43.64 -4.90
N SER A 354 38.61 43.23 -4.64
CA SER A 354 37.54 44.22 -4.64
C SER A 354 37.69 45.13 -3.42
N LYS A 355 37.64 46.44 -3.68
CA LYS A 355 37.77 47.37 -2.58
C LYS A 355 36.51 47.41 -1.73
N LEU A 356 35.41 46.84 -2.22
CA LEU A 356 34.19 46.69 -1.44
C LEU A 356 34.26 45.39 -0.61
N GLY A 357 33.99 45.49 0.69
CA GLY A 357 34.15 44.37 1.59
C GLY A 357 32.93 43.52 1.81
N GLN A 358 31.78 43.96 1.28
CA GLN A 358 30.65 43.06 1.10
C GLN A 358 31.04 41.88 0.22
N ASN A 359 32.03 42.05 -0.66
CA ASN A 359 32.48 41.02 -1.58
C ASN A 359 33.53 40.09 -1.01
N HIS A 360 34.17 40.45 0.09
CA HIS A 360 35.25 39.66 0.63
C HIS A 360 34.67 38.63 1.60
N VAL A 361 34.68 37.36 1.20
CA VAL A 361 34.40 36.25 2.12
C VAL A 361 35.72 35.84 2.79
N GLY A 362 35.77 35.92 4.12
CA GLY A 362 36.93 35.41 4.84
C GLY A 362 38.30 36.08 4.66
N ALA A 363 38.74 36.36 3.42
CA ALA A 363 40.15 36.66 3.14
C ALA A 363 40.32 37.99 2.40
N VAL A 364 41.35 38.75 2.79
CA VAL A 364 41.70 40.03 2.15
C VAL A 364 43.18 40.01 1.78
N ALA A 365 43.48 40.15 0.52
CA ALA A 365 44.86 40.23 0.08
C ALA A 365 45.26 41.68 -0.09
N PHE A 366 46.54 41.96 0.13
CA PHE A 366 47.01 43.34 0.12
C PHE A 366 48.53 43.38 0.04
N ASN A 367 49.03 44.59 -0.20
CA ASN A 367 50.46 44.90 -0.28
C ASN A 367 50.66 46.27 0.35
N VAL A 368 51.67 46.40 1.18
CA VAL A 368 52.20 47.73 1.46
C VAL A 368 53.03 48.15 0.27
N ARG A 369 52.77 49.34 -0.27
CA ARG A 369 53.48 49.77 -1.47
C ARG A 369 54.97 49.91 -1.21
N GLY A 370 55.75 49.07 -1.88
CA GLY A 370 57.19 49.09 -1.79
C GLY A 370 57.78 48.15 -0.77
N VAL A 371 56.98 47.52 0.09
CA VAL A 371 57.51 46.62 1.11
C VAL A 371 57.21 45.19 0.67
N HIS A 372 58.24 44.34 0.65
CA HIS A 372 57.98 42.94 0.35
C HIS A 372 57.15 42.32 1.47
N PRO A 373 56.12 41.54 1.14
CA PRO A 373 55.23 41.01 2.20
C PRO A 373 55.97 40.28 3.30
N HIS A 374 57.06 39.56 2.99
CA HIS A 374 57.81 38.88 4.03
C HIS A 374 58.30 39.86 5.06
N ASP A 375 58.70 41.04 4.62
CA ASP A 375 59.08 42.09 5.56
C ASP A 375 57.87 42.58 6.36
N VAL A 376 56.71 42.65 5.73
CA VAL A 376 55.52 43.13 6.43
C VAL A 376 55.15 42.18 7.54
N SER A 377 55.10 40.88 7.23
CA SER A 377 54.74 39.86 8.20
C SER A 377 55.73 39.82 9.36
N SER A 378 57.01 40.12 9.10
CA SER A 378 58.00 40.12 10.17
C SER A 378 57.71 41.21 11.19
N ILE A 379 57.62 42.47 10.72
CA ILE A 379 57.29 43.56 11.64
C ILE A 379 55.92 43.32 12.27
N LEU A 380 54.98 42.77 11.52
CA LEU A 380 53.69 42.47 12.12
C LEU A 380 53.82 41.36 13.18
N ASP A 381 54.69 40.36 12.98
CA ASP A 381 54.90 39.37 14.04
C ASP A 381 55.58 40.01 15.27
N MET A 382 56.48 40.98 15.07
CA MET A 382 57.00 41.71 16.21
C MET A 382 55.89 42.46 16.94
N ASN A 383 54.85 42.85 16.22
CA ASN A 383 53.66 43.45 16.81
C ASN A 383 52.59 42.42 17.19
N ASN A 384 52.94 41.14 17.20
CA ASN A 384 52.05 40.05 17.66
C ASN A 384 50.79 39.89 16.78
N VAL A 385 51.00 39.87 15.46
CA VAL A 385 49.91 39.79 14.49
C VAL A 385 50.24 38.68 13.50
N CYS A 386 49.25 37.92 13.10
CA CYS A 386 49.48 36.76 12.25
C CYS A 386 48.81 36.95 10.90
N ILE A 387 49.62 37.11 9.86
CA ILE A 387 49.11 37.26 8.50
C ILE A 387 49.90 36.31 7.62
N ARG A 388 49.28 35.89 6.52
CA ARG A 388 49.99 35.08 5.55
C ARG A 388 50.74 36.02 4.61
N ALA A 389 51.93 35.61 4.18
CA ALA A 389 52.71 36.36 3.22
C ALA A 389 53.25 35.44 2.14
N GLY A 390 53.10 35.85 0.88
CA GLY A 390 53.62 35.08 -0.23
C GLY A 390 52.64 34.92 -1.39
N HIS A 391 52.59 33.74 -1.99
CA HIS A 391 51.70 33.53 -3.12
C HIS A 391 50.59 32.55 -2.82
N HIS A 392 50.57 31.96 -1.62
CA HIS A 392 49.40 31.26 -1.12
C HIS A 392 49.04 30.06 -1.99
N CYS A 393 50.04 29.41 -2.59
CA CYS A 393 49.77 28.33 -3.52
C CYS A 393 48.62 28.67 -4.47
N ALA A 394 48.60 29.93 -4.94
CA ALA A 394 47.74 30.39 -6.02
C ALA A 394 48.54 31.23 -7.02
N GLU A 395 49.70 30.71 -7.44
CA GLU A 395 50.60 31.51 -8.27
C GLU A 395 49.94 31.95 -9.57
N PRO A 396 49.26 31.08 -10.35
CA PRO A 396 48.56 31.58 -11.54
C PRO A 396 47.70 32.80 -11.28
N LEU A 397 46.88 32.80 -10.24
CA LEU A 397 46.12 34.02 -9.94
C LEU A 397 47.06 35.22 -9.79
N LEU A 398 48.17 35.06 -9.07
CA LEU A 398 48.98 36.23 -8.74
C LEU A 398 49.68 36.80 -9.99
N ILE A 399 50.14 35.91 -10.90
CA ILE A 399 50.62 36.33 -12.21
C ILE A 399 49.57 37.15 -12.95
N GLU A 400 48.35 36.63 -12.99
CA GLU A 400 47.23 37.34 -13.59
C GLU A 400 47.14 38.78 -13.06
N LEU A 401 47.18 38.95 -11.75
CA LEU A 401 47.06 40.28 -11.19
C LEU A 401 48.40 41.05 -11.17
N HIS A 402 49.42 40.54 -11.87
CA HIS A 402 50.77 41.13 -11.94
C HIS A 402 51.35 41.38 -10.54
N GLU A 403 51.35 40.34 -9.71
CA GLU A 403 51.97 40.37 -8.38
C GLU A 403 52.85 39.16 -8.18
N SER A 404 53.87 39.32 -7.34
CA SER A 404 54.72 38.21 -6.94
C SER A 404 54.29 37.65 -5.60
N SER A 405 54.13 38.54 -4.63
CA SER A 405 53.73 38.19 -3.28
C SER A 405 52.65 39.16 -2.82
N THR A 406 51.85 38.72 -1.84
CA THR A 406 50.92 39.59 -1.13
C THR A 406 50.86 39.15 0.32
N CYS A 407 50.59 40.13 1.18
CA CYS A 407 50.05 39.82 2.48
C CYS A 407 48.60 39.36 2.33
N ARG A 408 48.11 38.73 3.39
CA ARG A 408 46.71 38.36 3.43
C ARG A 408 46.28 38.40 4.89
N ALA A 409 45.14 39.02 5.18
CA ALA A 409 44.48 38.88 6.47
C ALA A 409 43.15 38.15 6.31
N SER A 410 42.84 37.25 7.25
CA SER A 410 41.59 36.49 7.16
C SER A 410 40.89 36.41 8.51
N VAL A 411 39.56 36.46 8.48
CA VAL A 411 38.78 36.66 9.69
C VAL A 411 37.97 35.41 9.99
N ALA A 412 37.84 35.15 11.27
CA ALA A 412 36.96 34.11 11.73
C ALA A 412 36.08 34.73 12.80
N PHE A 413 35.03 33.97 13.17
CA PHE A 413 34.06 34.43 14.17
C PHE A 413 34.72 34.72 15.52
N TYR A 414 35.85 34.10 15.81
CA TYR A 414 36.52 34.30 17.09
C TYR A 414 37.51 35.47 17.05
N ASN A 415 37.42 36.34 16.04
CA ASN A 415 38.16 37.60 16.01
C ASN A 415 37.26 38.77 16.41
N ASP A 416 37.90 39.85 16.84
CA ASP A 416 37.18 41.05 17.23
C ASP A 416 37.84 42.30 16.62
N LYS A 417 37.15 43.43 16.76
CA LYS A 417 37.65 44.68 16.20
C LYS A 417 39.06 44.98 16.68
N HIS A 418 39.36 44.64 17.94
CA HIS A 418 40.73 44.86 18.41
C HIS A 418 41.72 44.04 17.61
N ASP A 419 41.35 42.85 17.17
CA ASP A 419 42.26 42.10 16.29
C ASP A 419 42.58 42.90 15.04
N ILE A 420 41.55 43.52 14.44
CA ILE A 420 41.76 44.25 13.20
C ILE A 420 42.46 45.59 13.49
N ASP A 421 42.33 46.09 14.71
CA ASP A 421 43.02 47.32 15.05
C ASP A 421 44.52 47.09 15.30
N GLN A 422 44.89 45.91 15.81
CA GLN A 422 46.31 45.58 15.95
C GLN A 422 47.04 45.53 14.61
N LEU A 423 46.45 44.85 13.61
CA LEU A 423 47.03 44.81 12.28
C LEU A 423 47.18 46.23 11.70
N ILE A 424 46.14 47.07 11.86
CA ILE A 424 46.21 48.45 11.39
C ILE A 424 47.33 49.20 12.09
N GLU A 425 47.28 49.27 13.43
CA GLU A 425 48.36 49.95 14.14
C GLU A 425 49.71 49.28 13.91
N GLY A 426 49.76 48.08 13.35
CA GLY A 426 51.06 47.48 13.15
C GLY A 426 51.55 47.81 11.77
N LEU A 427 50.63 47.73 10.80
CA LEU A 427 50.87 48.24 9.46
C LEU A 427 51.39 49.68 9.48
N ASN A 428 50.91 50.52 10.41
CA ASN A 428 51.41 51.88 10.52
C ASN A 428 52.86 51.92 11.01
N GLN A 429 53.17 51.13 12.04
CA GLN A 429 54.57 50.90 12.37
C GLN A 429 55.39 50.56 11.12
N VAL A 430 54.88 49.64 10.28
CA VAL A 430 55.58 49.25 9.06
C VAL A 430 55.90 50.45 8.19
N TRP A 431 54.88 51.28 7.90
CA TRP A 431 55.11 52.41 7.03
C TRP A 431 56.16 53.35 7.62
N LYS A 432 55.94 53.80 8.86
CA LYS A 432 56.89 54.66 9.57
C LYS A 432 58.32 54.18 9.37
N ILE A 433 58.55 52.86 9.30
CA ILE A 433 59.88 52.35 9.04
C ILE A 433 60.23 52.23 7.55
N PHE A 434 59.25 52.21 6.66
CA PHE A 434 59.59 51.92 5.25
C PHE A 434 58.82 52.78 4.22
N MET B 19 -8.84 26.86 9.12
CA MET B 19 -9.34 26.11 10.26
C MET B 19 -9.67 27.10 11.37
N THR B 20 -9.23 28.33 11.21
CA THR B 20 -9.53 29.34 12.21
C THR B 20 -10.68 30.22 11.75
N ASP B 21 -11.35 30.83 12.74
CA ASP B 21 -12.43 31.76 12.44
C ASP B 21 -11.94 32.92 11.58
N THR B 22 -10.65 33.29 11.72
CA THR B 22 -10.05 34.33 10.88
C THR B 22 -9.75 33.83 9.46
N GLU B 23 -9.66 32.51 9.27
CA GLU B 23 -9.50 31.95 7.94
C GLU B 23 -10.85 31.83 7.25
N VAL B 24 -11.88 31.39 7.96
CA VAL B 24 -13.22 31.44 7.39
C VAL B 24 -13.57 32.88 7.01
N ALA B 25 -12.87 33.84 7.62
CA ALA B 25 -13.13 35.24 7.30
C ALA B 25 -12.64 35.60 5.90
N GLN B 26 -11.38 35.30 5.57
CA GLN B 26 -10.88 35.61 4.24
C GLN B 26 -11.71 34.94 3.15
N ILE B 27 -12.18 33.72 3.40
CA ILE B 27 -12.87 33.02 2.33
C ILE B 27 -14.32 33.46 2.31
N THR B 28 -14.82 34.04 3.41
CA THR B 28 -16.14 34.67 3.36
C THR B 28 -16.12 35.93 2.48
N ASP B 29 -15.06 36.72 2.55
CA ASP B 29 -14.93 37.84 1.63
C ASP B 29 -14.45 37.34 0.27
N ASN B 30 -14.84 38.08 -0.77
CA ASN B 30 -14.39 37.83 -2.12
C ASN B 30 -14.00 39.18 -2.69
N PRO B 31 -12.73 39.58 -2.57
CA PRO B 31 -12.31 40.85 -3.16
C PRO B 31 -12.13 40.82 -4.66
N TYR B 32 -12.30 39.67 -5.35
CA TYR B 32 -11.85 39.53 -6.73
C TYR B 32 -12.93 39.22 -7.76
N LYS B 33 -14.11 38.76 -7.34
CA LYS B 33 -15.09 38.23 -8.28
C LYS B 33 -15.60 39.31 -9.25
N ALA B 34 -15.64 40.58 -8.83
CA ALA B 34 -16.15 41.63 -9.72
C ALA B 34 -15.31 41.85 -10.97
N ASP B 35 -14.03 41.48 -10.96
CA ASP B 35 -13.12 41.62 -12.09
C ASP B 35 -13.44 40.68 -13.24
N PHE B 36 -14.45 39.83 -13.10
CA PHE B 36 -14.78 38.85 -14.12
C PHE B 36 -16.19 39.13 -14.61
N PRO B 37 -16.38 39.45 -15.89
CA PRO B 37 -17.73 39.76 -16.39
C PRO B 37 -18.71 38.62 -16.26
N ILE B 38 -18.29 37.38 -16.52
CA ILE B 38 -19.20 36.24 -16.47
C ILE B 38 -19.69 36.00 -15.03
N LEU B 39 -18.81 36.18 -14.05
CA LEU B 39 -19.23 36.03 -12.66
C LEU B 39 -19.96 37.27 -12.18
N ALA B 40 -19.52 38.43 -12.66
CA ALA B 40 -20.20 39.65 -12.29
C ALA B 40 -21.64 39.59 -12.73
N ALA B 41 -21.87 39.08 -13.94
CA ALA B 41 -23.20 38.99 -14.57
C ALA B 41 -24.09 37.92 -13.98
N ASN B 42 -23.54 37.00 -13.19
CA ASN B 42 -24.28 35.82 -12.77
C ASN B 42 -23.95 35.57 -11.32
N PRO B 43 -24.53 36.34 -10.41
CA PRO B 43 -24.33 36.05 -8.99
C PRO B 43 -24.98 34.74 -8.56
N LYS B 44 -26.01 34.28 -9.28
CA LYS B 44 -26.67 33.03 -8.93
C LYS B 44 -25.78 31.80 -9.17
N VAL B 45 -24.60 31.96 -9.77
CA VAL B 45 -23.79 30.84 -10.26
C VAL B 45 -22.62 30.64 -9.31
N ALA B 46 -22.31 29.36 -9.06
CA ALA B 46 -21.09 28.96 -8.36
C ALA B 46 -20.27 28.18 -9.36
N TYR B 47 -19.11 28.72 -9.74
CA TYR B 47 -18.27 28.13 -10.78
C TYR B 47 -17.14 27.38 -10.12
N LEU B 48 -17.17 26.05 -10.23
CA LEU B 48 -16.22 25.19 -9.52
C LEU B 48 -15.54 24.21 -10.48
N ASP B 49 -15.20 24.69 -11.68
CA ASP B 49 -14.54 23.94 -12.73
C ASP B 49 -13.30 24.67 -13.25
N SER B 50 -12.65 25.46 -12.40
CA SER B 50 -11.49 26.24 -12.86
CA SER B 50 -11.51 26.24 -12.87
C SER B 50 -10.36 25.37 -13.35
N ALA B 51 -10.32 24.10 -12.92
CA ALA B 51 -9.29 23.21 -13.44
C ALA B 51 -9.51 22.94 -14.90
N ALA B 52 -10.73 23.14 -15.37
CA ALA B 52 -10.98 22.97 -16.79
C ALA B 52 -10.45 24.16 -17.56
N THR B 53 -10.97 25.36 -17.27
CA THR B 53 -10.48 26.58 -17.86
C THR B 53 -10.91 27.69 -16.93
N SER B 54 -10.10 28.76 -16.85
CA SER B 54 -10.42 29.84 -15.95
C SER B 54 -11.47 30.75 -16.55
N GLN B 55 -12.02 31.63 -15.72
CA GLN B 55 -12.85 32.71 -16.19
C GLN B 55 -11.97 33.91 -16.56
N ARG B 56 -12.50 34.78 -17.43
CA ARG B 56 -11.59 35.81 -17.90
C ARG B 56 -11.82 37.12 -17.18
N PRO B 57 -10.71 37.77 -16.79
CA PRO B 57 -10.80 39.16 -16.29
C PRO B 57 -11.16 40.14 -17.41
N ARG B 58 -11.90 41.19 -17.04
CA ARG B 58 -12.26 42.24 -18.01
C ARG B 58 -11.01 42.79 -18.69
N VAL B 59 -9.92 42.90 -17.93
CA VAL B 59 -8.69 43.43 -18.51
C VAL B 59 -8.24 42.60 -19.70
N VAL B 60 -8.28 41.26 -19.56
CA VAL B 60 -7.79 40.32 -20.59
C VAL B 60 -8.68 40.35 -21.82
N ILE B 61 -10.00 40.33 -21.61
CA ILE B 61 -10.93 40.44 -22.73
C ILE B 61 -10.72 41.76 -23.47
N GLU B 62 -10.64 42.88 -22.73
CA GLU B 62 -10.46 44.15 -23.43
C GLU B 62 -9.09 44.25 -24.06
N ALA B 63 -8.07 43.62 -23.48
CA ALA B 63 -6.76 43.75 -24.11
C ALA B 63 -6.70 42.99 -25.43
N GLN B 64 -7.42 41.88 -25.57
CA GLN B 64 -7.35 41.19 -26.86
C GLN B 64 -8.00 42.04 -27.93
N SER B 65 -9.08 42.74 -27.55
CA SER B 65 -9.84 43.56 -28.49
CA SER B 65 -9.82 43.52 -28.52
C SER B 65 -9.04 44.76 -28.94
N ARG B 66 -8.44 45.46 -27.97
CA ARG B 66 -7.61 46.62 -28.31
C ARG B 66 -6.55 46.22 -29.32
N PHE B 67 -5.91 45.08 -29.16
CA PHE B 67 -4.91 44.69 -30.14
C PHE B 67 -5.49 44.72 -31.55
N TYR B 68 -6.64 44.07 -31.74
CA TYR B 68 -7.27 44.00 -33.05
C TYR B 68 -7.74 45.35 -33.53
N GLU B 69 -8.02 46.26 -32.57
CA GLU B 69 -8.46 47.62 -32.87
C GLU B 69 -7.31 48.56 -33.20
N THR B 70 -6.13 48.35 -32.65
CA THR B 70 -5.11 49.38 -32.80
C THR B 70 -3.85 48.95 -33.53
N MET B 71 -3.34 47.74 -33.32
CA MET B 71 -2.05 47.31 -33.88
C MET B 71 -2.20 45.88 -34.39
N ASN B 72 -2.80 45.70 -35.57
CA ASN B 72 -3.17 44.39 -36.12
C ASN B 72 -2.21 43.98 -37.24
N ALA B 73 -1.37 42.98 -36.97
CA ALA B 73 -0.47 42.42 -37.98
C ALA B 73 0.35 41.26 -37.45
N VAL B 84 5.15 46.34 -37.16
CA VAL B 84 5.87 47.49 -36.63
C VAL B 84 5.78 47.48 -35.09
N ASP B 85 4.92 48.34 -34.54
CA ASP B 85 4.75 48.50 -33.08
C ASP B 85 4.26 47.22 -32.40
N ALA B 86 3.72 46.28 -33.17
CA ALA B 86 3.30 45.01 -32.59
C ALA B 86 4.50 44.22 -32.09
N THR B 87 5.60 44.19 -32.85
CA THR B 87 6.73 43.35 -32.48
C THR B 87 7.25 43.69 -31.09
N ALA B 88 7.24 44.97 -30.71
CA ALA B 88 7.71 45.31 -29.37
C ALA B 88 6.83 44.69 -28.29
N ALA B 89 5.56 44.45 -28.59
CA ALA B 89 4.67 43.97 -27.55
C ALA B 89 4.68 42.45 -27.41
N ILE B 90 4.84 41.69 -28.50
CA ILE B 90 4.98 40.25 -28.35
C ILE B 90 6.19 39.92 -27.47
N GLU B 91 7.26 40.72 -27.59
CA GLU B 91 8.41 40.48 -26.73
C GLU B 91 8.10 40.84 -25.29
N ASP B 92 7.42 41.98 -25.06
CA ASP B 92 6.98 42.31 -23.71
C ASP B 92 6.11 41.20 -23.15
N ALA B 93 5.36 40.51 -24.03
CA ALA B 93 4.53 39.40 -23.61
C ALA B 93 5.38 38.18 -23.25
N ARG B 94 6.23 37.73 -24.19
CA ARG B 94 7.22 36.71 -23.90
C ARG B 94 7.91 37.02 -22.57
N ALA B 95 8.38 38.27 -22.42
CA ALA B 95 9.13 38.64 -21.24
C ALA B 95 8.30 38.48 -19.97
N SER B 96 7.05 38.92 -20.00
CA SER B 96 6.20 38.81 -18.82
C SER B 96 6.04 37.35 -18.37
N ILE B 97 5.81 36.46 -19.34
CA ILE B 97 5.66 35.05 -19.04
C ILE B 97 6.96 34.49 -18.48
N ALA B 98 8.07 34.82 -19.11
CA ALA B 98 9.36 34.30 -18.62
C ALA B 98 9.61 34.74 -17.18
N LYS B 99 9.45 36.03 -16.90
CA LYS B 99 9.66 36.49 -15.52
C LYS B 99 8.68 35.80 -14.55
N PHE B 100 7.47 35.48 -15.01
CA PHE B 100 6.48 34.85 -14.15
C PHE B 100 6.88 33.44 -13.69
N ILE B 101 7.59 32.67 -14.52
CA ILE B 101 7.95 31.28 -14.19
C ILE B 101 9.40 31.16 -13.71
N GLY B 102 10.01 32.27 -13.30
CA GLY B 102 11.40 32.32 -12.90
C GLY B 102 12.39 32.31 -14.03
N ALA B 103 11.97 32.30 -15.29
CA ALA B 103 12.89 32.11 -16.40
C ALA B 103 13.69 33.38 -16.65
N VAL B 104 14.67 33.62 -15.79
CA VAL B 104 15.44 34.86 -15.81
C VAL B 104 16.95 34.56 -15.73
N ASP B 105 17.74 35.48 -16.26
CA ASP B 105 19.20 35.33 -16.39
C ASP B 105 19.94 35.72 -15.12
N ALA B 108 20.28 40.91 -14.75
CA ALA B 108 19.09 40.12 -14.35
C ALA B 108 17.98 40.16 -15.44
N LYS B 109 18.22 39.42 -16.62
CA LYS B 109 17.24 39.66 -17.65
C LYS B 109 16.23 38.49 -17.78
N PRO B 110 14.99 38.76 -18.21
CA PRO B 110 14.05 37.66 -18.46
C PRO B 110 14.37 36.91 -19.75
N GLU B 111 14.30 35.57 -19.68
CA GLU B 111 14.74 34.71 -20.77
C GLU B 111 13.65 34.53 -21.84
N SER B 112 13.24 35.66 -22.41
CA SER B 112 12.10 35.70 -23.31
C SER B 112 12.37 35.01 -24.65
N GLN B 113 13.61 34.88 -25.05
CA GLN B 113 13.81 34.18 -26.30
C GLN B 113 13.83 32.68 -26.09
N GLN B 114 13.51 32.22 -24.88
CA GLN B 114 13.42 30.80 -24.57
C GLN B 114 12.00 30.31 -24.30
N ILE B 115 10.99 31.08 -24.68
CA ILE B 115 9.62 30.62 -24.48
C ILE B 115 8.88 30.70 -25.80
N ILE B 116 8.11 29.65 -26.09
CA ILE B 116 7.55 29.38 -27.41
C ILE B 116 6.04 29.28 -27.26
N PHE B 117 5.30 29.72 -28.28
CA PHE B 117 3.85 29.64 -28.21
C PHE B 117 3.27 28.45 -28.99
N THR B 118 2.17 27.90 -28.46
CA THR B 118 1.46 26.77 -29.06
C THR B 118 -0.04 27.01 -28.90
N ARG B 119 -0.86 26.07 -29.40
CA ARG B 119 -2.30 26.17 -29.22
C ARG B 119 -2.67 26.07 -27.77
N ASN B 120 -1.97 25.21 -27.03
CA ASN B 120 -2.29 24.72 -25.69
C ASN B 120 -1.24 23.73 -25.22
N THR B 121 -1.38 23.19 -23.99
CA THR B 121 -0.37 22.30 -23.41
C THR B 121 -0.24 21.02 -24.21
N SER B 122 -1.35 20.55 -24.79
CA SER B 122 -1.34 19.32 -25.55
C SER B 122 -0.40 19.41 -26.72
N GLU B 123 -0.40 20.54 -27.42
CA GLU B 123 0.54 20.71 -28.53
C GLU B 123 1.98 20.81 -28.03
N ALA B 124 2.21 21.58 -26.98
CA ALA B 124 3.57 21.67 -26.47
C ALA B 124 4.10 20.30 -26.14
N LEU B 125 3.26 19.41 -25.58
CA LEU B 125 3.71 18.06 -25.30
C LEU B 125 3.91 17.26 -26.56
N ASN B 126 3.00 17.37 -27.52
CA ASN B 126 3.19 16.72 -28.82
C ASN B 126 4.51 17.13 -29.47
N LEU B 127 4.88 18.41 -29.36
CA LEU B 127 6.15 18.95 -29.87
C LEU B 127 7.35 18.32 -29.18
N VAL B 128 7.35 18.30 -27.84
CA VAL B 128 8.42 17.67 -27.07
C VAL B 128 8.53 16.20 -27.43
N ALA B 129 7.40 15.51 -27.45
CA ALA B 129 7.45 14.09 -27.78
C ALA B 129 8.05 13.87 -29.17
N SER B 130 7.72 14.74 -30.13
CA SER B 130 8.30 14.58 -31.46
C SER B 130 9.74 15.06 -31.52
N SER B 131 9.99 16.31 -31.15
CA SER B 131 11.33 16.82 -31.40
C SER B 131 12.35 16.24 -30.42
N LEU B 132 12.02 16.24 -29.12
CA LEU B 132 12.93 15.61 -28.17
C LEU B 132 12.98 14.11 -28.39
N GLY B 133 11.86 13.51 -28.82
CA GLY B 133 11.88 12.07 -29.10
C GLY B 133 12.85 11.69 -30.21
N ARG B 134 12.88 12.47 -31.30
CA ARG B 134 13.79 12.16 -32.40
C ARG B 134 15.24 12.43 -31.99
N TYR B 135 15.47 13.51 -31.27
CA TYR B 135 16.82 13.91 -30.89
C TYR B 135 17.49 12.96 -29.89
N ALA B 136 16.72 12.30 -29.04
CA ALA B 136 17.31 11.69 -27.85
C ALA B 136 17.12 10.17 -27.71
N LEU B 137 15.99 9.62 -28.15
CA LEU B 137 15.68 8.21 -27.92
C LEU B 137 16.38 7.34 -28.96
N LYS B 138 17.25 6.52 -28.53
CA LYS B 138 17.95 5.41 -29.19
C LYS B 138 17.30 4.10 -28.76
N PRO B 139 17.35 3.04 -29.56
CA PRO B 139 16.46 1.89 -29.30
C PRO B 139 16.88 1.17 -28.04
N GLY B 140 15.92 0.88 -27.18
CA GLY B 140 16.19 0.35 -25.84
C GLY B 140 16.25 1.38 -24.72
N ASP B 141 16.20 2.66 -25.03
CA ASP B 141 16.02 3.68 -24.00
C ASP B 141 14.58 3.63 -23.46
N ASP B 142 14.40 4.24 -22.29
CA ASP B 142 13.12 4.21 -21.61
C ASP B 142 12.60 5.63 -21.44
N VAL B 143 11.33 5.84 -21.77
CA VAL B 143 10.64 7.10 -21.49
C VAL B 143 9.71 6.82 -20.32
N VAL B 144 9.90 7.52 -19.20
CA VAL B 144 9.15 7.25 -17.97
C VAL B 144 8.14 8.37 -17.75
N ILE B 145 6.86 8.00 -17.71
CA ILE B 145 5.81 8.93 -17.31
C ILE B 145 5.26 8.44 -15.98
N SER B 146 4.20 9.08 -15.47
CA SER B 146 3.61 8.68 -14.20
C SER B 146 2.19 8.20 -14.43
N ILE B 147 1.65 7.43 -13.49
CA ILE B 147 0.28 6.98 -13.66
C ILE B 147 -0.75 8.11 -13.54
N MET B 148 -0.34 9.28 -13.07
CA MET B 148 -1.26 10.38 -12.87
C MET B 148 -1.40 11.25 -14.10
N GLU B 149 -0.79 10.87 -15.22
CA GLU B 149 -0.77 11.74 -16.37
C GLU B 149 -2.14 11.93 -17.00
N HIS B 150 -2.36 13.15 -17.48
CA HIS B 150 -3.40 13.47 -18.42
C HIS B 150 -3.01 12.92 -19.79
N HIS B 151 -4.01 12.57 -20.59
CA HIS B 151 -3.75 11.83 -21.82
C HIS B 151 -2.76 12.56 -22.73
N SER B 152 -2.79 13.91 -22.74
CA SER B 152 -1.89 14.65 -23.62
C SER B 152 -0.42 14.41 -23.26
N ASN B 153 -0.13 13.96 -22.05
CA ASN B 153 1.21 13.56 -21.63
C ASN B 153 1.40 12.04 -21.60
N ILE B 154 0.69 11.29 -22.45
CA ILE B 154 0.77 9.85 -22.45
C ILE B 154 0.91 9.38 -23.87
N ILE B 155 -0.09 9.70 -24.66
CA ILE B 155 -0.27 9.16 -26.00
C ILE B 155 0.83 9.61 -26.96
N PRO B 156 1.27 10.87 -26.97
CA PRO B 156 2.42 11.19 -27.83
C PRO B 156 3.63 10.36 -27.50
N TRP B 157 3.80 10.00 -26.22
CA TRP B 157 4.93 9.20 -25.79
C TRP B 157 4.80 7.75 -26.24
N GLN B 158 3.58 7.22 -26.21
CA GLN B 158 3.33 5.90 -26.78
C GLN B 158 3.71 5.86 -28.25
N GLN B 159 3.26 6.88 -29.00
CA GLN B 159 3.61 6.95 -30.42
C GLN B 159 5.13 6.99 -30.60
N ILE B 160 5.80 7.97 -29.98
CA ILE B 160 7.23 8.13 -30.21
C ILE B 160 8.00 6.88 -29.79
N CYS B 161 7.54 6.20 -28.74
CA CYS B 161 8.19 4.95 -28.33
C CYS B 161 8.08 3.89 -29.42
N LYS B 162 6.87 3.68 -29.95
CA LYS B 162 6.69 2.71 -31.01
C LYS B 162 7.52 3.10 -32.24
N ALA B 163 7.55 4.38 -32.56
CA ALA B 163 8.37 4.79 -33.69
C ALA B 163 9.84 4.53 -33.45
N THR B 164 10.29 4.54 -32.20
CA THR B 164 11.72 4.67 -31.91
C THR B 164 12.34 3.45 -31.23
N GLY B 165 11.55 2.42 -30.97
CA GLY B 165 12.09 1.26 -30.27
C GLY B 165 12.39 1.49 -28.79
N ALA B 166 11.58 2.29 -28.11
CA ALA B 166 11.79 2.63 -26.71
C ALA B 166 10.67 2.08 -25.82
N ASN B 167 11.00 1.78 -24.57
CA ASN B 167 10.01 1.28 -23.62
C ASN B 167 9.36 2.41 -22.83
N LEU B 168 8.08 2.22 -22.46
CA LEU B 168 7.32 3.21 -21.72
C LEU B 168 7.03 2.72 -20.29
N VAL B 169 7.62 3.41 -19.30
CA VAL B 169 7.54 3.04 -17.88
C VAL B 169 6.69 4.06 -17.16
N TYR B 170 5.86 3.59 -16.21
CA TYR B 170 5.00 4.44 -15.39
C TYR B 170 5.48 4.47 -13.95
N LEU B 171 5.44 5.66 -13.33
CA LEU B 171 5.66 5.85 -11.91
C LEU B 171 4.31 5.75 -11.22
N ARG B 172 4.21 4.89 -10.21
CA ARG B 172 2.95 4.58 -9.56
C ARG B 172 2.87 5.20 -8.18
N MET B 173 1.66 5.18 -7.60
CA MET B 173 1.36 5.84 -6.33
C MET B 173 1.31 4.85 -5.18
N ASN B 174 1.24 5.41 -3.97
CA ASN B 174 1.22 4.63 -2.74
C ASN B 174 -0.11 4.81 -2.01
N SER B 175 -0.15 4.29 -0.78
CA SER B 175 -1.28 4.48 0.11
C SER B 175 -1.75 5.93 0.11
N GLN B 176 -0.82 6.86 0.37
CA GLN B 176 -1.20 8.26 0.53
C GLN B 176 -1.18 9.04 -0.78
N TYR B 177 -1.17 8.35 -1.94
CA TYR B 177 -1.25 8.94 -3.28
C TYR B 177 0.01 9.73 -3.66
N GLN B 178 1.18 9.34 -3.16
CA GLN B 178 2.39 10.10 -3.43
C GLN B 178 3.29 9.31 -4.36
N ILE B 179 4.22 10.00 -5.02
CA ILE B 179 5.26 9.32 -5.79
C ILE B 179 6.50 9.29 -4.87
N THR B 180 6.71 8.17 -4.23
CA THR B 180 7.70 8.13 -3.17
C THR B 180 9.10 8.07 -3.73
N PRO B 181 10.10 8.52 -2.94
CA PRO B 181 11.50 8.41 -3.38
C PRO B 181 11.91 7.00 -3.71
N GLU B 182 11.28 5.99 -3.09
CA GLU B 182 11.62 4.63 -3.49
C GLU B 182 11.15 4.34 -4.92
N GLU B 183 9.99 4.85 -5.33
CA GLU B 183 9.49 4.55 -6.67
C GLU B 183 10.29 5.27 -7.74
N ILE B 184 10.59 6.56 -7.51
CA ILE B 184 11.40 7.36 -8.43
C ILE B 184 12.71 6.66 -8.74
N ALA B 185 13.47 6.33 -7.68
CA ALA B 185 14.76 5.64 -7.84
C ALA B 185 14.61 4.27 -8.50
N SER B 186 13.49 3.60 -8.33
CA SER B 186 13.35 2.24 -8.82
CA SER B 186 13.33 2.24 -8.81
C SER B 186 12.88 2.16 -10.26
N LYS B 187 12.18 3.20 -10.76
CA LYS B 187 11.64 3.20 -12.10
C LYS B 187 12.39 4.14 -13.05
N ILE B 188 13.17 5.07 -12.52
CA ILE B 188 14.02 5.95 -13.36
C ILE B 188 15.46 5.42 -13.25
N THR B 189 15.83 4.58 -14.21
CA THR B 189 17.14 3.91 -14.17
C THR B 189 18.04 4.44 -15.27
N GLU B 190 19.23 3.84 -15.36
CA GLU B 190 20.23 4.18 -16.36
C GLU B 190 19.70 4.05 -17.78
N ARG B 191 18.66 3.20 -17.98
CA ARG B 191 17.96 3.10 -19.26
C ARG B 191 17.15 4.35 -19.59
N ALA B 192 16.74 5.12 -18.58
CA ALA B 192 15.98 6.32 -18.84
C ALA B 192 16.76 7.29 -19.73
N LYS B 193 16.00 7.92 -20.70
CA LYS B 193 16.39 9.00 -21.61
C LYS B 193 15.44 10.20 -21.54
N ILE B 194 14.14 9.98 -21.39
CA ILE B 194 13.18 11.06 -21.15
C ILE B 194 12.28 10.69 -19.97
N VAL B 195 12.10 11.62 -19.04
CA VAL B 195 11.14 11.49 -17.93
C VAL B 195 10.19 12.67 -18.02
N SER B 196 8.88 12.39 -18.11
CA SER B 196 7.87 13.44 -18.29
C SER B 196 6.74 13.26 -17.27
N VAL B 197 6.73 14.12 -16.24
CA VAL B 197 5.84 13.99 -15.10
C VAL B 197 5.06 15.28 -14.93
N THR B 198 3.75 15.16 -14.72
CA THR B 198 2.89 16.29 -14.38
C THR B 198 3.34 16.93 -13.06
N HIS B 199 3.20 18.24 -12.99
CA HIS B 199 3.51 18.94 -11.75
C HIS B 199 2.36 18.81 -10.75
N VAL B 200 1.13 19.00 -11.22
CA VAL B 200 -0.07 18.87 -10.42
C VAL B 200 -1.09 18.04 -11.18
N SER B 201 -1.62 17.02 -10.53
CA SER B 201 -2.66 16.21 -11.15
C SER B 201 -3.98 16.97 -11.19
N ASN B 202 -4.61 16.95 -12.38
CA ASN B 202 -5.93 17.55 -12.60
C ASN B 202 -7.06 16.69 -12.03
N VAL B 203 -6.75 15.53 -11.46
CA VAL B 203 -7.74 14.71 -10.78
C VAL B 203 -7.49 14.69 -9.28
N LEU B 204 -6.28 14.41 -8.86
CA LEU B 204 -6.09 14.25 -7.44
C LEU B 204 -5.92 15.58 -6.75
N GLY B 205 -5.32 16.55 -7.42
CA GLY B 205 -4.88 17.76 -6.77
C GLY B 205 -3.48 17.66 -6.18
N THR B 206 -2.76 16.59 -6.46
CA THR B 206 -1.46 16.33 -5.86
C THR B 206 -0.38 17.15 -6.53
N ARG B 207 0.54 17.71 -5.72
CA ARG B 207 1.78 18.34 -6.18
C ARG B 207 2.93 17.33 -6.11
N ASN B 208 3.56 17.08 -7.24
CA ASN B 208 4.67 16.14 -7.29
C ASN B 208 5.98 16.82 -6.96
N ASP B 209 6.88 16.07 -6.33
CA ASP B 209 8.17 16.66 -6.04
C ASP B 209 9.02 16.59 -7.32
N ILE B 210 8.76 17.57 -8.20
CA ILE B 210 9.39 17.67 -9.51
C ILE B 210 10.91 17.81 -9.39
N LYS B 211 11.39 18.62 -8.42
CA LYS B 211 12.82 18.82 -8.27
C LYS B 211 13.53 17.52 -7.96
N ALA B 212 12.95 16.68 -7.10
CA ALA B 212 13.55 15.37 -6.86
C ALA B 212 13.60 14.55 -8.14
N ILE B 213 12.45 14.41 -8.82
CA ILE B 213 12.40 13.63 -10.06
C ILE B 213 13.36 14.20 -11.09
N ALA B 214 13.49 15.53 -11.14
CA ALA B 214 14.48 16.15 -12.00
C ALA B 214 15.89 15.69 -11.60
N LYS B 215 16.19 15.70 -10.30
CA LYS B 215 17.52 15.30 -9.85
C LYS B 215 17.77 13.81 -10.09
N ARG B 216 16.76 12.96 -9.93
CA ARG B 216 17.02 11.56 -10.27
C ARG B 216 17.23 11.40 -11.77
N THR B 217 16.40 12.10 -12.58
CA THR B 217 16.43 11.97 -14.03
C THR B 217 17.78 12.38 -14.60
N HIS B 218 18.29 13.53 -14.16
CA HIS B 218 19.59 13.97 -14.67
C HIS B 218 20.70 13.02 -14.27
N ALA B 219 20.61 12.42 -13.08
CA ALA B 219 21.59 11.44 -12.63
C ALA B 219 21.65 10.25 -13.57
N MET B 220 20.54 9.89 -14.20
CA MET B 220 20.45 8.74 -15.08
C MET B 220 20.62 9.10 -16.54
N GLY B 221 21.12 10.32 -16.81
CA GLY B 221 21.37 10.85 -18.13
C GLY B 221 20.11 11.05 -18.93
N ALA B 222 19.14 11.74 -18.37
CA ALA B 222 17.82 11.80 -18.97
C ALA B 222 17.28 13.24 -18.87
N TYR B 223 16.31 13.57 -19.72
CA TYR B 223 15.73 14.90 -19.82
C TYR B 223 14.42 15.02 -19.04
N MET B 224 14.36 16.00 -18.14
CA MET B 224 13.15 16.27 -17.38
C MET B 224 12.18 17.12 -18.18
N VAL B 225 10.99 16.60 -18.41
CA VAL B 225 9.90 17.33 -19.07
C VAL B 225 8.79 17.51 -18.06
N VAL B 226 8.26 18.71 -17.96
CA VAL B 226 7.30 19.06 -16.92
C VAL B 226 6.02 19.55 -17.59
N ASP B 227 4.93 18.79 -17.42
CA ASP B 227 3.60 19.22 -17.78
C ASP B 227 3.04 19.98 -16.58
N ALA B 228 2.89 21.28 -16.73
CA ALA B 228 2.52 22.08 -15.57
C ALA B 228 1.26 22.87 -15.82
N ALA B 229 0.34 22.31 -16.64
CA ALA B 229 -0.90 23.03 -16.94
C ALA B 229 -1.78 23.27 -15.72
N GLN B 230 -1.64 22.45 -14.69
CA GLN B 230 -2.42 22.59 -13.47
C GLN B 230 -1.63 23.21 -12.32
N SER B 231 -0.31 23.35 -12.46
CA SER B 231 0.48 24.01 -11.40
C SER B 231 0.67 25.49 -11.65
N ALA B 232 0.96 25.88 -12.88
CA ALA B 232 1.18 27.29 -13.22
C ALA B 232 0.08 28.22 -12.74
N PRO B 233 -1.21 27.86 -12.84
CA PRO B 233 -2.26 28.78 -12.36
C PRO B 233 -2.39 28.87 -10.83
N HIS B 234 -1.68 28.06 -10.05
CA HIS B 234 -1.99 27.99 -8.63
C HIS B 234 -0.78 28.11 -7.71
N ILE B 235 0.25 27.31 -7.96
CA ILE B 235 1.45 27.33 -7.15
C ILE B 235 2.53 28.14 -7.87
N LEU B 236 3.61 28.45 -7.15
CA LEU B 236 4.71 29.21 -7.75
C LEU B 236 5.62 28.27 -8.53
N VAL B 237 5.82 28.59 -9.81
CA VAL B 237 6.68 27.80 -10.67
C VAL B 237 7.92 28.63 -10.95
N ASN B 238 9.08 28.06 -10.63
CA ASN B 238 10.38 28.66 -10.89
C ASN B 238 11.18 27.58 -11.61
N VAL B 239 11.30 27.71 -12.93
CA VAL B 239 11.93 26.67 -13.72
C VAL B 239 13.36 26.42 -13.27
N HIS B 240 14.02 27.42 -12.68
CA HIS B 240 15.40 27.23 -12.22
C HIS B 240 15.46 26.57 -10.85
N ASP B 241 14.45 26.76 -10.00
CA ASP B 241 14.34 25.94 -8.81
C ASP B 241 14.04 24.50 -9.18
N LEU B 242 13.03 24.30 -10.02
CA LEU B 242 12.67 22.95 -10.42
C LEU B 242 13.79 22.25 -11.17
N ASP B 243 14.73 23.02 -11.73
CA ASP B 243 15.88 22.45 -12.43
C ASP B 243 15.42 21.47 -13.50
N CYS B 244 14.32 21.80 -14.15
CA CYS B 244 13.82 21.00 -15.27
C CYS B 244 14.28 21.56 -16.62
N ASP B 245 14.22 20.70 -17.64
CA ASP B 245 14.64 21.05 -18.98
C ASP B 245 13.52 21.62 -19.84
N LEU B 246 12.35 21.04 -19.80
CA LEU B 246 11.21 21.57 -20.54
C LEU B 246 10.04 21.69 -19.57
N LEU B 247 9.22 22.70 -19.82
CA LEU B 247 8.01 22.96 -19.04
C LEU B 247 6.94 23.56 -19.97
N ALA B 248 5.71 23.10 -19.83
CA ALA B 248 4.64 23.57 -20.68
C ALA B 248 3.39 23.85 -19.87
N PHE B 249 2.50 24.69 -20.40
CA PHE B 249 1.17 24.87 -19.82
C PHE B 249 0.28 25.65 -20.80
N SER B 250 -0.92 26.00 -20.37
CA SER B 250 -1.86 26.74 -21.20
C SER B 250 -2.25 28.05 -20.52
N ALA B 251 -2.41 29.09 -21.31
CA ALA B 251 -2.74 30.38 -20.72
C ALA B 251 -4.16 30.39 -20.18
N HIS B 252 -5.05 29.55 -20.73
CA HIS B 252 -6.47 29.64 -20.45
C HIS B 252 -6.86 29.05 -19.10
N ARG B 253 -5.93 28.40 -18.40
CA ARG B 253 -6.17 27.99 -17.03
C ARG B 253 -5.66 29.02 -16.03
N MET B 254 -4.96 30.03 -16.50
CA MET B 254 -4.48 31.08 -15.62
C MET B 254 -4.91 32.46 -16.17
N CYS B 255 -6.20 32.55 -16.48
CA CYS B 255 -6.88 33.79 -16.79
C CYS B 255 -6.51 34.39 -18.13
N GLY B 256 -5.73 33.68 -18.95
CA GLY B 256 -5.43 34.14 -20.29
C GLY B 256 -6.43 33.67 -21.33
N PRO B 257 -6.24 34.10 -22.57
CA PRO B 257 -7.20 33.73 -23.63
C PRO B 257 -7.03 32.27 -24.02
N MET B 258 -8.04 31.75 -24.72
CA MET B 258 -7.84 30.48 -25.39
C MET B 258 -6.91 30.65 -26.60
N GLY B 259 -6.49 29.52 -27.13
CA GLY B 259 -5.62 29.46 -28.27
C GLY B 259 -4.16 29.66 -27.98
N ILE B 260 -3.75 29.66 -26.71
CA ILE B 260 -2.38 29.96 -26.32
C ILE B 260 -1.88 28.94 -25.29
N GLY B 261 -0.89 28.14 -25.68
CA GLY B 261 -0.07 27.37 -24.76
C GLY B 261 1.38 27.85 -24.81
N VAL B 262 2.11 27.67 -23.72
CA VAL B 262 3.50 28.11 -23.62
C VAL B 262 4.40 26.91 -23.28
N LEU B 263 5.56 26.85 -23.92
CA LEU B 263 6.58 25.86 -23.61
C LEU B 263 7.87 26.59 -23.38
N TRP B 264 8.46 26.37 -22.23
CA TRP B 264 9.78 26.90 -21.95
C TRP B 264 10.79 25.77 -22.11
N GLY B 265 12.02 26.14 -22.44
CA GLY B 265 13.08 25.16 -22.61
C GLY B 265 14.43 25.74 -22.27
N ARG B 266 15.32 24.86 -21.78
CA ARG B 266 16.71 25.24 -21.62
C ARG B 266 17.30 25.59 -22.98
N ALA B 267 18.00 26.71 -23.05
CA ALA B 267 18.43 27.31 -24.31
C ALA B 267 19.18 26.32 -25.19
N GLU B 268 20.16 25.62 -24.61
CA GLU B 268 20.98 24.72 -25.40
C GLU B 268 20.16 23.59 -25.99
N LEU B 269 19.21 23.05 -25.22
CA LEU B 269 18.32 22.01 -25.76
C LEU B 269 17.39 22.58 -26.84
N LEU B 270 16.77 23.73 -26.58
CA LEU B 270 15.94 24.35 -27.59
C LEU B 270 16.70 24.51 -28.91
N ASN B 271 17.96 24.96 -28.86
CA ASN B 271 18.75 25.04 -30.09
C ASN B 271 19.05 23.64 -30.66
N ALA B 272 19.32 22.66 -29.79
CA ALA B 272 19.72 21.33 -30.23
C ALA B 272 18.56 20.56 -30.85
N MET B 273 17.34 20.84 -30.42
CA MET B 273 16.22 20.05 -30.84
C MET B 273 15.91 20.32 -32.31
N PRO B 274 15.48 19.29 -33.05
CA PRO B 274 15.03 19.54 -34.43
C PRO B 274 13.77 20.39 -34.41
N PRO B 275 13.35 20.92 -35.56
CA PRO B 275 12.04 21.56 -35.63
C PRO B 275 10.93 20.53 -35.71
N PHE B 276 9.74 20.96 -35.28
CA PHE B 276 8.59 20.06 -35.29
C PHE B 276 7.71 20.46 -36.47
N LEU B 277 6.83 21.43 -36.28
CA LEU B 277 6.09 22.03 -37.38
C LEU B 277 7.04 22.82 -38.29
N THR B 278 6.97 22.56 -39.60
CA THR B 278 7.83 23.21 -40.57
C THR B 278 7.01 24.02 -41.55
N GLY B 279 7.60 25.09 -42.06
CA GLY B 279 6.90 25.83 -43.05
C GLY B 279 7.47 27.21 -43.24
N GLY B 280 6.58 28.20 -43.46
CA GLY B 280 7.01 29.57 -43.60
C GLY B 280 7.02 30.24 -42.25
N GLU B 281 7.98 31.15 -42.08
CA GLU B 281 8.22 31.92 -40.86
C GLU B 281 8.76 31.09 -39.71
N MET B 282 9.22 29.86 -39.92
CA MET B 282 9.70 29.09 -38.77
C MET B 282 11.21 29.36 -38.75
N ALA B 294 16.50 28.32 -38.59
CA ALA B 294 16.25 29.61 -37.94
C ALA B 294 16.69 29.63 -36.44
N PRO B 295 16.57 30.79 -35.78
CA PRO B 295 16.85 30.82 -34.34
C PRO B 295 15.63 30.41 -33.53
N VAL B 296 15.92 29.88 -32.35
CA VAL B 296 14.95 29.85 -31.26
C VAL B 296 14.56 31.28 -30.93
N PRO B 297 13.30 31.59 -30.59
CA PRO B 297 12.13 30.71 -30.55
C PRO B 297 11.48 30.49 -31.91
N GLU B 298 11.76 31.37 -32.86
CA GLU B 298 11.01 31.33 -34.12
C GLU B 298 11.11 29.97 -34.81
N LYS B 299 12.12 29.16 -34.49
CA LYS B 299 12.25 27.85 -35.09
C LYS B 299 11.09 26.92 -34.76
N PHE B 300 10.24 27.27 -33.80
CA PHE B 300 9.16 26.40 -33.35
C PHE B 300 7.78 27.06 -33.52
N GLU B 301 7.70 28.12 -34.32
CA GLU B 301 6.44 28.85 -34.48
C GLU B 301 6.25 29.05 -35.98
N ALA B 302 5.56 28.09 -36.59
CA ALA B 302 5.34 28.05 -38.03
C ALA B 302 4.05 28.77 -38.35
N GLY B 303 4.14 29.77 -39.22
CA GLY B 303 2.95 30.46 -39.66
C GLY B 303 2.61 31.66 -38.82
N THR B 304 1.51 32.30 -39.18
CA THR B 304 1.01 33.45 -38.44
C THR B 304 0.48 33.00 -37.08
N GLN B 305 0.88 33.71 -36.04
CA GLN B 305 0.52 33.33 -34.68
C GLN B 305 -0.61 34.20 -34.15
N ASP B 306 -1.17 33.77 -33.02
CA ASP B 306 -2.26 34.49 -32.36
C ASP B 306 -1.69 35.66 -31.55
N ALA B 307 -1.16 36.65 -32.29
CA ALA B 307 -0.56 37.81 -31.66
C ALA B 307 -1.50 38.47 -30.67
N ALA B 308 -2.77 38.66 -31.06
CA ALA B 308 -3.72 39.26 -30.12
C ALA B 308 -3.95 38.38 -28.91
N GLY B 309 -3.90 37.06 -29.07
CA GLY B 309 -3.96 36.20 -27.91
C GLY B 309 -2.70 36.25 -27.06
N ILE B 310 -1.53 36.22 -27.73
CA ILE B 310 -0.26 36.39 -27.03
C ILE B 310 -0.26 37.71 -26.28
N TYR B 311 -0.83 38.74 -26.89
CA TYR B 311 -0.94 40.04 -26.25
C TYR B 311 -1.74 39.94 -24.97
N ALA B 312 -2.90 39.28 -25.06
CA ALA B 312 -3.74 39.12 -23.89
C ALA B 312 -3.08 38.21 -22.88
N THR B 313 -2.28 37.25 -23.34
CA THR B 313 -1.57 36.39 -22.40
C THR B 313 -0.67 37.20 -21.48
N GLY B 314 0.01 38.21 -22.06
CA GLY B 314 0.71 39.19 -21.25
C GLY B 314 -0.20 40.01 -20.34
N ALA B 315 -1.34 40.46 -20.86
CA ALA B 315 -2.28 41.15 -19.97
C ALA B 315 -2.60 40.28 -18.75
N ALA B 316 -2.83 38.98 -18.97
CA ALA B 316 -3.24 38.08 -17.90
C ALA B 316 -2.10 37.88 -16.90
N ILE B 317 -0.87 37.77 -17.39
CA ILE B 317 0.23 37.66 -16.45
C ILE B 317 0.34 38.93 -15.62
N LYS B 318 0.16 40.08 -16.25
CA LYS B 318 0.30 41.30 -15.48
C LYS B 318 -0.87 41.48 -14.50
N TYR B 319 -2.04 40.94 -14.84
CA TYR B 319 -3.17 41.02 -13.92
C TYR B 319 -2.93 40.18 -12.67
N LEU B 320 -2.40 38.97 -12.84
CA LEU B 320 -2.18 38.14 -11.68
C LEU B 320 -1.10 38.76 -10.79
N ASN B 321 -0.02 39.21 -11.43
CA ASN B 321 1.11 39.80 -10.74
C ASN B 321 0.69 40.96 -9.87
N GLY B 322 -0.20 41.82 -10.40
CA GLY B 322 -0.67 42.96 -9.63
C GLY B 322 -1.39 42.55 -8.37
N LEU B 323 -2.16 41.44 -8.45
CA LEU B 323 -2.91 40.91 -7.31
C LEU B 323 -2.02 40.32 -6.26
N ASP B 324 -0.72 40.15 -6.55
CA ASP B 324 0.27 39.40 -5.77
C ASP B 324 -0.09 37.91 -5.85
N MET B 325 0.71 37.15 -6.59
CA MET B 325 0.50 35.72 -6.73
C MET B 325 0.56 34.98 -5.39
N ALA B 326 1.38 35.46 -4.44
CA ALA B 326 1.39 34.85 -3.12
C ALA B 326 0.05 35.02 -2.44
N LYS B 327 -0.52 36.21 -2.51
CA LYS B 327 -1.87 36.37 -2.03
C LYS B 327 -2.80 35.44 -2.79
N ILE B 328 -2.52 35.18 -4.07
CA ILE B 328 -3.38 34.26 -4.83
C ILE B 328 -3.21 32.83 -4.34
N GLU B 329 -1.97 32.37 -4.20
CA GLU B 329 -1.75 31.02 -3.70
C GLU B 329 -2.38 30.85 -2.33
N LYS B 330 -2.21 31.84 -1.44
CA LYS B 330 -2.71 31.71 -0.06
C LYS B 330 -4.23 31.59 -0.02
N ARG B 331 -4.94 32.40 -0.79
CA ARG B 331 -6.40 32.31 -0.78
C ARG B 331 -6.86 30.95 -1.30
N GLU B 332 -6.24 30.46 -2.38
CA GLU B 332 -6.68 29.22 -2.98
C GLU B 332 -6.43 28.01 -2.07
N GLU B 333 -5.38 28.07 -1.23
CA GLU B 333 -5.24 27.04 -0.20
C GLU B 333 -6.36 27.14 0.83
N LEU B 334 -6.80 28.36 1.14
CA LEU B 334 -7.91 28.47 2.07
C LEU B 334 -9.19 27.95 1.43
N LEU B 335 -9.39 28.21 0.14
CA LEU B 335 -10.57 27.66 -0.52
C LEU B 335 -10.46 26.13 -0.66
N ALA B 336 -9.31 25.65 -1.13
CA ALA B 336 -9.10 24.20 -1.25
C ALA B 336 -9.34 23.47 0.08
N ARG B 337 -8.84 24.03 1.18
CA ARG B 337 -8.98 23.38 2.48
C ARG B 337 -10.43 23.40 2.94
N TYR B 338 -11.13 24.53 2.74
CA TYR B 338 -12.52 24.64 3.19
C TYR B 338 -13.43 23.66 2.47
N LEU B 339 -13.17 23.43 1.19
CA LEU B 339 -14.03 22.54 0.39
C LEU B 339 -13.91 21.11 0.89
N VAL B 340 -12.68 20.59 0.97
CA VAL B 340 -12.46 19.21 1.41
C VAL B 340 -12.98 18.98 2.82
N GLN B 341 -12.82 19.97 3.72
CA GLN B 341 -13.41 19.85 5.05
C GLN B 341 -14.93 19.70 4.97
N GLN B 342 -15.58 20.51 4.12
CA GLN B 342 -17.04 20.41 4.03
C GLN B 342 -17.46 19.11 3.36
N LEU B 343 -16.69 18.68 2.35
CA LEU B 343 -16.97 17.41 1.69
C LEU B 343 -16.88 16.25 2.67
N CYS B 344 -15.92 16.31 3.60
CA CYS B 344 -15.84 15.28 4.63
C CYS B 344 -16.99 15.32 5.62
N THR B 345 -17.71 16.43 5.73
CA THR B 345 -18.90 16.37 6.56
C THR B 345 -19.94 15.43 5.96
N LEU B 346 -19.90 15.24 4.63
CA LEU B 346 -20.88 14.43 3.94
C LEU B 346 -20.47 12.96 3.85
N ASP B 347 -21.25 12.09 4.50
CA ASP B 347 -20.90 10.68 4.62
C ASP B 347 -21.11 9.94 3.31
N PHE B 348 -22.15 10.30 2.57
CA PHE B 348 -22.46 9.70 1.28
C PHE B 348 -21.46 10.10 0.19
N VAL B 349 -20.43 10.87 0.51
CA VAL B 349 -19.43 11.31 -0.47
C VAL B 349 -18.09 10.62 -0.23
N ASP B 350 -17.49 10.15 -1.33
CA ASP B 350 -16.14 9.58 -1.36
C ASP B 350 -15.17 10.54 -2.04
N ILE B 351 -14.21 11.09 -1.28
CA ILE B 351 -13.14 11.88 -1.87
C ILE B 351 -12.14 10.93 -2.51
N VAL B 352 -11.85 11.16 -3.79
CA VAL B 352 -10.97 10.27 -4.56
C VAL B 352 -9.56 10.87 -4.47
N GLY B 353 -8.94 10.67 -3.33
CA GLY B 353 -7.63 11.26 -3.15
C GLY B 353 -7.36 11.47 -1.67
N SER B 354 -6.40 12.33 -1.39
CA SER B 354 -6.00 12.53 -0.01
C SER B 354 -7.11 13.27 0.72
N LYS B 355 -7.58 12.68 1.82
CA LYS B 355 -8.60 13.34 2.62
C LYS B 355 -8.06 14.57 3.32
N LEU B 356 -6.75 14.80 3.31
CA LEU B 356 -6.19 16.07 3.80
C LEU B 356 -6.23 17.14 2.71
N GLY B 357 -6.75 18.32 3.06
CA GLY B 357 -6.88 19.40 2.09
C GLY B 357 -5.65 20.25 1.89
N GLN B 358 -4.67 20.14 2.80
CA GLN B 358 -3.35 20.71 2.58
C GLN B 358 -2.65 20.06 1.40
N ASN B 359 -3.18 18.95 0.91
CA ASN B 359 -2.58 18.23 -0.21
C ASN B 359 -3.19 18.61 -1.54
N HIS B 360 -4.41 19.10 -1.53
CA HIS B 360 -5.09 19.38 -2.78
C HIS B 360 -4.68 20.77 -3.25
N VAL B 361 -4.06 20.82 -4.42
CA VAL B 361 -3.74 22.07 -5.10
C VAL B 361 -4.84 22.31 -6.13
N GLY B 362 -5.91 22.98 -5.70
CA GLY B 362 -6.92 23.39 -6.67
C GLY B 362 -7.99 22.37 -7.04
N ALA B 363 -7.66 21.08 -7.10
CA ALA B 363 -8.62 20.07 -7.60
C ALA B 363 -8.95 19.01 -6.56
N VAL B 364 -10.24 18.75 -6.38
CA VAL B 364 -10.72 17.67 -5.53
C VAL B 364 -11.69 16.79 -6.35
N ALA B 365 -11.34 15.52 -6.50
CA ALA B 365 -12.22 14.58 -7.17
C ALA B 365 -13.04 13.83 -6.14
N PHE B 366 -14.28 13.48 -6.52
CA PHE B 366 -15.18 12.84 -5.56
C PHE B 366 -16.28 12.10 -6.30
N ASN B 367 -17.08 11.37 -5.52
CA ASN B 367 -18.20 10.57 -5.98
C ASN B 367 -19.27 10.57 -4.90
N VAL B 368 -20.52 10.71 -5.28
CA VAL B 368 -21.60 10.34 -4.39
C VAL B 368 -21.76 8.84 -4.49
N ARG B 369 -21.74 8.15 -3.36
CA ARG B 369 -21.84 6.69 -3.37
C ARG B 369 -23.16 6.26 -4.01
N GLY B 370 -23.04 5.57 -5.12
CA GLY B 370 -24.16 5.03 -5.83
C GLY B 370 -24.63 5.83 -7.00
N VAL B 371 -24.17 7.06 -7.15
CA VAL B 371 -24.74 7.99 -8.12
C VAL B 371 -23.72 8.27 -9.19
N HIS B 372 -24.10 8.10 -10.45
CA HIS B 372 -23.18 8.35 -11.54
C HIS B 372 -22.86 9.84 -11.61
N PRO B 373 -21.59 10.21 -11.80
CA PRO B 373 -21.25 11.63 -11.87
C PRO B 373 -22.12 12.42 -12.84
N HIS B 374 -22.45 11.84 -14.00
CA HIS B 374 -23.24 12.57 -14.98
C HIS B 374 -24.53 13.08 -14.36
N ASP B 375 -25.16 12.27 -13.52
CA ASP B 375 -26.34 12.70 -12.79
C ASP B 375 -26.00 13.73 -11.70
N VAL B 376 -24.87 13.55 -11.01
CA VAL B 376 -24.49 14.52 -9.97
C VAL B 376 -24.32 15.89 -10.59
N SER B 377 -23.58 15.94 -11.70
CA SER B 377 -23.36 17.21 -12.40
C SER B 377 -24.67 17.79 -12.91
N SER B 378 -25.62 16.94 -13.27
CA SER B 378 -26.90 17.42 -13.80
C SER B 378 -27.74 18.09 -12.72
N ILE B 379 -27.85 17.45 -11.54
CA ILE B 379 -28.59 18.05 -10.44
C ILE B 379 -27.86 19.30 -9.92
N LEU B 380 -26.53 19.25 -9.80
CA LEU B 380 -25.79 20.42 -9.36
C LEU B 380 -25.95 21.57 -10.36
N ASP B 381 -26.02 21.24 -11.66
CA ASP B 381 -26.25 22.28 -12.66
C ASP B 381 -27.63 22.91 -12.49
N MET B 382 -28.64 22.09 -12.18
CA MET B 382 -29.95 22.60 -11.84
C MET B 382 -29.91 23.45 -10.58
N ASN B 383 -28.87 23.34 -9.77
CA ASN B 383 -28.71 24.24 -8.64
C ASN B 383 -27.71 25.34 -8.93
N ASN B 384 -27.29 25.49 -10.20
CA ASN B 384 -26.37 26.54 -10.63
C ASN B 384 -24.99 26.36 -9.99
N VAL B 385 -24.41 25.18 -10.18
CA VAL B 385 -23.07 24.84 -9.72
C VAL B 385 -22.36 24.16 -10.88
N CYS B 386 -21.05 24.36 -10.99
CA CYS B 386 -20.31 23.87 -12.14
C CYS B 386 -19.16 22.97 -11.68
N ILE B 387 -19.32 21.68 -11.85
CA ILE B 387 -18.29 20.71 -11.52
C ILE B 387 -18.00 19.95 -12.80
N ARG B 388 -16.87 19.27 -12.82
CA ARG B 388 -16.58 18.37 -13.93
C ARG B 388 -17.00 16.97 -13.53
N ALA B 389 -17.53 16.22 -14.49
CA ALA B 389 -17.94 14.85 -14.29
C ALA B 389 -17.42 14.01 -15.44
N GLY B 390 -16.88 12.82 -15.12
CA GLY B 390 -16.36 11.93 -16.12
C GLY B 390 -15.00 11.36 -15.74
N HIS B 391 -14.12 11.22 -16.72
CA HIS B 391 -12.81 10.65 -16.47
C HIS B 391 -11.68 11.68 -16.63
N HIS B 392 -12.01 12.90 -17.02
CA HIS B 392 -11.07 14.01 -16.93
C HIS B 392 -9.84 13.80 -17.81
N CYS B 393 -10.00 13.04 -18.89
CA CYS B 393 -8.90 12.78 -19.82
C CYS B 393 -7.67 12.31 -19.05
N ALA B 394 -7.93 11.55 -17.97
CA ALA B 394 -6.92 10.84 -17.18
C ALA B 394 -7.40 9.41 -16.89
N GLU B 395 -7.81 8.70 -17.94
CA GLU B 395 -8.37 7.36 -17.75
C GLU B 395 -7.41 6.41 -17.04
N PRO B 396 -6.13 6.26 -17.45
CA PRO B 396 -5.23 5.35 -16.70
C PRO B 396 -5.26 5.58 -15.20
N LEU B 397 -5.33 6.83 -14.73
CA LEU B 397 -5.44 7.07 -13.30
C LEU B 397 -6.76 6.54 -12.75
N LEU B 398 -7.88 6.83 -13.41
CA LEU B 398 -9.16 6.39 -12.86
C LEU B 398 -9.26 4.88 -12.83
N ILE B 399 -8.65 4.20 -13.81
CA ILE B 399 -8.51 2.76 -13.78
C ILE B 399 -7.73 2.33 -12.53
N GLU B 400 -6.56 2.92 -12.33
CA GLU B 400 -5.75 2.64 -11.15
C GLU B 400 -6.56 2.78 -9.87
N LEU B 401 -7.33 3.85 -9.75
CA LEU B 401 -8.15 4.00 -8.55
C LEU B 401 -9.42 3.24 -8.63
N HIS B 402 -9.57 2.39 -9.65
CA HIS B 402 -10.77 1.55 -9.78
C HIS B 402 -12.06 2.37 -9.84
N GLU B 403 -12.10 3.36 -10.74
CA GLU B 403 -13.29 4.17 -10.99
C GLU B 403 -13.53 4.26 -12.49
N SER B 404 -14.77 4.51 -12.90
CA SER B 404 -14.97 4.88 -14.30
C SER B 404 -15.20 6.36 -14.44
N SER B 405 -15.90 6.95 -13.48
CA SER B 405 -16.16 8.37 -13.45
C SER B 405 -16.03 8.90 -12.03
N THR B 406 -15.69 10.18 -11.92
CA THR B 406 -15.77 10.96 -10.69
C THR B 406 -16.23 12.37 -11.02
N CYS B 407 -16.83 13.00 -10.02
CA CYS B 407 -17.00 14.43 -10.02
C CYS B 407 -15.68 15.11 -9.69
N ARG B 408 -15.61 16.41 -9.94
CA ARG B 408 -14.43 17.18 -9.56
C ARG B 408 -14.83 18.62 -9.24
N ALA B 409 -14.35 19.13 -8.12
CA ALA B 409 -14.46 20.55 -7.79
C ALA B 409 -13.09 21.23 -7.89
N SER B 410 -13.09 22.48 -8.39
CA SER B 410 -11.86 23.21 -8.72
C SER B 410 -11.97 24.62 -8.19
N VAL B 411 -11.08 25.01 -7.32
CA VAL B 411 -11.16 26.34 -6.75
C VAL B 411 -10.13 27.23 -7.42
N ALA B 412 -10.48 28.50 -7.50
CA ALA B 412 -9.56 29.52 -7.94
C ALA B 412 -9.66 30.67 -6.94
N PHE B 413 -8.80 31.69 -7.12
CA PHE B 413 -8.78 32.81 -6.19
C PHE B 413 -10.09 33.62 -6.18
N TYR B 414 -10.86 33.58 -7.27
CA TYR B 414 -12.10 34.34 -7.38
C TYR B 414 -13.35 33.57 -6.92
N ASN B 415 -13.19 32.47 -6.18
CA ASN B 415 -14.31 31.81 -5.52
C ASN B 415 -14.38 32.23 -4.07
N ASP B 416 -15.48 31.92 -3.43
CA ASP B 416 -15.66 32.28 -2.04
C ASP B 416 -16.28 31.12 -1.28
N LYS B 417 -16.25 31.21 0.07
CA LYS B 417 -16.85 30.17 0.89
C LYS B 417 -18.29 29.90 0.47
N HIS B 418 -18.97 30.91 -0.04
CA HIS B 418 -20.33 30.67 -0.48
C HIS B 418 -20.39 29.76 -1.71
N ASP B 419 -19.39 29.83 -2.58
CA ASP B 419 -19.36 28.90 -3.72
C ASP B 419 -19.27 27.46 -3.23
N ILE B 420 -18.51 27.22 -2.18
CA ILE B 420 -18.37 25.88 -1.67
C ILE B 420 -19.62 25.49 -0.93
N ASP B 421 -20.35 26.47 -0.40
CA ASP B 421 -21.57 26.15 0.33
C ASP B 421 -22.72 25.75 -0.61
N GLN B 422 -22.77 26.31 -1.83
CA GLN B 422 -23.73 25.85 -2.82
C GLN B 422 -23.44 24.44 -3.30
N LEU B 423 -22.16 24.06 -3.40
CA LEU B 423 -21.80 22.69 -3.74
C LEU B 423 -22.22 21.73 -2.63
N ILE B 424 -21.99 22.12 -1.37
CA ILE B 424 -22.37 21.26 -0.26
C ILE B 424 -23.88 21.15 -0.19
N GLU B 425 -24.59 22.26 -0.38
CA GLU B 425 -26.05 22.19 -0.33
C GLU B 425 -26.66 21.59 -1.59
N GLY B 426 -25.95 21.59 -2.70
CA GLY B 426 -26.50 20.93 -3.87
C GLY B 426 -26.29 19.44 -3.78
N LEU B 427 -25.11 19.02 -3.29
CA LEU B 427 -24.86 17.61 -3.07
C LEU B 427 -25.91 17.00 -2.13
N ASN B 428 -26.31 17.72 -1.10
CA ASN B 428 -27.33 17.23 -0.17
C ASN B 428 -28.67 17.06 -0.85
N GLN B 429 -29.06 18.03 -1.68
CA GLN B 429 -30.24 17.84 -2.52
C GLN B 429 -30.13 16.55 -3.33
N VAL B 430 -28.94 16.27 -3.88
CA VAL B 430 -28.72 15.07 -4.68
C VAL B 430 -29.02 13.82 -3.85
N TRP B 431 -28.56 13.81 -2.61
CA TRP B 431 -28.79 12.64 -1.76
C TRP B 431 -30.30 12.45 -1.52
N LYS B 432 -30.99 13.55 -1.17
CA LYS B 432 -32.43 13.53 -0.94
C LYS B 432 -33.22 13.01 -2.14
N ILE B 433 -32.65 13.05 -3.35
CA ILE B 433 -33.35 12.53 -4.50
C ILE B 433 -33.03 11.04 -4.67
N PHE B 434 -31.88 10.59 -4.20
CA PHE B 434 -31.52 9.20 -4.37
C PHE B 434 -31.42 8.46 -3.03
N MET C 19 9.09 -32.89 -34.80
CA MET C 19 9.92 -32.14 -35.75
C MET C 19 9.48 -32.35 -37.21
N THR C 20 8.33 -31.81 -37.61
CA THR C 20 7.90 -31.89 -38.99
C THR C 20 7.57 -30.47 -39.45
N ASP C 21 7.52 -30.28 -40.77
CA ASP C 21 7.07 -29.00 -41.28
C ASP C 21 5.64 -28.72 -40.84
N THR C 22 4.81 -29.78 -40.72
CA THR C 22 3.43 -29.68 -40.25
C THR C 22 3.30 -29.46 -38.74
N GLU C 23 4.31 -29.87 -37.97
CA GLU C 23 4.33 -29.65 -36.52
C GLU C 23 4.83 -28.25 -36.19
N VAL C 24 5.86 -27.77 -36.89
CA VAL C 24 6.24 -26.37 -36.77
C VAL C 24 5.08 -25.46 -37.17
N ALA C 25 4.14 -25.99 -37.97
CA ALA C 25 2.96 -25.23 -38.37
C ALA C 25 2.00 -25.05 -37.18
N GLN C 26 1.75 -26.11 -36.43
CA GLN C 26 0.84 -26.00 -35.30
C GLN C 26 1.35 -24.96 -34.28
N ILE C 27 2.66 -24.94 -34.02
CA ILE C 27 3.13 -24.05 -32.97
C ILE C 27 3.45 -22.67 -33.52
N THR C 28 3.60 -22.53 -34.84
CA THR C 28 3.67 -21.19 -35.39
C THR C 28 2.38 -20.44 -35.10
N ASP C 29 1.25 -21.14 -35.19
CA ASP C 29 -0.04 -20.62 -34.82
C ASP C 29 -0.26 -20.66 -33.31
N ASN C 30 -1.05 -19.73 -32.81
CA ASN C 30 -1.46 -19.71 -31.41
C ASN C 30 -2.97 -19.48 -31.33
N PRO C 31 -3.76 -20.54 -31.26
CA PRO C 31 -5.19 -20.38 -31.07
C PRO C 31 -5.60 -20.00 -29.66
N TYR C 32 -4.66 -19.87 -28.70
CA TYR C 32 -5.04 -19.75 -27.29
C TYR C 32 -4.61 -18.47 -26.58
N LYS C 33 -3.63 -17.72 -27.11
CA LYS C 33 -3.05 -16.62 -26.34
C LYS C 33 -4.07 -15.52 -26.03
N ALA C 34 -5.07 -15.33 -26.89
CA ALA C 34 -6.07 -14.29 -26.64
C ALA C 34 -6.92 -14.56 -25.39
N ASP C 35 -7.02 -15.80 -24.92
CA ASP C 35 -7.85 -16.04 -23.73
C ASP C 35 -7.24 -15.53 -22.44
N PHE C 36 -6.02 -14.97 -22.50
CA PHE C 36 -5.31 -14.54 -21.31
C PHE C 36 -5.14 -13.03 -21.34
N PRO C 37 -5.72 -12.30 -20.39
CA PRO C 37 -5.65 -10.82 -20.44
C PRO C 37 -4.25 -10.28 -20.38
N ILE C 38 -3.38 -10.80 -19.52
CA ILE C 38 -2.02 -10.26 -19.42
C ILE C 38 -1.27 -10.52 -20.72
N LEU C 39 -1.49 -11.68 -21.33
CA LEU C 39 -0.80 -12.01 -22.57
C LEU C 39 -1.44 -11.24 -23.73
N ALA C 40 -2.75 -11.10 -23.68
CA ALA C 40 -3.41 -10.28 -24.69
C ALA C 40 -2.93 -8.85 -24.59
N ALA C 41 -2.81 -8.33 -23.36
CA ALA C 41 -2.45 -6.93 -23.13
C ALA C 41 -1.01 -6.63 -23.50
N ASN C 42 -0.19 -7.65 -23.69
CA ASN C 42 1.23 -7.45 -23.91
C ASN C 42 1.70 -8.50 -24.91
N PRO C 43 1.42 -8.31 -26.19
CA PRO C 43 1.98 -9.25 -27.19
C PRO C 43 3.49 -9.15 -27.30
N LYS C 44 4.09 -8.02 -26.91
CA LYS C 44 5.55 -7.87 -26.98
C LYS C 44 6.31 -8.79 -25.99
N VAL C 45 5.59 -9.51 -25.13
CA VAL C 45 6.16 -10.26 -24.02
C VAL C 45 6.14 -11.73 -24.39
N ALA C 46 7.20 -12.44 -24.02
CA ALA C 46 7.24 -13.90 -24.11
C ALA C 46 7.32 -14.43 -22.69
N TYR C 47 6.25 -15.10 -22.24
CA TYR C 47 6.16 -15.59 -20.86
C TYR C 47 6.52 -17.07 -20.88
N LEU C 48 7.69 -17.36 -20.35
CA LEU C 48 8.28 -18.70 -20.44
C LEU C 48 8.67 -19.19 -19.05
N ASP C 49 7.80 -18.93 -18.07
CA ASP C 49 7.96 -19.32 -16.67
C ASP C 49 6.71 -20.02 -16.12
N SER C 50 5.98 -20.75 -16.96
CA SER C 50 4.70 -21.33 -16.55
C SER C 50 4.84 -22.41 -15.49
N ALA C 51 6.04 -23.01 -15.34
CA ALA C 51 6.25 -23.94 -14.25
C ALA C 51 6.18 -23.27 -12.90
N ALA C 52 6.38 -21.95 -12.89
CA ALA C 52 6.27 -21.18 -11.66
C ALA C 52 4.81 -20.91 -11.33
N THR C 53 4.08 -20.24 -12.23
CA THR C 53 2.66 -20.07 -12.05
C THR C 53 2.10 -19.79 -13.43
N SER C 54 0.87 -20.23 -13.67
CA SER C 54 0.26 -20.05 -14.97
C SER C 54 -0.30 -18.65 -15.13
N GLN C 55 -0.72 -18.37 -16.35
CA GLN C 55 -1.52 -17.19 -16.59
C GLN C 55 -3.00 -17.51 -16.48
N ARG C 56 -3.80 -16.47 -16.23
CA ARG C 56 -5.20 -16.69 -15.90
C ARG C 56 -6.05 -16.45 -17.10
N PRO C 57 -6.98 -17.37 -17.41
CA PRO C 57 -8.00 -17.10 -18.41
C PRO C 57 -8.98 -16.07 -17.88
N ARG C 58 -9.51 -15.24 -18.79
CA ARG C 58 -10.52 -14.25 -18.40
C ARG C 58 -11.68 -14.92 -17.67
N VAL C 59 -12.01 -16.14 -18.10
CA VAL C 59 -13.10 -16.88 -17.48
C VAL C 59 -12.85 -17.08 -16.01
N VAL C 60 -11.63 -17.50 -15.65
CA VAL C 60 -11.29 -17.82 -14.26
C VAL C 60 -11.27 -16.55 -13.43
N ILE C 61 -10.71 -15.48 -13.99
CA ILE C 61 -10.71 -14.20 -13.28
C ILE C 61 -12.15 -13.75 -13.03
N GLU C 62 -12.99 -13.75 -14.07
CA GLU C 62 -14.37 -13.33 -13.86
C GLU C 62 -15.09 -14.25 -12.91
N ALA C 63 -14.72 -15.54 -12.87
CA ALA C 63 -15.43 -16.47 -12.00
C ALA C 63 -15.14 -16.19 -10.52
N GLN C 64 -13.92 -15.77 -10.20
CA GLN C 64 -13.68 -15.42 -8.81
C GLN C 64 -14.47 -14.18 -8.43
N SER C 65 -14.70 -13.30 -9.42
CA SER C 65 -15.42 -12.06 -9.18
C SER C 65 -16.91 -12.32 -9.02
N ARG C 66 -17.54 -13.00 -10.01
CA ARG C 66 -18.96 -13.31 -9.92
C ARG C 66 -19.31 -13.87 -8.56
N PHE C 67 -18.51 -14.80 -8.05
CA PHE C 67 -18.81 -15.39 -6.76
C PHE C 67 -18.98 -14.31 -5.72
N TYR C 68 -18.03 -13.40 -5.65
CA TYR C 68 -18.04 -12.35 -4.63
C TYR C 68 -19.20 -11.39 -4.82
N GLU C 69 -19.65 -11.24 -6.07
CA GLU C 69 -20.72 -10.32 -6.44
C GLU C 69 -22.11 -10.89 -6.20
N THR C 70 -22.26 -12.20 -6.22
CA THR C 70 -23.59 -12.80 -6.17
C THR C 70 -23.84 -13.70 -4.95
N MET C 71 -22.83 -14.38 -4.41
CA MET C 71 -22.97 -15.28 -3.25
C MET C 71 -21.73 -15.29 -2.35
N ASN C 72 -21.85 -14.85 -1.08
CA ASN C 72 -20.76 -14.88 -0.09
C ASN C 72 -20.96 -15.94 0.99
N ALA C 73 -19.95 -16.78 1.18
CA ALA C 73 -19.89 -17.83 2.21
C ALA C 73 -20.82 -19.00 1.88
N ASP C 85 -26.98 -22.08 -2.77
CA ASP C 85 -26.24 -22.03 -4.04
C ASP C 85 -24.74 -22.10 -3.94
N ALA C 86 -24.18 -21.60 -2.84
CA ALA C 86 -22.75 -21.71 -2.70
C ALA C 86 -22.36 -23.16 -2.45
N THR C 87 -23.01 -23.80 -1.48
CA THR C 87 -22.65 -25.19 -1.17
C THR C 87 -22.87 -26.08 -2.38
N ALA C 88 -23.87 -25.80 -3.19
CA ALA C 88 -24.05 -26.60 -4.39
C ALA C 88 -22.90 -26.44 -5.36
N ALA C 89 -22.25 -25.29 -5.36
CA ALA C 89 -21.19 -25.06 -6.34
C ALA C 89 -19.80 -25.47 -5.84
N ILE C 90 -19.51 -25.25 -4.56
CA ILE C 90 -18.25 -25.75 -4.03
C ILE C 90 -18.18 -27.26 -4.22
N GLU C 91 -19.30 -27.95 -4.13
CA GLU C 91 -19.26 -29.39 -4.44
C GLU C 91 -19.17 -29.64 -5.94
N ASP C 92 -19.91 -28.86 -6.74
CA ASP C 92 -19.76 -28.96 -8.18
C ASP C 92 -18.32 -28.74 -8.59
N ALA C 93 -17.58 -27.94 -7.81
CA ALA C 93 -16.15 -27.75 -8.06
C ALA C 93 -15.35 -28.98 -7.64
N ARG C 94 -15.51 -29.43 -6.39
CA ARG C 94 -14.91 -30.68 -5.93
C ARG C 94 -15.10 -31.79 -6.96
N ALA C 95 -16.31 -31.95 -7.48
CA ALA C 95 -16.56 -33.02 -8.43
C ALA C 95 -15.74 -32.80 -9.70
N SER C 96 -15.72 -31.57 -10.21
CA SER C 96 -14.99 -31.27 -11.42
C SER C 96 -13.49 -31.61 -11.29
N ILE C 97 -12.88 -31.24 -10.15
CA ILE C 97 -11.49 -31.58 -9.90
C ILE C 97 -11.32 -33.10 -9.83
N ALA C 98 -12.20 -33.80 -9.11
CA ALA C 98 -12.07 -35.25 -9.00
C ALA C 98 -12.14 -35.93 -10.37
N LYS C 99 -13.19 -35.63 -11.16
CA LYS C 99 -13.28 -36.28 -12.49
C LYS C 99 -12.05 -35.98 -13.34
N PHE C 100 -11.43 -34.82 -13.15
CA PHE C 100 -10.25 -34.41 -13.90
C PHE C 100 -9.02 -35.30 -13.65
N ILE C 101 -8.86 -35.81 -12.43
CA ILE C 101 -7.70 -36.62 -12.10
C ILE C 101 -8.07 -38.11 -12.08
N GLY C 102 -9.17 -38.48 -12.71
CA GLY C 102 -9.67 -39.84 -12.71
C GLY C 102 -10.39 -40.30 -11.46
N ALA C 103 -10.54 -39.46 -10.44
CA ALA C 103 -11.05 -39.89 -9.14
C ALA C 103 -12.55 -40.13 -9.20
N VAL C 104 -12.93 -41.31 -9.72
CA VAL C 104 -14.31 -41.63 -10.03
C VAL C 104 -14.69 -42.95 -9.37
N ASP C 105 -16.00 -43.17 -9.26
CA ASP C 105 -16.57 -44.41 -8.69
C ASP C 105 -16.65 -45.43 -9.81
N ALA C 108 -20.96 -44.52 -11.98
CA ALA C 108 -19.73 -43.80 -12.36
C ALA C 108 -19.69 -42.38 -11.76
N LYS C 109 -19.54 -42.31 -10.44
CA LYS C 109 -19.66 -41.00 -9.81
C LYS C 109 -18.30 -40.41 -9.47
N PRO C 110 -18.19 -39.09 -9.46
CA PRO C 110 -16.93 -38.46 -9.01
C PRO C 110 -16.73 -38.54 -7.51
N GLU C 111 -15.48 -38.81 -7.11
CA GLU C 111 -15.13 -38.97 -5.70
C GLU C 111 -14.88 -37.61 -5.03
N SER C 112 -15.89 -36.76 -5.08
CA SER C 112 -15.71 -35.41 -4.59
C SER C 112 -15.54 -35.35 -3.07
N GLN C 113 -15.94 -36.38 -2.35
CA GLN C 113 -15.73 -36.36 -0.91
C GLN C 113 -14.36 -36.85 -0.53
N GLN C 114 -13.50 -37.11 -1.51
CA GLN C 114 -12.12 -37.50 -1.28
C GLN C 114 -11.10 -36.45 -1.74
N ILE C 115 -11.51 -35.20 -1.98
CA ILE C 115 -10.55 -34.19 -2.36
C ILE C 115 -10.67 -33.00 -1.42
N ILE C 116 -9.51 -32.51 -0.98
CA ILE C 116 -9.37 -31.58 0.15
C ILE C 116 -8.69 -30.32 -0.37
N PHE C 117 -9.08 -29.16 0.15
CA PHE C 117 -8.46 -27.90 -0.26
C PHE C 117 -7.44 -27.42 0.77
N THR C 118 -6.37 -26.79 0.26
CA THR C 118 -5.29 -26.25 1.07
C THR C 118 -4.83 -24.91 0.48
N ARG C 119 -3.83 -24.28 1.11
CA ARG C 119 -3.32 -23.03 0.55
C ARG C 119 -2.70 -23.26 -0.81
N ASN C 120 -1.99 -24.38 -0.97
CA ASN C 120 -1.12 -24.71 -2.09
C ASN C 120 -0.48 -26.08 -1.85
N THR C 121 0.37 -26.56 -2.78
CA THR C 121 0.92 -27.93 -2.69
C THR C 121 1.77 -28.10 -1.45
N SER C 122 2.45 -27.05 -1.04
CA SER C 122 3.29 -27.13 0.14
C SER C 122 2.48 -27.50 1.36
N GLU C 123 1.28 -26.96 1.50
CA GLU C 123 0.46 -27.30 2.66
C GLU C 123 -0.03 -28.74 2.60
N ALA C 124 -0.53 -29.19 1.46
CA ALA C 124 -0.94 -30.58 1.38
C ALA C 124 0.22 -31.51 1.73
N LEU C 125 1.43 -31.17 1.30
CA LEU C 125 2.56 -32.02 1.66
C LEU C 125 2.85 -31.97 3.14
N ASN C 126 2.80 -30.77 3.75
CA ASN C 126 2.96 -30.67 5.21
C ASN C 126 1.94 -31.50 5.98
N LEU C 127 0.68 -31.50 5.50
CA LEU C 127 -0.42 -32.26 6.10
C LEU C 127 -0.16 -33.76 6.04
N VAL C 128 0.22 -34.27 4.87
CA VAL C 128 0.53 -35.68 4.74
C VAL C 128 1.67 -36.02 5.69
N ALA C 129 2.75 -35.23 5.64
CA ALA C 129 3.90 -35.50 6.49
C ALA C 129 3.51 -35.52 7.97
N SER C 130 2.60 -34.62 8.39
CA SER C 130 2.17 -34.63 9.78
C SER C 130 1.17 -35.75 10.03
N SER C 131 0.08 -35.79 9.29
CA SER C 131 -0.96 -36.77 9.61
CA SER C 131 -0.97 -36.77 9.59
C SER C 131 -0.50 -38.18 9.27
N LEU C 132 -0.10 -38.43 8.02
CA LEU C 132 0.36 -39.77 7.67
C LEU C 132 1.57 -40.17 8.50
N GLY C 133 2.44 -39.20 8.83
CA GLY C 133 3.60 -39.49 9.66
C GLY C 133 3.24 -40.01 11.04
N ARG C 134 2.21 -39.42 11.69
CA ARG C 134 1.79 -39.89 13.02
C ARG C 134 1.08 -41.23 12.93
N TYR C 135 0.22 -41.38 11.93
CA TYR C 135 -0.57 -42.61 11.81
C TYR C 135 0.28 -43.84 11.51
N ALA C 136 1.40 -43.70 10.80
CA ALA C 136 2.06 -44.85 10.18
C ALA C 136 3.49 -45.10 10.64
N LEU C 137 4.26 -44.07 10.90
CA LEU C 137 5.69 -44.24 11.18
C LEU C 137 5.88 -44.65 12.64
N LYS C 138 6.41 -45.80 12.83
CA LYS C 138 6.95 -46.45 14.01
C LYS C 138 8.48 -46.35 13.95
N PRO C 139 9.19 -46.37 15.08
CA PRO C 139 10.59 -45.92 15.06
C PRO C 139 11.45 -46.93 14.31
N GLY C 140 12.30 -46.42 13.43
CA GLY C 140 13.09 -47.28 12.56
C GLY C 140 12.51 -47.56 11.19
N ASP C 141 11.29 -47.10 10.91
CA ASP C 141 10.78 -47.17 9.55
C ASP C 141 11.54 -46.20 8.65
N ASP C 142 11.42 -46.41 7.36
CA ASP C 142 12.15 -45.60 6.40
C ASP C 142 11.12 -44.82 5.57
N VAL C 143 11.37 -43.53 5.41
CA VAL C 143 10.60 -42.66 4.53
C VAL C 143 11.45 -42.42 3.30
N VAL C 144 10.95 -42.78 2.12
CA VAL C 144 11.74 -42.65 0.90
C VAL C 144 11.19 -41.53 0.03
N ILE C 145 12.02 -40.52 -0.19
CA ILE C 145 11.74 -39.47 -1.14
C ILE C 145 12.72 -39.63 -2.28
N SER C 146 12.74 -38.69 -3.23
CA SER C 146 13.71 -38.76 -4.31
C SER C 146 14.65 -37.57 -4.26
N ILE C 147 15.81 -37.70 -4.90
CA ILE C 147 16.69 -36.55 -5.00
C ILE C 147 16.12 -35.44 -5.89
N MET C 148 15.07 -35.70 -6.66
CA MET C 148 14.59 -34.66 -7.54
C MET C 148 13.58 -33.77 -6.85
N GLU C 149 13.35 -33.98 -5.56
CA GLU C 149 12.28 -33.32 -4.86
C GLU C 149 12.49 -31.81 -4.74
N HIS C 150 11.39 -31.09 -4.90
CA HIS C 150 11.29 -29.71 -4.45
C HIS C 150 11.18 -29.72 -2.92
N HIS C 151 11.69 -28.66 -2.29
CA HIS C 151 11.90 -28.63 -0.84
C HIS C 151 10.63 -28.95 -0.05
N SER C 152 9.46 -28.58 -0.58
CA SER C 152 8.20 -28.88 0.13
C SER C 152 7.95 -30.36 0.28
N ASN C 153 8.57 -31.20 -0.53
CA ASN C 153 8.53 -32.64 -0.40
C ASN C 153 9.81 -33.20 0.23
N ILE C 154 10.49 -32.40 1.04
CA ILE C 154 11.75 -32.80 1.64
C ILE C 154 11.67 -32.48 3.11
N ILE C 155 11.56 -31.20 3.40
CA ILE C 155 11.73 -30.68 4.75
C ILE C 155 10.65 -31.14 5.72
N PRO C 156 9.36 -31.17 5.37
CA PRO C 156 8.41 -31.77 6.31
C PRO C 156 8.74 -33.21 6.62
N TRP C 157 9.32 -33.95 5.66
CA TRP C 157 9.66 -35.36 5.89
C TRP C 157 10.86 -35.48 6.81
N GLN C 158 11.80 -34.55 6.69
CA GLN C 158 12.87 -34.45 7.66
C GLN C 158 12.32 -34.19 9.06
N GLN C 159 11.41 -33.22 9.18
CA GLN C 159 10.83 -32.93 10.48
C GLN C 159 10.16 -34.17 11.05
N ILE C 160 9.21 -34.75 10.29
CA ILE C 160 8.47 -35.91 10.80
C ILE C 160 9.41 -37.07 11.08
N CYS C 161 10.50 -37.21 10.30
CA CYS C 161 11.45 -38.26 10.61
C CYS C 161 12.09 -38.08 11.98
N LYS C 162 12.59 -36.88 12.27
CA LYS C 162 13.19 -36.63 13.57
C LYS C 162 12.17 -36.80 14.69
N ALA C 163 10.93 -36.38 14.46
CA ALA C 163 9.92 -36.54 15.49
C ALA C 163 9.65 -38.00 15.82
N THR C 164 9.84 -38.90 14.86
CA THR C 164 9.34 -40.27 14.98
C THR C 164 10.42 -41.34 15.02
N GLY C 165 11.69 -40.95 14.97
CA GLY C 165 12.75 -41.94 14.91
C GLY C 165 12.84 -42.70 13.59
N ALA C 166 12.55 -42.06 12.47
CA ALA C 166 12.54 -42.70 11.17
C ALA C 166 13.68 -42.18 10.29
N ASN C 167 14.18 -43.05 9.41
CA ASN C 167 15.26 -42.71 8.50
C ASN C 167 14.70 -42.16 7.17
N LEU C 168 15.43 -41.23 6.55
CA LEU C 168 15.03 -40.62 5.28
C LEU C 168 15.95 -41.10 4.16
N VAL C 169 15.40 -41.83 3.19
CA VAL C 169 16.17 -42.41 2.08
C VAL C 169 15.76 -41.73 0.77
N TYR C 170 16.76 -41.43 -0.07
CA TYR C 170 16.57 -40.77 -1.36
C TYR C 170 16.82 -41.74 -2.51
N LEU C 171 15.98 -41.65 -3.54
CA LEU C 171 16.13 -42.36 -4.81
C LEU C 171 16.94 -41.49 -5.76
N ARG C 172 18.00 -42.05 -6.34
CA ARG C 172 18.94 -41.28 -7.13
C ARG C 172 18.77 -41.58 -8.61
N MET C 173 19.38 -40.74 -9.46
CA MET C 173 19.22 -40.85 -10.90
C MET C 173 20.44 -41.47 -11.54
N ASN C 174 20.31 -41.75 -12.84
CA ASN C 174 21.37 -42.36 -13.64
C ASN C 174 21.80 -41.36 -14.72
N SER C 175 22.70 -41.83 -15.60
CA SER C 175 23.16 -41.05 -16.75
C SER C 175 22.01 -40.38 -17.48
N GLN C 176 20.95 -41.14 -17.79
CA GLN C 176 19.88 -40.57 -18.59
C GLN C 176 18.85 -39.83 -17.74
N TYR C 177 19.19 -39.53 -16.47
CA TYR C 177 18.39 -38.73 -15.55
C TYR C 177 17.12 -39.45 -15.08
N GLN C 178 17.11 -40.78 -15.07
CA GLN C 178 15.90 -41.48 -14.70
C GLN C 178 16.11 -42.19 -13.37
N ILE C 179 15.00 -42.53 -12.71
CA ILE C 179 15.03 -43.39 -11.53
C ILE C 179 14.70 -44.79 -12.03
N THR C 180 15.74 -45.61 -12.18
CA THR C 180 15.67 -46.89 -12.86
C THR C 180 15.00 -47.93 -11.96
N PRO C 181 14.42 -49.00 -12.55
CA PRO C 181 13.79 -50.05 -11.71
C PRO C 181 14.72 -50.64 -10.70
N GLU C 182 16.03 -50.62 -10.97
CA GLU C 182 17.00 -51.10 -10.00
C GLU C 182 17.05 -50.19 -8.77
N GLU C 183 16.90 -48.87 -8.97
CA GLU C 183 16.91 -47.98 -7.82
C GLU C 183 15.62 -48.08 -7.02
N ILE C 184 14.46 -48.17 -7.72
CA ILE C 184 13.18 -48.41 -7.04
C ILE C 184 13.30 -49.63 -6.13
N ALA C 185 13.70 -50.76 -6.71
CA ALA C 185 13.86 -51.99 -5.92
C ALA C 185 14.92 -51.88 -4.83
N SER C 186 15.95 -51.05 -5.01
CA SER C 186 17.05 -51.08 -4.07
CA SER C 186 17.09 -51.04 -4.09
C SER C 186 16.89 -50.13 -2.90
N LYS C 187 16.26 -48.96 -3.08
CA LYS C 187 16.02 -48.14 -1.91
C LYS C 187 14.64 -48.32 -1.28
N ILE C 188 13.66 -48.87 -1.97
CA ILE C 188 12.32 -49.07 -1.36
C ILE C 188 12.26 -50.52 -0.90
N THR C 189 12.57 -50.73 0.38
CA THR C 189 12.64 -52.08 0.96
C THR C 189 11.51 -52.30 2.00
N GLU C 190 11.55 -53.48 2.61
CA GLU C 190 10.59 -53.88 3.64
C GLU C 190 10.54 -52.90 4.80
N ARG C 191 11.64 -52.16 5.03
CA ARG C 191 11.65 -51.08 6.01
C ARG C 191 10.80 -49.88 5.58
N ALA C 192 10.52 -49.70 4.28
CA ALA C 192 9.72 -48.58 3.84
C ALA C 192 8.30 -48.57 4.45
N LYS C 193 7.84 -47.37 4.86
CA LYS C 193 6.46 -47.16 5.30
C LYS C 193 5.79 -46.01 4.53
N ILE C 194 6.55 -44.99 4.17
CA ILE C 194 6.06 -43.90 3.32
C ILE C 194 7.04 -43.66 2.18
N VAL C 195 6.52 -43.60 0.96
CA VAL C 195 7.29 -43.22 -0.23
C VAL C 195 6.59 -42.03 -0.86
N SER C 196 7.32 -40.93 -1.01
CA SER C 196 6.75 -39.70 -1.54
C SER C 196 7.64 -39.16 -2.65
N VAL C 197 7.15 -39.27 -3.89
CA VAL C 197 7.94 -38.96 -5.09
C VAL C 197 7.21 -37.94 -5.95
N THR C 198 7.96 -36.95 -6.44
CA THR C 198 7.43 -36.03 -7.45
C THR C 198 7.03 -36.77 -8.71
N HIS C 199 5.93 -36.34 -9.31
CA HIS C 199 5.51 -36.96 -10.56
C HIS C 199 6.32 -36.41 -11.72
N VAL C 200 6.54 -35.10 -11.74
CA VAL C 200 7.32 -34.42 -12.75
C VAL C 200 8.26 -33.46 -12.06
N SER C 201 9.55 -33.53 -12.40
CA SER C 201 10.53 -32.63 -11.82
C SER C 201 10.35 -31.22 -12.36
N ASN C 202 10.32 -30.25 -11.47
CA ASN C 202 10.21 -28.83 -11.83
C ASN C 202 11.54 -28.24 -12.30
N VAL C 203 12.62 -29.01 -12.28
CA VAL C 203 13.88 -28.57 -12.80
C VAL C 203 14.24 -29.33 -14.08
N LEU C 204 14.18 -30.64 -14.01
CA LEU C 204 14.60 -31.44 -15.16
C LEU C 204 13.54 -31.53 -16.22
N GLY C 205 12.27 -31.53 -15.85
CA GLY C 205 11.20 -31.83 -16.78
C GLY C 205 10.88 -33.30 -16.93
N THR C 206 11.43 -34.14 -16.05
CA THR C 206 11.28 -35.59 -16.11
C THR C 206 9.94 -36.04 -15.56
N ARG C 207 9.28 -36.96 -16.28
CA ARG C 207 8.10 -37.65 -15.75
C ARG C 207 8.56 -38.98 -15.15
N ASN C 208 8.28 -39.18 -13.88
CA ASN C 208 8.67 -40.41 -13.19
C ASN C 208 7.64 -41.51 -13.36
N ASP C 209 8.12 -42.75 -13.38
CA ASP C 209 7.16 -43.83 -13.47
C ASP C 209 6.51 -44.05 -12.10
N ILE C 210 5.49 -43.22 -11.81
CA ILE C 210 4.82 -43.25 -10.52
C ILE C 210 4.18 -44.60 -10.27
N LYS C 211 3.58 -45.20 -11.30
CA LYS C 211 2.91 -46.49 -11.12
C LYS C 211 3.90 -47.56 -10.65
N ALA C 212 5.08 -47.64 -11.27
CA ALA C 212 6.06 -48.61 -10.81
C ALA C 212 6.44 -48.35 -9.34
N ILE C 213 6.81 -47.11 -9.03
CA ILE C 213 7.14 -46.79 -7.64
C ILE C 213 5.97 -47.14 -6.73
N ALA C 214 4.75 -46.89 -7.19
CA ALA C 214 3.59 -47.30 -6.42
C ALA C 214 3.58 -48.81 -6.21
N LYS C 215 3.82 -49.59 -7.28
CA LYS C 215 3.70 -51.05 -7.16
C LYS C 215 4.78 -51.61 -6.24
N ARG C 216 5.99 -51.07 -6.30
CA ARG C 216 7.00 -51.52 -5.35
C ARG C 216 6.66 -51.06 -3.93
N THR C 217 6.21 -49.81 -3.78
CA THR C 217 5.95 -49.23 -2.47
C THR C 217 4.94 -50.07 -1.70
N HIS C 218 3.83 -50.42 -2.36
CA HIS C 218 2.80 -51.26 -1.74
C HIS C 218 3.32 -52.65 -1.42
N ALA C 219 4.18 -53.20 -2.28
CA ALA C 219 4.75 -54.51 -2.04
C ALA C 219 5.49 -54.57 -0.71
N MET C 220 6.04 -53.45 -0.28
CA MET C 220 6.87 -53.38 0.93
C MET C 220 6.10 -52.86 2.14
N GLY C 221 4.75 -52.86 2.06
CA GLY C 221 3.85 -52.37 3.08
C GLY C 221 3.94 -50.89 3.33
N ALA C 222 3.86 -50.08 2.27
CA ALA C 222 4.16 -48.66 2.40
C ALA C 222 3.16 -47.83 1.59
N TYR C 223 2.98 -46.57 1.98
CA TYR C 223 2.00 -45.66 1.38
C TYR C 223 2.63 -44.75 0.32
N MET C 224 2.04 -44.75 -0.89
CA MET C 224 2.52 -43.92 -1.99
C MET C 224 1.94 -42.51 -1.87
N VAL C 225 2.82 -41.52 -1.80
CA VAL C 225 2.44 -40.11 -1.83
C VAL C 225 3.02 -39.46 -3.08
N VAL C 226 2.20 -38.69 -3.77
CA VAL C 226 2.52 -38.15 -5.09
C VAL C 226 2.50 -36.64 -5.04
N ASP C 227 3.67 -36.03 -5.25
CA ASP C 227 3.79 -34.60 -5.50
C ASP C 227 3.56 -34.36 -6.98
N ALA C 228 2.42 -33.80 -7.33
CA ALA C 228 2.05 -33.69 -8.72
C ALA C 228 1.76 -32.25 -9.11
N ALA C 229 2.41 -31.28 -8.46
CA ALA C 229 2.16 -29.87 -8.81
C ALA C 229 2.61 -29.53 -10.22
N GLN C 230 3.56 -30.29 -10.76
CA GLN C 230 4.15 -30.12 -12.08
C GLN C 230 3.63 -31.10 -13.10
N SER C 231 2.93 -32.15 -12.67
CA SER C 231 2.39 -33.08 -13.65
C SER C 231 0.95 -32.72 -13.98
N ALA C 232 0.16 -32.38 -12.97
CA ALA C 232 -1.25 -32.07 -13.19
C ALA C 232 -1.52 -31.05 -14.28
N PRO C 233 -0.77 -29.96 -14.42
CA PRO C 233 -1.09 -28.99 -15.48
C PRO C 233 -0.72 -29.44 -16.88
N HIS C 234 -0.02 -30.56 -17.05
CA HIS C 234 0.61 -30.86 -18.33
C HIS C 234 0.30 -32.25 -18.87
N ILE C 235 0.47 -33.26 -18.03
CA ILE C 235 0.19 -34.63 -18.41
C ILE C 235 -1.20 -35.00 -17.92
N LEU C 236 -1.72 -36.14 -18.40
CA LEU C 236 -3.02 -36.61 -17.94
C LEU C 236 -2.81 -37.39 -16.65
N VAL C 237 -3.49 -36.99 -15.58
CA VAL C 237 -3.34 -37.64 -14.27
C VAL C 237 -4.61 -38.42 -13.97
N ASN C 238 -4.45 -39.71 -13.68
CA ASN C 238 -5.53 -40.62 -13.31
C ASN C 238 -5.10 -41.34 -12.05
N VAL C 239 -5.62 -40.89 -10.89
CA VAL C 239 -5.14 -41.44 -9.63
C VAL C 239 -5.36 -42.94 -9.55
N HIS C 240 -6.39 -43.45 -10.22
CA HIS C 240 -6.66 -44.88 -10.11
C HIS C 240 -5.75 -45.69 -11.02
N ASP C 241 -5.30 -45.09 -12.11
CA ASP C 241 -4.26 -45.71 -12.90
C ASP C 241 -2.96 -45.76 -12.12
N LEU C 242 -2.53 -44.62 -11.60
CA LEU C 242 -1.26 -44.56 -10.88
C LEU C 242 -1.28 -45.41 -9.61
N ASP C 243 -2.47 -45.78 -9.12
CA ASP C 243 -2.61 -46.66 -7.96
C ASP C 243 -1.82 -46.12 -6.76
N CYS C 244 -1.84 -44.81 -6.60
CA CYS C 244 -1.23 -44.13 -5.46
C CYS C 244 -2.28 -43.85 -4.37
N ASP C 245 -1.77 -43.58 -3.16
CA ASP C 245 -2.63 -43.32 -2.00
C ASP C 245 -2.92 -41.83 -1.77
N LEU C 246 -1.93 -40.96 -1.89
CA LEU C 246 -2.16 -39.52 -1.77
C LEU C 246 -1.56 -38.82 -2.98
N LEU C 247 -2.23 -37.74 -3.40
CA LEU C 247 -1.79 -36.92 -4.52
C LEU C 247 -2.13 -35.46 -4.25
N ALA C 248 -1.20 -34.56 -4.54
CA ALA C 248 -1.40 -33.15 -4.26
C ALA C 248 -0.97 -32.30 -5.45
N PHE C 249 -1.55 -31.10 -5.54
CA PHE C 249 -1.05 -30.09 -6.49
C PHE C 249 -1.65 -28.72 -6.17
N SER C 250 -1.31 -27.74 -7.00
CA SER C 250 -1.77 -26.37 -6.81
C SER C 250 -2.53 -25.92 -8.05
N ALA C 251 -3.63 -25.18 -7.84
CA ALA C 251 -4.46 -24.79 -8.96
C ALA C 251 -3.78 -23.74 -9.82
N HIS C 252 -2.85 -22.98 -9.24
CA HIS C 252 -2.31 -21.82 -9.93
C HIS C 252 -1.30 -22.18 -11.01
N ARG C 253 -0.93 -23.46 -11.15
CA ARG C 253 -0.14 -23.93 -12.29
C ARG C 253 -0.99 -24.50 -13.41
N MET C 254 -2.28 -24.63 -13.20
CA MET C 254 -3.20 -25.08 -14.23
C MET C 254 -4.32 -24.07 -14.37
N CYS C 255 -3.94 -22.80 -14.50
CA CYS C 255 -4.84 -21.73 -14.84
C CYS C 255 -5.84 -21.41 -13.74
N GLY C 256 -5.69 -22.02 -12.57
CA GLY C 256 -6.53 -21.69 -11.45
C GLY C 256 -6.01 -20.53 -10.64
N PRO C 257 -6.79 -20.11 -9.66
CA PRO C 257 -6.43 -18.92 -8.88
C PRO C 257 -5.30 -19.26 -7.93
N MET C 258 -4.67 -18.21 -7.42
CA MET C 258 -3.75 -18.46 -6.33
C MET C 258 -4.52 -18.80 -5.04
N GLY C 259 -3.80 -19.33 -4.08
CA GLY C 259 -4.42 -19.65 -2.80
C GLY C 259 -5.21 -20.93 -2.74
N ILE C 260 -5.09 -21.84 -3.71
CA ILE C 260 -5.86 -23.09 -3.73
C ILE C 260 -4.93 -24.27 -4.03
N GLY C 261 -4.73 -25.14 -3.04
CA GLY C 261 -4.12 -26.43 -3.25
C GLY C 261 -5.13 -27.55 -3.04
N VAL C 262 -4.92 -28.67 -3.72
CA VAL C 262 -5.83 -29.80 -3.57
C VAL C 262 -5.01 -31.05 -3.19
N LEU C 263 -5.58 -31.85 -2.30
CA LEU C 263 -5.01 -33.13 -1.91
C LEU C 263 -6.09 -34.17 -2.10
N TRP C 264 -5.79 -35.18 -2.89
CA TRP C 264 -6.67 -36.33 -3.01
C TRP C 264 -6.13 -37.50 -2.20
N GLY C 265 -7.03 -38.31 -1.71
CA GLY C 265 -6.65 -39.47 -0.91
C GLY C 265 -7.65 -40.59 -1.10
N ARG C 266 -7.15 -41.81 -0.94
CA ARG C 266 -8.00 -43.00 -0.89
C ARG C 266 -8.91 -42.93 0.34
N ALA C 267 -10.18 -43.23 0.13
CA ALA C 267 -11.21 -42.97 1.13
C ALA C 267 -10.83 -43.58 2.48
N GLU C 268 -10.46 -44.85 2.49
CA GLU C 268 -10.16 -45.51 3.75
C GLU C 268 -8.98 -44.86 4.47
N LEU C 269 -7.91 -44.51 3.75
CA LEU C 269 -6.77 -43.85 4.39
C LEU C 269 -7.15 -42.46 4.90
N LEU C 270 -7.85 -41.67 4.10
CA LEU C 270 -8.27 -40.37 4.57
C LEU C 270 -9.01 -40.48 5.90
N ASN C 271 -10.00 -41.40 5.98
CA ASN C 271 -10.67 -41.61 7.27
C ASN C 271 -9.71 -42.15 8.33
N ALA C 272 -8.73 -42.95 7.94
CA ALA C 272 -7.85 -43.52 8.96
C ALA C 272 -6.91 -42.48 9.55
N MET C 273 -6.52 -41.47 8.76
CA MET C 273 -5.50 -40.52 9.23
C MET C 273 -6.07 -39.57 10.28
N PRO C 274 -5.22 -39.10 11.19
CA PRO C 274 -5.64 -38.05 12.16
C PRO C 274 -5.95 -36.72 11.48
N PRO C 275 -6.56 -35.78 12.20
CA PRO C 275 -6.71 -34.42 11.66
C PRO C 275 -5.42 -33.65 11.78
N PHE C 276 -5.26 -32.64 10.94
CA PHE C 276 -4.02 -31.87 10.95
C PHE C 276 -4.22 -30.53 11.66
N LEU C 277 -4.68 -29.53 10.93
CA LEU C 277 -5.10 -28.29 11.59
C LEU C 277 -6.41 -28.51 12.36
N THR C 278 -6.45 -27.98 13.57
CA THR C 278 -7.59 -28.10 14.45
C THR C 278 -8.19 -26.73 14.68
N GLY C 279 -9.50 -26.73 14.89
CA GLY C 279 -10.27 -25.53 15.18
C GLY C 279 -11.75 -25.76 14.94
N GLY C 280 -12.42 -24.73 14.40
CA GLY C 280 -13.82 -24.84 14.04
C GLY C 280 -14.10 -25.21 12.59
N GLU C 281 -15.27 -25.83 12.39
CA GLU C 281 -15.88 -26.24 11.12
C GLU C 281 -15.24 -27.47 10.48
N MET C 282 -14.38 -28.17 11.19
CA MET C 282 -14.09 -29.54 10.82
C MET C 282 -14.77 -30.50 11.85
N ALA C 294 -15.14 -35.06 12.84
CA ALA C 294 -16.01 -34.88 11.68
C ALA C 294 -15.69 -35.86 10.53
N PRO C 295 -16.48 -35.85 9.46
CA PRO C 295 -16.11 -36.64 8.29
C PRO C 295 -15.14 -35.95 7.35
N VAL C 296 -14.40 -36.80 6.64
CA VAL C 296 -13.73 -36.36 5.41
C VAL C 296 -14.79 -35.82 4.46
N PRO C 297 -14.53 -34.75 3.70
CA PRO C 297 -13.33 -33.92 3.68
C PRO C 297 -13.27 -32.87 4.77
N GLU C 298 -14.42 -32.54 5.36
CA GLU C 298 -14.44 -31.38 6.25
C GLU C 298 -13.47 -31.52 7.41
N LYS C 299 -13.08 -32.73 7.79
CA LYS C 299 -12.15 -32.92 8.91
C LYS C 299 -10.76 -32.36 8.62
N PHE C 300 -10.46 -31.97 7.38
CA PHE C 300 -9.13 -31.50 7.00
C PHE C 300 -9.12 -30.06 6.49
N GLU C 301 -10.20 -29.32 6.74
CA GLU C 301 -10.38 -27.97 6.27
C GLU C 301 -10.89 -27.13 7.44
N ALA C 302 -9.97 -26.55 8.21
CA ALA C 302 -10.30 -25.80 9.41
C ALA C 302 -10.52 -24.32 9.07
N GLY C 303 -11.70 -23.82 9.41
CA GLY C 303 -12.01 -22.42 9.21
C GLY C 303 -12.69 -22.12 7.90
N THR C 304 -12.97 -20.83 7.72
CA THR C 304 -13.58 -20.37 6.49
C THR C 304 -12.60 -20.59 5.33
N GLN C 305 -13.09 -21.16 4.24
CA GLN C 305 -12.23 -21.49 3.11
C GLN C 305 -12.39 -20.46 1.98
N ASP C 306 -11.43 -20.50 1.04
CA ASP C 306 -11.44 -19.58 -0.09
C ASP C 306 -12.48 -20.05 -1.11
N ALA C 307 -13.75 -19.86 -0.72
CA ALA C 307 -14.88 -20.29 -1.55
C ALA C 307 -14.77 -19.76 -2.97
N ALA C 308 -14.49 -18.45 -3.13
CA ALA C 308 -14.32 -17.86 -4.46
C ALA C 308 -13.10 -18.42 -5.18
N GLY C 309 -12.06 -18.80 -4.44
CA GLY C 309 -10.95 -19.48 -5.08
C GLY C 309 -11.29 -20.89 -5.51
N ILE C 310 -11.93 -21.67 -4.61
CA ILE C 310 -12.43 -22.99 -4.98
C ILE C 310 -13.40 -22.89 -6.14
N TYR C 311 -14.22 -21.86 -6.15
CA TYR C 311 -15.17 -21.69 -7.24
C TYR C 311 -14.45 -21.50 -8.57
N ALA C 312 -13.50 -20.55 -8.63
CA ALA C 312 -12.77 -20.31 -9.88
C ALA C 312 -11.88 -21.49 -10.20
N THR C 313 -11.41 -22.21 -9.18
CA THR C 313 -10.65 -23.42 -9.46
C THR C 313 -11.46 -24.39 -10.33
N GLY C 314 -12.77 -24.51 -10.04
CA GLY C 314 -13.66 -25.22 -10.94
C GLY C 314 -13.75 -24.59 -12.33
N ALA C 315 -13.88 -23.26 -12.41
CA ALA C 315 -13.85 -22.62 -13.74
C ALA C 315 -12.62 -23.06 -14.53
N ALA C 316 -11.47 -23.15 -13.87
CA ALA C 316 -10.25 -23.50 -14.59
C ALA C 316 -10.31 -24.96 -15.02
N ILE C 317 -10.82 -25.85 -14.20
CA ILE C 317 -10.91 -27.22 -14.68
C ILE C 317 -11.92 -27.29 -15.82
N LYS C 318 -13.03 -26.56 -15.71
CA LYS C 318 -14.01 -26.60 -16.79
C LYS C 318 -13.47 -25.93 -18.06
N TYR C 319 -12.55 -24.94 -17.93
CA TYR C 319 -11.92 -24.31 -19.09
C TYR C 319 -10.96 -25.27 -19.80
N LEU C 320 -10.25 -26.07 -19.04
CA LEU C 320 -9.33 -27.04 -19.64
C LEU C 320 -10.07 -28.15 -20.41
N ASN C 321 -11.20 -28.66 -19.89
CA ASN C 321 -11.97 -29.63 -20.68
C ASN C 321 -12.33 -29.13 -22.06
N GLY C 322 -12.78 -27.88 -22.15
CA GLY C 322 -13.25 -27.37 -23.42
C GLY C 322 -12.16 -27.41 -24.47
N LEU C 323 -10.93 -27.07 -24.07
CA LEU C 323 -9.81 -27.13 -24.98
C LEU C 323 -9.37 -28.54 -25.30
N ASP C 324 -9.89 -29.53 -24.55
CA ASP C 324 -9.43 -30.91 -24.58
C ASP C 324 -8.03 -30.98 -23.99
N MET C 325 -7.91 -31.59 -22.82
CA MET C 325 -6.60 -31.82 -22.25
C MET C 325 -5.70 -32.59 -23.21
N ALA C 326 -6.27 -33.43 -24.07
CA ALA C 326 -5.46 -34.15 -25.05
C ALA C 326 -4.81 -33.19 -26.05
N LYS C 327 -5.61 -32.31 -26.64
CA LYS C 327 -5.03 -31.29 -27.50
C LYS C 327 -4.04 -30.43 -26.73
N ILE C 328 -4.27 -30.23 -25.43
CA ILE C 328 -3.32 -29.46 -24.64
C ILE C 328 -2.00 -30.21 -24.49
N GLU C 329 -2.06 -31.51 -24.15
CA GLU C 329 -0.82 -32.27 -24.04
C GLU C 329 -0.05 -32.26 -25.36
N LYS C 330 -0.75 -32.46 -26.49
CA LYS C 330 -0.04 -32.57 -27.78
C LYS C 330 0.67 -31.26 -28.15
N ARG C 331 0.01 -30.13 -27.95
CA ARG C 331 0.65 -28.85 -28.24
C ARG C 331 1.85 -28.63 -27.35
N GLU C 332 1.72 -28.97 -26.07
CA GLU C 332 2.83 -28.71 -25.15
C GLU C 332 4.03 -29.63 -25.44
N GLU C 333 3.80 -30.84 -25.93
CA GLU C 333 4.93 -31.65 -26.35
C GLU C 333 5.61 -31.03 -27.57
N LEU C 334 4.84 -30.45 -28.47
CA LEU C 334 5.46 -29.79 -29.62
C LEU C 334 6.18 -28.50 -29.21
N LEU C 335 5.65 -27.77 -28.22
CA LEU C 335 6.39 -26.62 -27.73
C LEU C 335 7.64 -27.07 -26.98
N ALA C 336 7.51 -28.02 -26.07
CA ALA C 336 8.66 -28.56 -25.36
C ALA C 336 9.74 -29.05 -26.31
N ARG C 337 9.36 -29.79 -27.36
CA ARG C 337 10.37 -30.35 -28.26
C ARG C 337 11.05 -29.27 -29.09
N TYR C 338 10.28 -28.27 -29.56
CA TYR C 338 10.85 -27.20 -30.36
C TYR C 338 11.87 -26.38 -29.58
N LEU C 339 11.59 -26.14 -28.29
CA LEU C 339 12.49 -25.36 -27.45
C LEU C 339 13.82 -26.03 -27.29
N VAL C 340 13.82 -27.25 -26.77
CA VAL C 340 15.07 -27.96 -26.52
C VAL C 340 15.82 -28.19 -27.82
N GLN C 341 15.09 -28.45 -28.92
CA GLN C 341 15.73 -28.55 -30.23
C GLN C 341 16.47 -27.27 -30.58
N GLN C 342 15.84 -26.14 -30.30
CA GLN C 342 16.43 -24.86 -30.64
C GLN C 342 17.58 -24.52 -29.70
N LEU C 343 17.44 -24.82 -28.41
CA LEU C 343 18.54 -24.57 -27.47
C LEU C 343 19.78 -25.35 -27.85
N CYS C 344 19.62 -26.59 -28.36
CA CYS C 344 20.80 -27.33 -28.82
C CYS C 344 21.46 -26.72 -30.04
N THR C 345 20.80 -25.87 -30.80
CA THR C 345 21.56 -25.19 -31.83
C THR C 345 22.59 -24.27 -31.21
N LEU C 346 22.36 -23.82 -29.98
CA LEU C 346 23.22 -22.87 -29.28
C LEU C 346 24.31 -23.60 -28.49
N ASP C 347 25.57 -23.31 -28.87
CA ASP C 347 26.73 -24.00 -28.33
C ASP C 347 27.06 -23.53 -26.93
N PHE C 348 26.97 -22.21 -26.71
CA PHE C 348 27.28 -21.63 -25.42
C PHE C 348 26.27 -22.01 -24.36
N VAL C 349 25.26 -22.82 -24.69
CA VAL C 349 24.25 -23.22 -23.73
C VAL C 349 24.45 -24.68 -23.34
N ASP C 350 24.41 -24.94 -22.04
CA ASP C 350 24.37 -26.28 -21.47
C ASP C 350 22.96 -26.52 -20.91
N ILE C 351 22.23 -27.46 -21.52
CA ILE C 351 20.94 -27.91 -21.00
C ILE C 351 21.16 -28.80 -19.79
N VAL C 352 20.51 -28.47 -18.67
CA VAL C 352 20.68 -29.23 -17.44
C VAL C 352 19.55 -30.25 -17.39
N GLY C 353 19.73 -31.34 -18.11
CA GLY C 353 18.69 -32.34 -18.20
C GLY C 353 18.87 -33.14 -19.47
N SER C 354 17.82 -33.86 -19.86
CA SER C 354 17.96 -34.70 -21.03
C SER C 354 17.97 -33.83 -22.28
N LYS C 355 19.00 -34.01 -23.09
CA LYS C 355 19.07 -33.30 -24.36
C LYS C 355 17.98 -33.79 -25.32
N LEU C 356 17.28 -34.88 -25.00
CA LEU C 356 16.09 -35.30 -25.74
C LEU C 356 14.86 -34.57 -25.21
N GLY C 357 14.06 -34.01 -26.13
CA GLY C 357 12.88 -33.23 -25.80
C GLY C 357 11.54 -33.94 -25.63
N GLN C 358 11.41 -35.18 -26.11
CA GLN C 358 10.28 -36.05 -25.81
C GLN C 358 10.25 -36.43 -24.34
N ASN C 359 11.33 -36.06 -23.66
CA ASN C 359 11.72 -36.23 -22.26
C ASN C 359 11.34 -35.08 -21.35
N HIS C 360 11.19 -33.90 -21.88
CA HIS C 360 10.86 -32.76 -21.06
C HIS C 360 9.35 -32.58 -21.02
N VAL C 361 8.75 -32.64 -19.83
CA VAL C 361 7.33 -32.34 -19.65
C VAL C 361 7.23 -30.89 -19.16
N GLY C 362 7.24 -29.93 -20.09
CA GLY C 362 6.97 -28.56 -19.72
C GLY C 362 8.17 -27.71 -19.28
N ALA C 363 9.18 -28.28 -18.60
CA ALA C 363 10.27 -27.48 -18.04
C ALA C 363 11.64 -27.92 -18.58
N VAL C 364 12.45 -26.95 -19.02
CA VAL C 364 13.83 -27.16 -19.49
C VAL C 364 14.78 -26.25 -18.70
N ALA C 365 15.75 -26.84 -18.02
CA ALA C 365 16.76 -26.08 -17.31
C ALA C 365 18.04 -25.96 -18.12
N PHE C 366 18.70 -24.81 -18.00
CA PHE C 366 19.89 -24.53 -18.79
C PHE C 366 20.70 -23.44 -18.13
N ASN C 367 21.87 -23.20 -18.71
CA ASN C 367 22.84 -22.22 -18.26
C ASN C 367 23.53 -21.70 -19.51
N VAL C 368 23.78 -20.42 -19.56
CA VAL C 368 24.75 -19.91 -20.51
C VAL C 368 26.13 -20.20 -19.92
N ARG C 369 27.00 -20.82 -20.70
CA ARG C 369 28.33 -21.14 -20.18
C ARG C 369 29.06 -19.85 -19.80
N GLY C 370 29.34 -19.72 -18.51
CA GLY C 370 30.10 -18.62 -17.98
C GLY C 370 29.27 -17.51 -17.36
N VAL C 371 27.96 -17.51 -17.56
CA VAL C 371 27.11 -16.40 -17.18
C VAL C 371 26.17 -16.84 -16.10
N HIS C 372 26.10 -16.08 -15.01
CA HIS C 372 25.18 -16.42 -13.93
C HIS C 372 23.74 -16.23 -14.37
N PRO C 373 22.86 -17.15 -14.02
CA PRO C 373 21.45 -17.01 -14.42
C PRO C 373 20.84 -15.66 -14.09
N HIS C 374 21.16 -15.06 -12.93
CA HIS C 374 20.58 -13.77 -12.58
C HIS C 374 20.88 -12.74 -13.64
N ASP C 375 22.11 -12.77 -14.16
CA ASP C 375 22.43 -11.89 -15.28
C ASP C 375 21.68 -12.33 -16.54
N VAL C 376 21.62 -13.63 -16.80
CA VAL C 376 20.94 -14.10 -18.01
C VAL C 376 19.50 -13.66 -18.01
N SER C 377 18.82 -13.87 -16.87
CA SER C 377 17.42 -13.47 -16.75
C SER C 377 17.27 -11.96 -16.90
N SER C 378 18.30 -11.22 -16.50
CA SER C 378 18.22 -9.75 -16.53
C SER C 378 18.26 -9.22 -17.96
N ILE C 379 19.18 -9.73 -18.79
CA ILE C 379 19.20 -9.32 -20.20
C ILE C 379 17.92 -9.80 -20.90
N LEU C 380 17.49 -11.03 -20.62
CA LEU C 380 16.26 -11.54 -21.24
C LEU C 380 15.05 -10.70 -20.85
N ASP C 381 15.02 -10.20 -19.61
CA ASP C 381 13.96 -9.28 -19.18
C ASP C 381 13.99 -7.98 -19.95
N MET C 382 15.19 -7.44 -20.17
CA MET C 382 15.34 -6.29 -21.04
C MET C 382 14.90 -6.62 -22.46
N ASN C 383 14.82 -7.90 -22.81
CA ASN C 383 14.30 -8.31 -24.10
C ASN C 383 12.89 -8.84 -24.02
N ASN C 384 12.22 -8.64 -22.88
CA ASN C 384 10.80 -8.99 -22.72
C ASN C 384 10.58 -10.51 -22.80
N VAL C 385 11.32 -11.25 -21.98
CA VAL C 385 11.23 -12.70 -21.85
C VAL C 385 11.19 -13.02 -20.37
N CYS C 386 10.43 -14.04 -19.98
CA CYS C 386 10.28 -14.38 -18.57
CA CYS C 386 10.26 -14.39 -18.57
C CYS C 386 10.76 -15.82 -18.37
N ILE C 387 11.94 -15.95 -17.78
CA ILE C 387 12.53 -17.23 -17.45
C ILE C 387 12.74 -17.19 -15.95
N ARG C 388 12.90 -18.36 -15.36
CA ARG C 388 13.24 -18.44 -13.94
C ARG C 388 14.74 -18.60 -13.82
N ALA C 389 15.32 -17.98 -12.81
CA ALA C 389 16.74 -18.11 -12.57
C ALA C 389 16.97 -18.37 -11.09
N GLY C 390 17.86 -19.32 -10.81
CA GLY C 390 18.19 -19.69 -9.45
C GLY C 390 18.26 -21.18 -9.18
N HIS C 391 17.77 -21.60 -8.02
CA HIS C 391 17.81 -23.00 -7.66
C HIS C 391 16.43 -23.62 -7.58
N HIS C 392 15.36 -22.84 -7.81
CA HIS C 392 14.03 -23.40 -8.05
C HIS C 392 13.51 -24.21 -6.87
N CYS C 393 13.98 -23.87 -5.66
CA CYS C 393 13.55 -24.57 -4.46
C CYS C 393 13.74 -26.08 -4.62
N ALA C 394 14.80 -26.46 -5.35
CA ALA C 394 15.26 -27.84 -5.49
C ALA C 394 16.78 -27.90 -5.30
N GLU C 395 17.25 -27.34 -4.19
CA GLU C 395 18.70 -27.25 -3.98
C GLU C 395 19.36 -28.61 -4.02
N PRO C 396 18.89 -29.63 -3.27
CA PRO C 396 19.54 -30.94 -3.34
C PRO C 396 19.73 -31.45 -4.75
N LEU C 397 18.75 -31.28 -5.62
CA LEU C 397 18.94 -31.69 -7.00
C LEU C 397 20.05 -30.89 -7.68
N LEU C 398 20.05 -29.57 -7.50
CA LEU C 398 21.06 -28.77 -8.19
C LEU C 398 22.46 -29.11 -7.69
N ILE C 399 22.58 -29.41 -6.39
CA ILE C 399 23.83 -29.93 -5.84
C ILE C 399 24.21 -31.23 -6.53
N GLU C 400 23.29 -32.19 -6.56
CA GLU C 400 23.52 -33.47 -7.21
C GLU C 400 24.04 -33.26 -8.61
N LEU C 401 23.47 -32.31 -9.32
CA LEU C 401 23.93 -32.02 -10.66
C LEU C 401 25.06 -31.02 -10.71
N HIS C 402 25.74 -30.69 -9.58
CA HIS C 402 26.96 -29.85 -9.70
C HIS C 402 26.70 -28.45 -10.22
N GLU C 403 25.63 -27.84 -9.70
CA GLU C 403 25.24 -26.50 -10.04
C GLU C 403 24.89 -25.70 -8.80
N SER C 404 25.04 -24.37 -8.88
CA SER C 404 24.49 -23.45 -7.88
C SER C 404 23.19 -22.83 -8.37
N SER C 405 23.15 -22.45 -9.64
CA SER C 405 21.97 -21.88 -10.24
C SER C 405 21.82 -22.37 -11.67
N THR C 406 20.57 -22.38 -12.13
CA THR C 406 20.28 -22.64 -13.53
C THR C 406 19.12 -21.75 -13.97
N CYS C 407 19.13 -21.39 -15.25
CA CYS C 407 17.93 -20.83 -15.86
C CYS C 407 16.92 -21.93 -16.12
N ARG C 408 15.68 -21.53 -16.37
CA ARG C 408 14.64 -22.49 -16.69
C ARG C 408 13.61 -21.82 -17.59
N ALA C 409 13.25 -22.46 -18.72
CA ALA C 409 12.13 -22.01 -19.54
C ALA C 409 10.96 -23.00 -19.48
N SER C 410 9.73 -22.47 -19.47
CA SER C 410 8.54 -23.29 -19.23
C SER C 410 7.43 -22.97 -20.21
N VAL C 411 7.01 -23.94 -20.97
CA VAL C 411 5.99 -23.73 -21.98
C VAL C 411 4.66 -24.25 -21.48
N ALA C 412 3.61 -23.59 -21.92
CA ALA C 412 2.26 -24.03 -21.71
C ALA C 412 1.56 -23.95 -23.07
N PHE C 413 0.29 -24.40 -23.11
CA PHE C 413 -0.44 -24.44 -24.36
C PHE C 413 -0.62 -23.06 -25.00
N TYR C 414 -0.58 -22.00 -24.20
CA TYR C 414 -0.80 -20.65 -24.67
C TYR C 414 0.51 -19.96 -25.09
N ASN C 415 1.61 -20.71 -25.28
CA ASN C 415 2.82 -20.18 -25.92
C ASN C 415 2.87 -20.63 -27.38
N ASP C 416 3.73 -19.97 -28.14
CA ASP C 416 3.89 -20.26 -29.57
C ASP C 416 5.37 -20.22 -29.96
N LYS C 417 5.67 -20.71 -31.17
CA LYS C 417 7.05 -20.72 -31.66
C LYS C 417 7.70 -19.34 -31.57
N HIS C 418 6.92 -18.27 -31.69
CA HIS C 418 7.52 -16.95 -31.56
C HIS C 418 8.00 -16.70 -30.13
N ASP C 419 7.29 -17.23 -29.14
CA ASP C 419 7.81 -17.12 -27.77
C ASP C 419 9.17 -17.80 -27.64
N ILE C 420 9.35 -18.95 -28.29
CA ILE C 420 10.62 -19.64 -28.18
C ILE C 420 11.68 -18.93 -29.01
N ASP C 421 11.26 -18.23 -30.06
CA ASP C 421 12.24 -17.52 -30.86
C ASP C 421 12.69 -16.22 -30.20
N GLN C 422 11.84 -15.54 -29.41
CA GLN C 422 12.35 -14.40 -28.66
C GLN C 422 13.37 -14.82 -27.61
N LEU C 423 13.16 -15.98 -26.98
CA LEU C 423 14.13 -16.49 -26.02
C LEU C 423 15.44 -16.84 -26.70
N ILE C 424 15.38 -17.45 -27.89
CA ILE C 424 16.59 -17.82 -28.60
C ILE C 424 17.34 -16.59 -29.07
N GLU C 425 16.64 -15.63 -29.68
CA GLU C 425 17.35 -14.42 -30.12
C GLU C 425 17.70 -13.52 -28.94
N GLY C 426 17.08 -13.71 -27.80
CA GLY C 426 17.47 -12.92 -26.66
C GLY C 426 18.71 -13.50 -26.03
N LEU C 427 18.74 -14.84 -25.93
CA LEU C 427 19.92 -15.53 -25.45
C LEU C 427 21.15 -15.16 -26.28
N ASN C 428 20.98 -15.02 -27.59
CA ASN C 428 22.08 -14.62 -28.45
C ASN C 428 22.61 -13.25 -28.11
N GLN C 429 21.72 -12.32 -27.78
CA GLN C 429 22.16 -11.05 -27.22
C GLN C 429 23.04 -11.29 -25.98
N VAL C 430 22.63 -12.21 -25.11
CA VAL C 430 23.40 -12.46 -23.89
C VAL C 430 24.82 -12.87 -24.24
N TRP C 431 24.97 -13.73 -25.24
CA TRP C 431 26.31 -14.16 -25.63
C TRP C 431 27.11 -12.98 -26.17
N LYS C 432 26.51 -12.20 -27.07
CA LYS C 432 27.16 -11.04 -27.67
C LYS C 432 27.68 -10.05 -26.62
N ILE C 433 27.18 -10.09 -25.39
CA ILE C 433 27.71 -9.23 -24.34
C ILE C 433 28.75 -9.97 -23.47
N PHE C 434 28.61 -11.28 -23.30
CA PHE C 434 29.48 -11.97 -22.35
C PHE C 434 30.43 -12.97 -23.00
N MET D 19 6.85 31.60 20.27
CA MET D 19 5.89 32.03 21.29
C MET D 19 4.91 33.09 20.75
N THR D 20 3.72 33.18 21.34
CA THR D 20 2.71 34.15 20.93
C THR D 20 2.68 35.33 21.88
N ASP D 21 2.16 36.44 21.40
CA ASP D 21 1.95 37.60 22.26
C ASP D 21 0.98 37.26 23.39
N THR D 22 0.06 36.32 23.14
CA THR D 22 -0.87 35.82 24.16
C THR D 22 -0.19 34.86 25.15
N GLU D 23 0.96 34.28 24.78
CA GLU D 23 1.71 33.40 25.67
C GLU D 23 2.63 34.18 26.58
N VAL D 24 3.32 35.21 26.07
CA VAL D 24 4.03 36.09 26.99
C VAL D 24 3.04 36.71 27.97
N ALA D 25 1.77 36.75 27.59
CA ALA D 25 0.74 37.26 28.49
C ALA D 25 0.52 36.33 29.67
N GLN D 26 0.43 35.03 29.43
CA GLN D 26 0.24 34.08 30.52
C GLN D 26 1.40 34.13 31.50
N ILE D 27 2.63 34.28 31.01
CA ILE D 27 3.75 34.20 31.93
C ILE D 27 4.16 35.54 32.49
N THR D 28 3.74 36.64 31.88
CA THR D 28 3.91 37.93 32.55
C THR D 28 3.08 37.94 33.84
N ASP D 29 1.90 37.35 33.80
CA ASP D 29 1.09 37.18 34.98
C ASP D 29 1.60 36.01 35.81
N ASN D 30 1.44 36.13 37.13
CA ASN D 30 1.80 35.06 38.07
C ASN D 30 0.65 34.86 39.03
N PRO D 31 -0.26 33.94 38.74
CA PRO D 31 -1.35 33.65 39.67
C PRO D 31 -0.93 32.83 40.88
N TYR D 32 0.35 32.37 40.98
CA TYR D 32 0.71 31.34 41.94
C TYR D 32 1.74 31.75 43.00
N LYS D 33 2.57 32.79 42.76
CA LYS D 33 3.69 33.05 43.66
C LYS D 33 3.24 33.37 45.09
N ALA D 34 2.03 33.94 45.27
CA ALA D 34 1.59 34.29 46.63
C ALA D 34 1.41 33.09 47.55
N ASP D 35 1.16 31.89 47.00
CA ASP D 35 0.92 30.69 47.82
C ASP D 35 2.17 30.16 48.53
N PHE D 36 3.32 30.78 48.30
CA PHE D 36 4.58 30.31 48.83
C PHE D 36 5.13 31.36 49.78
N PRO D 37 5.26 31.04 51.07
CA PRO D 37 5.70 32.06 52.04
C PRO D 37 7.07 32.61 51.74
N ILE D 38 8.01 31.77 51.31
CA ILE D 38 9.38 32.23 51.12
C ILE D 38 9.44 33.24 49.98
N LEU D 39 8.65 33.00 48.91
CA LEU D 39 8.60 33.92 47.79
C LEU D 39 7.74 35.14 48.12
N ALA D 40 6.70 34.96 48.91
CA ALA D 40 5.86 36.08 49.30
C ALA D 40 6.67 37.11 50.03
N ALA D 41 7.55 36.66 50.94
CA ALA D 41 8.38 37.55 51.76
C ALA D 41 9.49 38.23 50.98
N ASN D 42 9.79 37.78 49.77
CA ASN D 42 10.97 38.24 49.05
C ASN D 42 10.67 38.37 47.56
N PRO D 43 9.93 39.41 47.18
CA PRO D 43 9.69 39.61 45.73
C PRO D 43 10.93 40.00 44.97
N LYS D 44 11.93 40.56 45.65
CA LYS D 44 13.16 40.94 44.97
C LYS D 44 13.96 39.74 44.45
N VAL D 45 13.54 38.49 44.75
CA VAL D 45 14.41 37.35 44.53
C VAL D 45 13.78 36.58 43.38
N ALA D 46 14.60 36.04 42.49
CA ALA D 46 14.10 35.14 41.44
C ALA D 46 14.71 33.77 41.70
N TYR D 47 13.85 32.78 41.99
CA TYR D 47 14.27 31.43 42.38
C TYR D 47 14.17 30.54 41.16
N LEU D 48 15.33 30.13 40.63
CA LEU D 48 15.43 29.37 39.39
C LEU D 48 16.31 28.12 39.56
N ASP D 49 16.15 27.40 40.69
CA ASP D 49 16.76 26.08 40.95
C ASP D 49 15.70 25.09 41.46
N SER D 50 14.49 25.12 40.90
CA SER D 50 13.44 24.18 41.31
C SER D 50 13.75 22.74 40.93
N ALA D 51 14.75 22.50 40.09
CA ALA D 51 15.20 21.13 39.86
C ALA D 51 15.90 20.58 41.08
N ALA D 52 16.44 21.47 41.91
CA ALA D 52 17.08 21.05 43.14
C ALA D 52 16.04 20.70 44.20
N THR D 53 15.20 21.64 44.56
CA THR D 53 14.08 21.34 45.44
C THR D 53 13.06 22.45 45.24
N SER D 54 11.78 22.10 45.38
CA SER D 54 10.74 23.09 45.18
C SER D 54 10.60 24.00 46.38
N GLN D 55 9.80 25.04 46.20
CA GLN D 55 9.38 25.81 47.35
C GLN D 55 8.09 25.23 47.93
N ARG D 56 7.84 25.55 49.19
CA ARG D 56 6.74 24.85 49.79
C ARG D 56 5.49 25.72 49.81
N PRO D 57 4.35 25.13 49.47
CA PRO D 57 3.09 25.84 49.69
C PRO D 57 2.84 26.01 51.18
N ARG D 58 2.20 27.13 51.54
CA ARG D 58 1.81 27.36 52.93
C ARG D 58 0.96 26.21 53.46
N VAL D 59 0.06 25.70 52.62
CA VAL D 59 -0.81 24.61 53.04
C VAL D 59 0.01 23.41 53.50
N VAL D 60 1.06 23.07 52.72
CA VAL D 60 1.89 21.91 53.01
C VAL D 60 2.65 22.12 54.30
N ILE D 61 3.19 23.33 54.49
CA ILE D 61 3.87 23.67 55.74
C ILE D 61 2.90 23.56 56.91
N GLU D 62 1.71 24.15 56.77
CA GLU D 62 0.76 24.06 57.88
C GLU D 62 0.31 22.63 58.10
N ALA D 63 0.25 21.81 57.04
CA ALA D 63 -0.25 20.44 57.21
C ALA D 63 0.72 19.56 57.98
N GLN D 64 2.01 19.76 57.80
CA GLN D 64 2.94 18.95 58.56
C GLN D 64 2.83 19.33 60.02
N SER D 65 2.57 20.61 60.25
CA SER D 65 2.64 21.14 61.59
CA SER D 65 2.64 21.14 61.59
C SER D 65 1.41 20.76 62.40
N ARG D 66 0.25 20.73 61.77
CA ARG D 66 -0.91 20.32 62.56
C ARG D 66 -0.86 18.83 62.85
N PHE D 67 -0.32 18.04 61.92
CA PHE D 67 -0.19 16.63 62.20
C PHE D 67 0.45 16.45 63.58
N TYR D 68 1.55 17.15 63.82
CA TYR D 68 2.23 17.06 65.11
C TYR D 68 1.39 17.64 66.22
N GLU D 69 0.52 18.59 65.88
CA GLU D 69 -0.32 19.29 66.85
C GLU D 69 -1.56 18.52 67.26
N THR D 70 -2.09 17.68 66.37
CA THR D 70 -3.38 17.04 66.59
C THR D 70 -3.36 15.50 66.62
N MET D 71 -2.40 14.82 66.00
CA MET D 71 -2.45 13.36 65.90
C MET D 71 -1.23 12.68 66.52
N ASN D 72 -0.02 12.84 65.96
CA ASN D 72 1.28 12.34 66.45
C ASN D 72 1.26 10.82 66.68
N ALA D 73 1.19 10.07 65.56
CA ALA D 73 1.12 8.61 65.61
C ALA D 73 2.42 8.02 66.14
N ASN D 74 2.37 6.79 66.63
CA ASN D 74 3.57 6.17 67.18
C ASN D 74 4.30 5.36 66.11
N ARG D 81 -7.02 7.07 70.43
CA ARG D 81 -7.72 7.42 69.22
C ARG D 81 -6.73 7.95 68.20
N TRP D 82 -5.59 8.47 68.70
CA TRP D 82 -4.57 9.10 67.87
C TRP D 82 -3.79 8.09 67.04
N SER D 83 -4.13 6.80 67.13
CA SER D 83 -3.62 5.81 66.19
C SER D 83 -4.67 5.36 65.19
N VAL D 84 -5.94 5.60 65.51
CA VAL D 84 -7.00 5.37 64.53
C VAL D 84 -6.99 6.48 63.47
N ASP D 85 -7.18 7.74 63.89
CA ASP D 85 -7.37 8.81 62.92
C ASP D 85 -6.08 9.07 62.12
N ALA D 86 -4.93 8.79 62.71
CA ALA D 86 -3.68 8.93 61.98
C ALA D 86 -3.55 7.85 60.92
N THR D 87 -3.81 6.59 61.30
CA THR D 87 -3.64 5.50 60.35
C THR D 87 -4.54 5.71 59.13
N ALA D 88 -5.73 6.26 59.35
CA ALA D 88 -6.59 6.54 58.20
C ALA D 88 -5.95 7.56 57.26
N ALA D 89 -5.11 8.44 57.80
CA ALA D 89 -4.54 9.51 56.98
C ALA D 89 -3.30 9.07 56.21
N ILE D 90 -2.44 8.22 56.80
CA ILE D 90 -1.32 7.71 56.01
C ILE D 90 -1.84 6.97 54.78
N GLU D 91 -2.96 6.26 54.93
CA GLU D 91 -3.53 5.58 53.77
C GLU D 91 -4.11 6.58 52.78
N ASP D 92 -4.81 7.61 53.28
CA ASP D 92 -5.31 8.65 52.39
C ASP D 92 -4.18 9.25 51.56
N ALA D 93 -2.98 9.33 52.14
CA ALA D 93 -1.83 9.88 51.46
C ALA D 93 -1.31 8.93 50.37
N ARG D 94 -0.99 7.67 50.74
CA ARG D 94 -0.71 6.64 49.75
C ARG D 94 -1.73 6.67 48.62
N ALA D 95 -3.01 6.75 48.97
CA ALA D 95 -4.05 6.74 47.94
C ALA D 95 -3.93 7.97 47.04
N SER D 96 -3.75 9.14 47.65
CA SER D 96 -3.62 10.37 46.89
C SER D 96 -2.39 10.32 45.97
N ILE D 97 -1.26 9.84 46.47
CA ILE D 97 -0.09 9.71 45.63
C ILE D 97 -0.34 8.68 44.52
N ALA D 98 -0.93 7.54 44.84
CA ALA D 98 -1.13 6.53 43.81
C ALA D 98 -2.01 7.08 42.68
N LYS D 99 -3.16 7.68 43.03
CA LYS D 99 -4.02 8.25 41.99
C LYS D 99 -3.28 9.33 41.18
N PHE D 100 -2.33 10.03 41.80
CA PHE D 100 -1.58 11.06 41.08
C PHE D 100 -0.70 10.48 39.95
N ILE D 101 -0.17 9.27 40.12
CA ILE D 101 0.73 8.68 39.12
C ILE D 101 0.03 7.59 38.29
N GLY D 102 -1.30 7.57 38.30
CA GLY D 102 -2.07 6.57 37.60
C GLY D 102 -2.15 5.20 38.26
N ALA D 103 -1.54 4.99 39.41
CA ALA D 103 -1.45 3.64 39.99
C ALA D 103 -2.82 3.27 40.57
N VAL D 104 -3.71 2.82 39.67
CA VAL D 104 -5.11 2.58 40.00
C VAL D 104 -5.51 1.16 39.57
N ASP D 105 -6.60 0.67 40.17
CA ASP D 105 -7.14 -0.67 39.90
C ASP D 105 -8.06 -0.60 38.68
N ALA D 108 -12.57 1.00 40.26
CA ALA D 108 -11.44 1.90 39.97
C ALA D 108 -10.71 2.35 41.27
N LYS D 109 -9.93 1.38 41.89
CA LYS D 109 -9.39 1.78 43.18
C LYS D 109 -7.95 2.26 43.06
N PRO D 110 -7.50 3.18 43.92
CA PRO D 110 -6.08 3.54 43.91
C PRO D 110 -5.23 2.46 44.54
N GLU D 111 -4.09 2.19 43.90
CA GLU D 111 -3.19 1.11 44.26
C GLU D 111 -2.26 1.53 45.40
N SER D 112 -2.87 1.91 46.52
CA SER D 112 -2.13 2.47 47.64
C SER D 112 -1.29 1.43 48.38
N GLN D 113 -1.59 0.15 48.23
CA GLN D 113 -0.73 -0.81 48.88
C GLN D 113 0.48 -1.18 48.04
N GLN D 114 0.67 -0.50 46.91
CA GLN D 114 1.83 -0.68 46.07
C GLN D 114 2.75 0.54 46.05
N ILE D 115 2.62 1.46 47.00
CA ILE D 115 3.54 2.58 47.05
C ILE D 115 4.15 2.67 48.44
N ILE D 116 5.46 2.87 48.46
CA ILE D 116 6.32 2.72 49.63
C ILE D 116 7.04 4.03 49.88
N PHE D 117 7.28 4.36 51.15
CA PHE D 117 7.99 5.59 51.48
C PHE D 117 9.46 5.34 51.81
N THR D 118 10.29 6.31 51.43
CA THR D 118 11.72 6.31 51.71
C THR D 118 12.10 7.72 52.11
N ARG D 119 13.40 7.94 52.33
CA ARG D 119 13.85 9.30 52.60
C ARG D 119 13.70 10.19 51.40
N ASN D 120 13.99 9.64 50.20
CA ASN D 120 14.20 10.34 48.94
C ASN D 120 14.49 9.35 47.78
N THR D 121 14.69 9.87 46.56
CA THR D 121 14.85 9.00 45.39
C THR D 121 16.10 8.14 45.51
N SER D 122 17.14 8.69 46.14
CA SER D 122 18.37 7.95 46.31
C SER D 122 18.12 6.68 47.11
N GLU D 123 17.30 6.74 48.15
CA GLU D 123 17.03 5.51 48.89
C GLU D 123 16.22 4.54 48.05
N ALA D 124 15.17 5.02 47.40
CA ALA D 124 14.37 4.09 46.63
C ALA D 124 15.21 3.38 45.60
N LEU D 125 16.17 4.09 45.00
CA LEU D 125 17.04 3.45 44.03
C LEU D 125 18.00 2.46 44.66
N ASN D 126 18.60 2.81 45.81
CA ASN D 126 19.41 1.84 46.53
C ASN D 126 18.58 0.60 46.89
N LEU D 127 17.32 0.79 47.30
CA LEU D 127 16.43 -0.33 47.63
C LEU D 127 16.17 -1.21 46.41
N VAL D 128 15.80 -0.59 45.29
CA VAL D 128 15.58 -1.36 44.07
C VAL D 128 16.86 -2.09 43.71
N ALA D 129 17.97 -1.37 43.70
CA ALA D 129 19.24 -1.95 43.28
C ALA D 129 19.63 -3.16 44.16
N SER D 130 19.38 -3.08 45.47
CA SER D 130 19.73 -4.22 46.33
C SER D 130 18.71 -5.33 46.22
N SER D 131 17.42 -4.99 46.34
CA SER D 131 16.41 -6.05 46.34
CA SER D 131 16.40 -6.04 46.34
C SER D 131 16.24 -6.67 44.96
N LEU D 132 15.96 -5.84 43.95
CA LEU D 132 15.84 -6.40 42.61
C LEU D 132 17.15 -7.02 42.16
N GLY D 133 18.26 -6.43 42.60
CA GLY D 133 19.57 -6.98 42.26
C GLY D 133 19.74 -8.41 42.73
N ARG D 134 19.27 -8.71 43.95
CA ARG D 134 19.40 -10.08 44.46
C ARG D 134 18.42 -11.03 43.78
N TYR D 135 17.18 -10.59 43.59
CA TYR D 135 16.15 -11.45 43.02
C TYR D 135 16.42 -11.85 41.56
N ALA D 136 17.08 -11.00 40.77
CA ALA D 136 17.06 -11.15 39.32
C ALA D 136 18.41 -11.32 38.66
N LEU D 137 19.45 -10.66 39.13
CA LEU D 137 20.73 -10.66 38.42
C LEU D 137 21.53 -11.91 38.77
N LYS D 138 21.75 -12.78 37.78
CA LYS D 138 22.63 -13.95 37.77
C LYS D 138 23.90 -13.62 36.98
N PRO D 139 25.03 -14.28 37.25
CA PRO D 139 26.32 -13.73 36.79
C PRO D 139 26.38 -13.79 35.27
N GLY D 140 26.82 -12.68 34.67
CA GLY D 140 26.83 -12.52 33.23
C GLY D 140 25.60 -11.82 32.65
N ASP D 141 24.57 -11.59 33.45
CA ASP D 141 23.46 -10.75 33.03
C ASP D 141 23.94 -9.31 32.93
N ASP D 142 23.17 -8.49 32.24
CA ASP D 142 23.54 -7.11 31.98
C ASP D 142 22.54 -6.16 32.62
N VAL D 143 23.02 -5.12 33.30
CA VAL D 143 22.20 -4.03 33.83
C VAL D 143 22.43 -2.79 32.97
N VAL D 144 21.38 -2.25 32.38
CA VAL D 144 21.54 -1.12 31.45
C VAL D 144 20.99 0.16 32.07
N ILE D 145 21.85 1.17 32.21
CA ILE D 145 21.37 2.51 32.55
C ILE D 145 21.67 3.42 31.37
N SER D 146 21.46 4.73 31.50
CA SER D 146 21.79 5.68 30.43
C SER D 146 22.95 6.57 30.84
N ILE D 147 23.60 7.18 29.86
CA ILE D 147 24.68 8.10 30.20
C ILE D 147 24.20 9.39 30.89
N MET D 148 22.92 9.73 30.75
CA MET D 148 22.40 10.96 31.31
C MET D 148 21.90 10.77 32.75
N GLU D 149 22.24 9.62 33.36
CA GLU D 149 21.81 9.32 34.72
C GLU D 149 22.44 10.25 35.74
N HIS D 150 21.64 10.61 36.74
CA HIS D 150 22.13 11.17 37.98
C HIS D 150 22.79 10.05 38.81
N HIS D 151 23.75 10.43 39.65
CA HIS D 151 24.61 9.47 40.34
C HIS D 151 23.82 8.42 41.14
N SER D 152 22.68 8.81 41.73
CA SER D 152 21.90 7.85 42.53
C SER D 152 21.36 6.68 41.70
N ASN D 153 21.25 6.83 40.38
CA ASN D 153 20.92 5.74 39.47
C ASN D 153 22.17 5.17 38.78
N ILE D 154 23.33 5.26 39.43
CA ILE D 154 24.59 4.81 38.85
C ILE D 154 25.32 3.94 39.84
N ILE D 155 25.67 4.54 40.97
CA ILE D 155 26.60 3.89 41.90
C ILE D 155 26.00 2.61 42.48
N PRO D 156 24.73 2.59 42.93
CA PRO D 156 24.20 1.32 43.41
C PRO D 156 24.23 0.27 42.34
N TRP D 157 24.09 0.66 41.07
CA TRP D 157 24.12 -0.32 39.99
C TRP D 157 25.51 -0.88 39.77
N GLN D 158 26.52 -0.03 39.94
CA GLN D 158 27.90 -0.49 39.95
C GLN D 158 28.14 -1.49 41.08
N GLN D 159 27.72 -1.13 42.30
CA GLN D 159 27.94 -2.00 43.45
C GLN D 159 27.30 -3.36 43.23
N ILE D 160 25.99 -3.37 42.98
CA ILE D 160 25.29 -4.64 42.82
C ILE D 160 25.87 -5.44 41.66
N CYS D 161 26.36 -4.75 40.63
CA CYS D 161 27.05 -5.46 39.54
C CYS D 161 28.29 -6.18 40.05
N LYS D 162 29.13 -5.49 40.81
CA LYS D 162 30.31 -6.15 41.35
C LYS D 162 29.90 -7.28 42.27
N ALA D 163 28.85 -7.08 43.05
CA ALA D 163 28.41 -8.14 43.93
C ALA D 163 27.94 -9.38 43.17
N THR D 164 27.40 -9.23 41.96
CA THR D 164 26.69 -10.35 41.34
C THR D 164 27.32 -10.85 40.05
N GLY D 165 28.47 -10.31 39.65
CA GLY D 165 29.10 -10.73 38.42
C GLY D 165 28.35 -10.31 37.17
N ALA D 166 27.72 -9.14 37.18
CA ALA D 166 26.93 -8.65 36.07
C ALA D 166 27.59 -7.44 35.44
N ASN D 167 27.39 -7.27 34.13
CA ASN D 167 27.98 -6.16 33.38
C ASN D 167 27.05 -4.95 33.37
N LEU D 168 27.65 -3.76 33.31
CA LEU D 168 26.89 -2.50 33.38
C LEU D 168 26.96 -1.82 32.01
N VAL D 169 25.82 -1.65 31.35
CA VAL D 169 25.78 -1.11 29.99
C VAL D 169 25.15 0.28 30.02
N TYR D 170 25.69 1.19 29.20
CA TYR D 170 25.19 2.55 29.11
C TYR D 170 24.53 2.81 27.76
N LEU D 171 23.37 3.49 27.80
CA LEU D 171 22.68 4.00 26.62
C LEU D 171 23.20 5.39 26.35
N ARG D 172 23.65 5.65 25.13
CA ARG D 172 24.30 6.92 24.78
C ARG D 172 23.36 7.78 23.95
N MET D 173 23.77 9.03 23.76
CA MET D 173 22.98 10.06 23.09
C MET D 173 23.49 10.28 21.68
N ASN D 174 22.75 11.06 20.91
CA ASN D 174 23.14 11.40 19.55
C ASN D 174 23.37 12.91 19.48
N SER D 175 23.57 13.40 18.25
CA SER D 175 23.63 14.84 17.98
C SER D 175 22.50 15.58 18.68
N GLN D 176 21.27 15.12 18.51
CA GLN D 176 20.15 15.89 19.03
C GLN D 176 19.84 15.59 20.50
N TYR D 177 20.78 14.94 21.21
CA TYR D 177 20.72 14.66 22.65
C TYR D 177 19.65 13.62 23.00
N GLN D 178 19.33 12.73 22.09
CA GLN D 178 18.26 11.77 22.34
C GLN D 178 18.83 10.35 22.44
N ILE D 179 18.02 9.46 23.03
CA ILE D 179 18.30 8.02 23.01
C ILE D 179 17.44 7.44 21.90
N THR D 180 18.06 7.15 20.76
CA THR D 180 17.30 6.80 19.56
C THR D 180 16.82 5.37 19.60
N PRO D 181 15.76 5.04 18.85
CA PRO D 181 15.32 3.64 18.78
C PRO D 181 16.41 2.71 18.29
N GLU D 182 17.35 3.23 17.49
CA GLU D 182 18.48 2.39 17.08
C GLU D 182 19.39 2.09 18.29
N GLU D 183 19.56 3.04 19.20
CA GLU D 183 20.44 2.79 20.34
C GLU D 183 19.81 1.87 21.37
N ILE D 184 18.52 2.07 21.68
CA ILE D 184 17.81 1.21 22.62
C ILE D 184 17.92 -0.25 22.20
N ALA D 185 17.49 -0.55 20.97
CA ALA D 185 17.55 -1.92 20.47
C ALA D 185 18.95 -2.49 20.43
N SER D 186 20.00 -1.67 20.44
CA SER D 186 21.35 -2.18 20.31
CA SER D 186 21.35 -2.18 20.31
C SER D 186 22.04 -2.40 21.65
N LYS D 187 21.59 -1.71 22.72
CA LYS D 187 22.18 -1.88 24.03
C LYS D 187 21.33 -2.69 24.98
N ILE D 188 20.04 -2.88 24.71
CA ILE D 188 19.19 -3.78 25.52
C ILE D 188 19.02 -5.09 24.75
N THR D 189 19.88 -6.08 25.04
CA THR D 189 19.86 -7.33 24.30
C THR D 189 19.32 -8.44 25.20
N GLU D 190 19.34 -9.67 24.69
CA GLU D 190 18.84 -10.82 25.43
C GLU D 190 19.54 -10.99 26.77
N ARG D 191 20.80 -10.51 26.89
CA ARG D 191 21.51 -10.54 28.17
C ARG D 191 20.90 -9.59 29.22
N ALA D 192 20.21 -8.54 28.79
CA ALA D 192 19.61 -7.61 29.74
C ALA D 192 18.65 -8.36 30.70
N LYS D 193 18.75 -8.01 32.04
CA LYS D 193 17.88 -8.40 33.15
C LYS D 193 17.30 -7.19 33.91
N ILE D 194 18.06 -6.10 34.07
CA ILE D 194 17.50 -4.89 34.65
C ILE D 194 17.87 -3.70 33.76
N VAL D 195 16.90 -2.84 33.48
CA VAL D 195 17.13 -1.58 32.76
C VAL D 195 16.60 -0.44 33.62
N SER D 196 17.47 0.52 33.92
CA SER D 196 17.11 1.66 34.78
C SER D 196 17.48 2.96 34.10
N VAL D 197 16.47 3.67 33.63
CA VAL D 197 16.62 4.88 32.84
C VAL D 197 15.85 6.02 33.48
N THR D 198 16.49 7.17 33.60
CA THR D 198 15.81 8.38 34.05
C THR D 198 14.70 8.76 33.09
N HIS D 199 13.63 9.30 33.65
CA HIS D 199 12.54 9.78 32.81
C HIS D 199 12.87 11.15 32.23
N VAL D 200 13.39 12.04 33.05
CA VAL D 200 13.79 13.38 32.63
C VAL D 200 15.17 13.69 33.19
N SER D 201 16.08 14.09 32.33
CA SER D 201 17.43 14.45 32.76
C SER D 201 17.44 15.75 33.56
N ASN D 202 18.11 15.73 34.71
CA ASN D 202 18.24 16.91 35.57
C ASN D 202 19.31 17.89 35.10
N VAL D 203 20.03 17.58 34.03
CA VAL D 203 20.97 18.51 33.44
C VAL D 203 20.51 18.99 32.08
N LEU D 204 20.12 18.07 31.20
CA LEU D 204 19.73 18.46 29.85
C LEU D 204 18.31 18.95 29.77
N GLY D 205 17.43 18.43 30.60
CA GLY D 205 16.02 18.69 30.45
C GLY D 205 15.28 17.78 29.50
N THR D 206 15.94 16.73 28.98
CA THR D 206 15.34 15.86 27.97
C THR D 206 14.35 14.90 28.60
N ARG D 207 13.21 14.70 27.92
CA ARG D 207 12.27 13.65 28.32
C ARG D 207 12.60 12.38 27.54
N ASN D 208 12.93 11.33 28.26
CA ASN D 208 13.26 10.07 27.61
C ASN D 208 12.00 9.27 27.31
N ASP D 209 12.06 8.48 26.25
CA ASP D 209 10.91 7.67 25.88
C ASP D 209 10.83 6.41 26.75
N ILE D 210 10.30 6.59 27.97
CA ILE D 210 10.26 5.50 28.94
C ILE D 210 9.47 4.33 28.40
N LYS D 211 8.32 4.59 27.77
CA LYS D 211 7.48 3.51 27.26
C LYS D 211 8.21 2.70 26.19
N ALA D 212 8.88 3.38 25.27
CA ALA D 212 9.63 2.66 24.25
C ALA D 212 10.69 1.77 24.89
N ILE D 213 11.50 2.35 25.77
CA ILE D 213 12.56 1.61 26.44
C ILE D 213 11.96 0.44 27.23
N ALA D 214 10.80 0.68 27.84
CA ALA D 214 10.06 -0.34 28.56
C ALA D 214 9.67 -1.52 27.66
N LYS D 215 9.14 -1.23 26.46
CA LYS D 215 8.69 -2.31 25.59
C LYS D 215 9.87 -3.15 25.11
N ARG D 216 11.02 -2.52 24.84
CA ARG D 216 12.17 -3.33 24.47
C ARG D 216 12.68 -4.12 25.68
N THR D 217 12.69 -3.49 26.86
CA THR D 217 13.25 -4.13 28.05
C THR D 217 12.48 -5.41 28.37
N HIS D 218 11.16 -5.34 28.30
CA HIS D 218 10.36 -6.54 28.57
C HIS D 218 10.63 -7.61 27.52
N ALA D 219 10.83 -7.21 26.26
CA ALA D 219 11.11 -8.15 25.19
C ALA D 219 12.35 -8.99 25.47
N MET D 220 13.28 -8.46 26.24
CA MET D 220 14.54 -9.15 26.48
C MET D 220 14.61 -9.83 27.84
N GLY D 221 13.45 -10.01 28.49
CA GLY D 221 13.32 -10.62 29.80
C GLY D 221 13.92 -9.76 30.89
N ALA D 222 13.57 -8.48 30.93
CA ALA D 222 14.26 -7.55 31.82
C ALA D 222 13.25 -6.62 32.52
N TYR D 223 13.64 -6.13 33.70
CA TYR D 223 12.79 -5.30 34.55
C TYR D 223 13.04 -3.81 34.31
N MET D 224 11.97 -3.07 34.00
CA MET D 224 12.03 -1.64 33.76
C MET D 224 12.01 -0.88 35.08
N VAL D 225 13.06 -0.11 35.34
CA VAL D 225 13.14 0.74 36.52
C VAL D 225 13.19 2.18 36.04
N VAL D 226 12.40 3.04 36.67
CA VAL D 226 12.23 4.42 36.19
C VAL D 226 12.59 5.38 37.31
N ASP D 227 13.68 6.13 37.12
CA ASP D 227 14.00 7.26 37.98
C ASP D 227 13.25 8.47 37.45
N ALA D 228 12.25 8.91 38.21
CA ALA D 228 11.34 9.93 37.77
C ALA D 228 11.35 11.11 38.73
N ALA D 229 12.49 11.38 39.38
CA ALA D 229 12.53 12.48 40.34
C ALA D 229 12.33 13.85 39.67
N GLN D 230 12.71 13.97 38.41
CA GLN D 230 12.62 15.21 37.65
C GLN D 230 11.44 15.21 36.71
N SER D 231 10.79 14.06 36.51
CA SER D 231 9.62 14.00 35.67
C SER D 231 8.34 14.19 36.48
N ALA D 232 8.28 13.56 37.64
CA ALA D 232 7.07 13.63 38.47
C ALA D 232 6.57 15.04 38.75
N PRO D 233 7.41 16.04 39.07
CA PRO D 233 6.89 17.37 39.38
C PRO D 233 6.41 18.19 38.18
N HIS D 234 6.63 17.73 36.95
CA HIS D 234 6.45 18.61 35.81
C HIS D 234 5.56 18.04 34.73
N ILE D 235 5.87 16.83 34.28
CA ILE D 235 5.07 16.17 33.28
C ILE D 235 4.14 15.20 33.98
N LEU D 236 3.18 14.66 33.23
CA LEU D 236 2.24 13.70 33.78
C LEU D 236 2.89 12.31 33.73
N VAL D 237 2.95 11.65 34.89
CA VAL D 237 3.49 10.31 35.01
C VAL D 237 2.33 9.38 35.29
N ASN D 238 2.15 8.38 34.44
CA ASN D 238 1.10 7.37 34.54
C ASN D 238 1.79 6.03 34.44
N VAL D 239 1.95 5.37 35.60
CA VAL D 239 2.76 4.15 35.64
C VAL D 239 2.24 3.09 34.70
N HIS D 240 0.92 3.05 34.48
CA HIS D 240 0.35 1.99 33.65
C HIS D 240 0.46 2.30 32.17
N ASP D 241 0.50 3.58 31.82
CA ASP D 241 0.81 3.92 30.45
C ASP D 241 2.26 3.60 30.12
N LEU D 242 3.19 4.09 30.95
CA LEU D 242 4.61 3.84 30.72
C LEU D 242 4.97 2.36 30.83
N ASP D 243 4.09 1.55 31.44
CA ASP D 243 4.27 0.09 31.53
C ASP D 243 5.64 -0.27 32.08
N CYS D 244 6.08 0.47 33.10
CA CYS D 244 7.31 0.17 33.81
C CYS D 244 7.03 -0.66 35.06
N ASP D 245 8.09 -1.31 35.58
CA ASP D 245 7.94 -2.18 36.74
C ASP D 245 8.20 -1.46 38.07
N LEU D 246 9.18 -0.58 38.16
CA LEU D 246 9.40 0.22 39.35
C LEU D 246 9.52 1.70 38.96
N LEU D 247 9.02 2.59 39.82
CA LEU D 247 9.12 4.02 39.62
C LEU D 247 9.34 4.70 40.98
N ALA D 248 10.27 5.65 41.02
CA ALA D 248 10.63 6.33 42.27
C ALA D 248 10.70 7.83 42.02
N PHE D 249 10.57 8.61 43.09
CA PHE D 249 10.86 10.05 43.05
C PHE D 249 10.90 10.60 44.48
N SER D 250 11.01 11.92 44.61
CA SER D 250 11.10 12.58 45.89
C SER D 250 9.97 13.60 46.03
N ALA D 251 9.42 13.72 47.23
CA ALA D 251 8.30 14.65 47.37
C ALA D 251 8.77 16.09 47.35
N HIS D 252 10.04 16.35 47.70
CA HIS D 252 10.48 17.72 47.91
C HIS D 252 10.75 18.48 46.61
N ARG D 253 10.66 17.82 45.46
CA ARG D 253 10.74 18.50 44.18
C ARG D 253 9.38 18.83 43.58
N MET D 254 8.31 18.36 44.18
CA MET D 254 6.96 18.63 43.75
C MET D 254 6.13 19.18 44.91
N CYS D 255 6.68 20.18 45.59
CA CYS D 255 6.01 20.96 46.63
C CYS D 255 5.74 20.20 47.93
N GLY D 256 6.24 18.98 48.08
CA GLY D 256 6.13 18.28 49.34
C GLY D 256 7.30 18.51 50.28
N PRO D 257 7.21 17.94 51.48
CA PRO D 257 8.28 18.14 52.47
C PRO D 257 9.52 17.34 52.10
N MET D 258 10.65 17.76 52.69
CA MET D 258 11.85 16.97 52.58
C MET D 258 11.73 15.71 53.45
N GLY D 259 12.62 14.76 53.22
CA GLY D 259 12.60 13.52 53.98
C GLY D 259 11.60 12.49 53.51
N ILE D 260 10.99 12.65 52.33
CA ILE D 260 9.96 11.72 51.83
C ILE D 260 10.28 11.36 50.38
N GLY D 261 10.67 10.12 50.15
CA GLY D 261 10.74 9.55 48.82
C GLY D 261 9.66 8.49 48.68
N VAL D 262 9.18 8.29 47.46
CA VAL D 262 8.18 7.27 47.19
C VAL D 262 8.71 6.36 46.10
N LEU D 263 8.39 5.07 46.22
CA LEU D 263 8.71 4.08 45.20
C LEU D 263 7.43 3.34 44.89
N TRP D 264 7.06 3.31 43.63
CA TRP D 264 5.94 2.46 43.24
C TRP D 264 6.48 1.21 42.56
N GLY D 265 5.73 0.14 42.68
CA GLY D 265 6.10 -1.12 42.06
C GLY D 265 4.87 -1.91 41.69
N ARG D 266 5.01 -2.69 40.62
CA ARG D 266 4.00 -3.69 40.26
C ARG D 266 3.89 -4.74 41.37
N ALA D 267 2.66 -5.01 41.79
CA ALA D 267 2.37 -5.75 43.02
C ALA D 267 3.10 -7.09 43.10
N GLU D 268 3.05 -7.86 42.01
CA GLU D 268 3.65 -9.16 42.03
C GLU D 268 5.15 -9.09 42.28
N LEU D 269 5.81 -8.11 41.67
CA LEU D 269 7.25 -7.93 41.90
C LEU D 269 7.53 -7.46 43.33
N LEU D 270 6.80 -6.47 43.82
CA LEU D 270 6.98 -6.04 45.19
C LEU D 270 6.92 -7.23 46.14
N ASN D 271 5.89 -8.08 45.99
CA ASN D 271 5.82 -9.27 46.85
C ASN D 271 6.93 -10.27 46.54
N ALA D 272 7.33 -10.41 45.28
CA ALA D 272 8.37 -11.38 44.96
C ALA D 272 9.72 -10.92 45.48
N MET D 273 9.94 -9.61 45.59
CA MET D 273 11.25 -9.10 45.96
C MET D 273 11.59 -9.37 47.43
N PRO D 274 12.86 -9.54 47.75
CA PRO D 274 13.28 -9.63 49.16
C PRO D 274 13.10 -8.31 49.89
N PRO D 275 13.20 -8.32 51.22
CA PRO D 275 13.23 -7.05 51.95
C PRO D 275 14.62 -6.41 51.84
N PHE D 276 14.65 -5.09 52.03
CA PHE D 276 15.90 -4.34 51.94
C PHE D 276 16.36 -4.00 53.35
N LEU D 277 15.89 -2.90 53.93
CA LEU D 277 16.10 -2.70 55.36
C LEU D 277 15.28 -3.69 56.18
N THR D 278 15.91 -4.24 57.20
CA THR D 278 15.26 -5.22 58.08
C THR D 278 15.15 -4.67 59.49
N GLY D 279 14.11 -5.07 60.20
CA GLY D 279 14.01 -4.60 61.56
C GLY D 279 12.62 -4.68 62.14
N GLY D 280 12.24 -3.65 62.90
CA GLY D 280 10.90 -3.57 63.47
C GLY D 280 9.91 -2.83 62.58
N GLU D 281 8.63 -3.24 62.70
CA GLU D 281 7.48 -2.71 61.98
C GLU D 281 7.47 -3.09 60.50
N MET D 282 8.34 -4.00 60.10
CA MET D 282 8.35 -4.46 58.71
C MET D 282 7.69 -5.84 58.59
N TRP D 293 8.05 -12.68 56.75
CA TRP D 293 7.98 -11.23 56.52
C TRP D 293 6.52 -10.79 56.37
N ALA D 294 6.27 -9.50 56.70
CA ALA D 294 4.98 -8.84 56.58
C ALA D 294 4.57 -8.69 55.11
N PRO D 295 3.37 -8.18 54.81
CA PRO D 295 3.06 -7.87 53.41
C PRO D 295 3.60 -6.51 53.00
N VAL D 296 3.83 -6.39 51.70
CA VAL D 296 3.96 -5.08 51.07
C VAL D 296 2.70 -4.29 51.37
N PRO D 297 2.77 -2.97 51.65
CA PRO D 297 3.98 -2.15 51.72
C PRO D 297 4.84 -2.28 52.98
N GLU D 298 4.29 -2.77 54.10
CA GLU D 298 5.04 -2.71 55.35
C GLU D 298 6.40 -3.43 55.25
N LYS D 299 6.57 -4.33 54.29
CA LYS D 299 7.81 -5.09 54.13
C LYS D 299 8.98 -4.21 53.78
N PHE D 300 8.73 -2.96 53.35
CA PHE D 300 9.81 -2.12 52.87
C PHE D 300 9.94 -0.84 53.64
N GLU D 301 9.33 -0.75 54.82
CA GLU D 301 9.32 0.47 55.61
C GLU D 301 9.68 0.06 57.04
N ALA D 302 10.98 0.07 57.34
CA ALA D 302 11.51 -0.40 58.62
C ALA D 302 11.59 0.74 59.62
N GLY D 303 10.91 0.57 60.76
CA GLY D 303 10.96 1.55 61.82
C GLY D 303 9.85 2.58 61.71
N THR D 304 9.91 3.52 62.65
CA THR D 304 8.97 4.64 62.65
C THR D 304 9.22 5.51 61.42
N GLN D 305 8.16 5.84 60.71
CA GLN D 305 8.27 6.62 59.49
C GLN D 305 7.87 8.07 59.75
N ASP D 306 8.17 8.93 58.78
CA ASP D 306 7.88 10.34 58.90
C ASP D 306 6.39 10.59 58.62
N ALA D 307 5.58 10.19 59.59
CA ALA D 307 4.12 10.30 59.47
C ALA D 307 3.67 11.72 59.11
N ALA D 308 4.20 12.75 59.80
CA ALA D 308 3.84 14.13 59.46
C ALA D 308 4.34 14.54 58.09
N GLY D 309 5.49 14.02 57.68
CA GLY D 309 5.94 14.30 56.33
C GLY D 309 5.10 13.59 55.29
N ILE D 310 4.79 12.30 55.54
CA ILE D 310 3.90 11.57 54.66
C ILE D 310 2.55 12.26 54.57
N TYR D 311 2.06 12.76 55.69
CA TYR D 311 0.81 13.48 55.71
C TYR D 311 0.88 14.74 54.86
N ALA D 312 1.93 15.54 55.04
CA ALA D 312 2.09 16.73 54.24
C ALA D 312 2.37 16.36 52.79
N THR D 313 3.01 15.22 52.56
CA THR D 313 3.17 14.78 51.18
C THR D 313 1.81 14.67 50.52
N GLY D 314 0.83 14.15 51.27
CA GLY D 314 -0.55 14.18 50.80
C GLY D 314 -1.08 15.59 50.60
N ALA D 315 -0.84 16.49 51.57
CA ALA D 315 -1.26 17.88 51.35
C ALA D 315 -0.72 18.41 50.01
N ALA D 316 0.52 18.07 49.69
CA ALA D 316 1.13 18.61 48.49
C ALA D 316 0.50 18.02 47.24
N ILE D 317 0.20 16.73 47.25
CA ILE D 317 -0.46 16.19 46.08
C ILE D 317 -1.85 16.76 45.93
N LYS D 318 -2.58 16.90 47.03
CA LYS D 318 -3.93 17.45 46.91
C LYS D 318 -3.89 18.91 46.44
N TYR D 319 -2.82 19.64 46.78
CA TYR D 319 -2.65 21.02 46.33
C TYR D 319 -2.37 21.09 44.83
N LEU D 320 -1.58 20.17 44.32
CA LEU D 320 -1.26 20.20 42.89
C LEU D 320 -2.49 19.88 42.03
N ASN D 321 -3.26 18.83 42.38
CA ASN D 321 -4.45 18.51 41.61
C ASN D 321 -5.41 19.69 41.56
N GLY D 322 -5.55 20.41 42.67
CA GLY D 322 -6.47 21.54 42.69
C GLY D 322 -6.12 22.59 41.66
N LEU D 323 -4.81 22.86 41.47
CA LEU D 323 -4.34 23.81 40.46
C LEU D 323 -4.50 23.29 39.05
N ASP D 324 -4.82 22.01 38.88
CA ASP D 324 -4.82 21.31 37.60
C ASP D 324 -3.39 21.14 37.13
N MET D 325 -2.90 19.89 37.18
CA MET D 325 -1.58 19.53 36.69
C MET D 325 -1.41 19.86 35.20
N ALA D 326 -2.49 19.82 34.42
CA ALA D 326 -2.40 20.22 33.02
C ALA D 326 -2.12 21.72 32.92
N LYS D 327 -2.86 22.53 33.68
CA LYS D 327 -2.51 23.94 33.74
C LYS D 327 -1.09 24.11 34.26
N ILE D 328 -0.62 23.21 35.13
CA ILE D 328 0.75 23.31 35.59
C ILE D 328 1.71 22.99 34.45
N GLU D 329 1.50 21.86 33.76
CA GLU D 329 2.38 21.50 32.67
C GLU D 329 2.46 22.61 31.62
N LYS D 330 1.30 23.17 31.23
CA LYS D 330 1.25 24.19 30.18
C LYS D 330 2.00 25.45 30.57
N ARG D 331 1.83 25.92 31.80
CA ARG D 331 2.57 27.10 32.23
C ARG D 331 4.06 26.81 32.24
N GLU D 332 4.45 25.65 32.77
CA GLU D 332 5.87 25.33 32.87
C GLU D 332 6.52 25.16 31.50
N GLU D 333 5.78 24.66 30.50
CA GLU D 333 6.32 24.62 29.16
C GLU D 333 6.52 26.04 28.62
N LEU D 334 5.61 26.95 28.96
CA LEU D 334 5.73 28.32 28.52
C LEU D 334 6.91 29.00 29.19
N LEU D 335 7.17 28.67 30.46
CA LEU D 335 8.35 29.22 31.11
C LEU D 335 9.62 28.64 30.51
N ALA D 336 9.68 27.33 30.35
CA ALA D 336 10.87 26.71 29.75
C ALA D 336 11.18 27.30 28.37
N ARG D 337 10.15 27.49 27.52
CA ARG D 337 10.39 28.00 26.17
C ARG D 337 10.82 29.47 26.23
N TYR D 338 10.21 30.27 27.09
CA TYR D 338 10.58 31.68 27.16
C TYR D 338 12.05 31.87 27.57
N LEU D 339 12.52 31.02 28.48
CA LEU D 339 13.87 31.10 29.03
C LEU D 339 14.90 30.78 27.96
N VAL D 340 14.77 29.63 27.33
CA VAL D 340 15.74 29.22 26.32
C VAL D 340 15.75 30.21 25.16
N GLN D 341 14.57 30.72 24.78
CA GLN D 341 14.50 31.73 23.73
C GLN D 341 15.30 32.96 24.09
N GLN D 342 15.17 33.40 25.33
CA GLN D 342 15.91 34.57 25.76
C GLN D 342 17.41 34.28 25.92
N LEU D 343 17.76 33.08 26.39
CA LEU D 343 19.16 32.71 26.55
C LEU D 343 19.88 32.72 25.20
N CYS D 344 19.19 32.29 24.14
CA CYS D 344 19.77 32.34 22.79
C CYS D 344 19.99 33.76 22.29
N THR D 345 19.31 34.75 22.84
CA THR D 345 19.66 36.10 22.42
C THR D 345 21.06 36.47 22.89
N LEU D 346 21.54 35.88 23.99
CA LEU D 346 22.89 36.18 24.48
C LEU D 346 23.93 35.23 23.86
N ASP D 347 24.85 35.81 23.11
CA ASP D 347 25.84 35.01 22.37
C ASP D 347 26.94 34.49 23.29
N PHE D 348 27.31 35.28 24.28
CA PHE D 348 28.33 34.83 25.21
C PHE D 348 27.83 33.67 26.05
N VAL D 349 26.62 33.20 25.81
CA VAL D 349 26.05 32.07 26.54
C VAL D 349 25.95 30.87 25.60
N ASP D 350 26.42 29.71 26.09
CA ASP D 350 26.28 28.41 25.45
C ASP D 350 25.30 27.53 26.24
N ILE D 351 24.18 27.17 25.62
CA ILE D 351 23.20 26.23 26.20
C ILE D 351 23.70 24.80 26.04
N VAL D 352 23.80 24.08 27.15
CA VAL D 352 24.32 22.70 27.14
C VAL D 352 23.11 21.78 26.95
N GLY D 353 22.69 21.63 25.72
CA GLY D 353 21.54 20.81 25.47
C GLY D 353 20.84 21.26 24.21
N SER D 354 19.57 20.89 24.09
CA SER D 354 18.84 21.21 22.88
C SER D 354 18.52 22.70 22.84
N LYS D 355 18.90 23.35 21.74
CA LYS D 355 18.56 24.76 21.56
C LYS D 355 17.07 24.98 21.33
N LEU D 356 16.28 23.93 21.09
CA LEU D 356 14.82 24.07 21.04
C LEU D 356 14.25 23.93 22.45
N GLY D 357 13.39 24.89 22.84
CA GLY D 357 12.82 24.91 24.18
C GLY D 357 11.60 24.05 24.37
N GLN D 358 11.03 23.55 23.26
CA GLN D 358 10.03 22.50 23.30
C GLN D 358 10.61 21.20 23.83
N ASN D 359 11.92 21.11 23.97
CA ASN D 359 12.59 19.90 24.44
C ASN D 359 12.93 19.93 25.92
N HIS D 360 13.05 21.10 26.52
CA HIS D 360 13.47 21.19 27.91
C HIS D 360 12.24 21.04 28.79
N VAL D 361 12.26 20.01 29.66
CA VAL D 361 11.24 19.83 30.70
C VAL D 361 11.81 20.38 32.01
N GLY D 362 11.62 21.67 32.27
CA GLY D 362 11.96 22.20 33.57
C GLY D 362 13.41 22.64 33.79
N ALA D 363 14.40 21.97 33.19
CA ALA D 363 15.81 22.33 33.47
C ALA D 363 16.56 22.72 32.20
N VAL D 364 17.24 23.86 32.24
CA VAL D 364 18.09 24.30 31.13
C VAL D 364 19.48 24.53 31.69
N ALA D 365 20.45 23.81 31.15
CA ALA D 365 21.84 23.94 31.53
C ALA D 365 22.55 24.85 30.55
N PHE D 366 23.52 25.61 31.04
CA PHE D 366 24.20 26.59 30.20
C PHE D 366 25.54 26.95 30.83
N ASN D 367 26.30 27.72 30.06
CA ASN D 367 27.63 28.16 30.45
C ASN D 367 27.83 29.54 29.87
N VAL D 368 28.37 30.44 30.64
CA VAL D 368 28.88 31.67 30.06
C VAL D 368 30.27 31.36 29.54
N ARG D 369 30.52 31.65 28.25
CA ARG D 369 31.80 31.34 27.65
C ARG D 369 32.93 32.06 28.36
N GLY D 370 33.79 31.27 28.99
CA GLY D 370 34.96 31.78 29.65
C GLY D 370 34.83 31.94 31.13
N VAL D 371 33.63 31.85 31.69
CA VAL D 371 33.40 32.15 33.09
C VAL D 371 32.96 30.89 33.80
N HIS D 372 33.63 30.58 34.90
CA HIS D 372 33.27 29.39 35.68
C HIS D 372 31.89 29.57 36.30
N PRO D 373 31.05 28.53 36.26
CA PRO D 373 29.71 28.67 36.84
C PRO D 373 29.69 29.25 38.25
N HIS D 374 30.63 28.87 39.11
CA HIS D 374 30.61 29.37 40.48
C HIS D 374 30.64 30.89 40.50
N ASP D 375 31.45 31.48 39.63
CA ASP D 375 31.49 32.93 39.49
C ASP D 375 30.17 33.47 38.93
N VAL D 376 29.60 32.76 37.96
CA VAL D 376 28.31 33.19 37.42
C VAL D 376 27.28 33.23 38.54
N SER D 377 27.26 32.17 39.34
CA SER D 377 26.28 32.02 40.40
C SER D 377 26.39 33.10 41.49
N SER D 378 27.61 33.59 41.76
CA SER D 378 27.80 34.63 42.78
C SER D 378 27.32 35.97 42.28
N ILE D 379 27.68 36.35 41.05
CA ILE D 379 27.19 37.60 40.50
C ILE D 379 25.67 37.54 40.41
N LEU D 380 25.10 36.40 40.01
CA LEU D 380 23.64 36.27 40.03
C LEU D 380 23.11 36.30 41.47
N ASP D 381 23.85 35.73 42.44
CA ASP D 381 23.42 35.84 43.84
C ASP D 381 23.38 37.29 44.29
N MET D 382 24.40 38.08 43.91
CA MET D 382 24.38 39.50 44.20
C MET D 382 23.21 40.19 43.51
N ASN D 383 22.63 39.59 42.49
CA ASN D 383 21.46 40.13 41.83
C ASN D 383 20.15 39.45 42.25
N ASN D 384 20.18 38.64 43.31
CA ASN D 384 18.99 37.98 43.85
C ASN D 384 18.40 36.99 42.84
N VAL D 385 19.24 36.09 42.33
CA VAL D 385 18.84 35.05 41.38
C VAL D 385 19.47 33.72 41.82
N CYS D 386 18.69 32.65 41.78
CA CYS D 386 19.14 31.36 42.28
C CYS D 386 19.23 30.35 41.15
N ILE D 387 20.45 29.95 40.83
CA ILE D 387 20.72 28.96 39.80
C ILE D 387 21.64 27.94 40.44
N ARG D 388 21.72 26.78 39.83
CA ARG D 388 22.68 25.80 40.29
C ARG D 388 23.95 25.95 39.47
N ALA D 389 25.09 25.73 40.12
CA ALA D 389 26.36 25.77 39.43
C ALA D 389 27.18 24.56 39.86
N GLY D 390 27.78 23.87 38.89
CA GLY D 390 28.61 22.73 39.19
C GLY D 390 28.35 21.55 38.28
N HIS D 391 28.41 20.33 38.81
CA HIS D 391 28.21 19.19 37.94
C HIS D 391 26.91 18.45 38.23
N HIS D 392 26.11 18.91 39.19
CA HIS D 392 24.73 18.49 39.34
C HIS D 392 24.59 17.00 39.61
N CYS D 393 25.61 16.40 40.22
CA CYS D 393 25.57 14.99 40.56
C CYS D 393 25.15 14.16 39.34
N ALA D 394 25.61 14.61 38.16
CA ALA D 394 25.48 13.86 36.91
C ALA D 394 26.79 13.96 36.13
N GLU D 395 27.90 13.68 36.80
CA GLU D 395 29.20 13.88 36.18
C GLU D 395 29.39 13.10 34.90
N PRO D 396 29.17 11.77 34.84
CA PRO D 396 29.37 11.04 33.58
C PRO D 396 28.75 11.76 32.40
N LEU D 397 27.60 12.39 32.60
CA LEU D 397 27.02 13.17 31.51
C LEU D 397 27.92 14.36 31.15
N LEU D 398 28.40 15.11 32.14
CA LEU D 398 29.19 16.30 31.79
C LEU D 398 30.52 15.92 31.13
N ILE D 399 31.14 14.81 31.56
CA ILE D 399 32.32 14.28 30.89
C ILE D 399 31.99 14.01 29.42
N GLU D 400 30.88 13.33 29.19
CA GLU D 400 30.43 13.06 27.83
C GLU D 400 30.37 14.33 26.99
N LEU D 401 29.79 15.39 27.55
CA LEU D 401 29.64 16.64 26.83
C LEU D 401 30.88 17.51 26.94
N HIS D 402 31.96 17.00 27.52
CA HIS D 402 33.25 17.68 27.59
C HIS D 402 33.13 19.00 28.35
N GLU D 403 32.53 18.90 29.55
CA GLU D 403 32.37 20.00 30.48
C GLU D 403 32.84 19.56 31.86
N SER D 404 33.26 20.50 32.69
CA SER D 404 33.45 20.14 34.08
C SER D 404 32.33 20.66 34.95
N SER D 405 31.86 21.87 34.66
CA SER D 405 30.74 22.47 35.36
C SER D 405 29.88 23.26 34.38
N THR D 406 28.60 23.39 34.71
CA THR D 406 27.66 24.25 33.98
C THR D 406 26.74 24.91 34.98
N CYS D 407 26.21 26.07 34.59
CA CYS D 407 25.08 26.63 35.29
C CYS D 407 23.80 25.88 34.93
N ARG D 408 22.78 26.08 35.74
CA ARG D 408 21.49 25.50 35.44
C ARG D 408 20.42 26.41 36.00
N ALA D 409 19.44 26.77 35.16
CA ALA D 409 18.24 27.48 35.56
C ALA D 409 17.05 26.55 35.49
N SER D 410 16.12 26.68 36.45
CA SER D 410 15.05 25.69 36.65
C SER D 410 13.73 26.40 36.88
N VAL D 411 12.74 26.16 36.03
CA VAL D 411 11.48 26.84 36.18
C VAL D 411 10.43 25.89 36.75
N ALA D 412 9.52 26.46 37.51
CA ALA D 412 8.34 25.78 37.95
C ALA D 412 7.16 26.72 37.71
N PHE D 413 5.95 26.19 37.96
CA PHE D 413 4.72 26.94 37.71
C PHE D 413 4.63 28.25 38.52
N TYR D 414 5.33 28.35 39.65
CA TYR D 414 5.28 29.53 40.49
C TYR D 414 6.36 30.57 40.13
N ASN D 415 6.97 30.46 38.94
CA ASN D 415 7.84 31.51 38.41
C ASN D 415 7.07 32.33 37.38
N ASP D 416 7.65 33.46 37.00
CA ASP D 416 7.08 34.35 36.00
C ASP D 416 8.18 34.88 35.08
N LYS D 417 7.78 35.47 33.96
CA LYS D 417 8.74 36.05 33.02
C LYS D 417 9.67 37.04 33.70
N HIS D 418 9.23 37.71 34.76
CA HIS D 418 10.16 38.60 35.44
C HIS D 418 11.29 37.81 36.08
N ASP D 419 11.03 36.59 36.54
CA ASP D 419 12.12 35.76 37.03
C ASP D 419 13.14 35.51 35.93
N ILE D 420 12.69 35.25 34.71
CA ILE D 420 13.62 34.97 33.64
C ILE D 420 14.29 36.24 33.20
N ASP D 421 13.64 37.37 33.37
CA ASP D 421 14.24 38.64 33.00
C ASP D 421 15.31 39.06 34.01
N GLN D 422 15.14 38.70 35.27
CA GLN D 422 16.19 38.95 36.26
C GLN D 422 17.45 38.16 35.95
N LEU D 423 17.31 36.94 35.48
CA LEU D 423 18.45 36.12 35.07
C LEU D 423 19.13 36.69 33.82
N ILE D 424 18.34 37.15 32.84
CA ILE D 424 18.92 37.63 31.61
C ILE D 424 19.68 38.92 31.86
N GLU D 425 19.13 39.82 32.66
CA GLU D 425 19.89 41.03 32.98
C GLU D 425 20.99 40.76 33.99
N GLY D 426 20.92 39.65 34.72
CA GLY D 426 22.01 39.39 35.62
C GLY D 426 23.18 38.79 34.85
N LEU D 427 22.86 37.88 33.93
CA LEU D 427 23.89 37.34 33.06
C LEU D 427 24.60 38.46 32.28
N ASN D 428 23.84 39.48 31.85
CA ASN D 428 24.45 40.61 31.13
C ASN D 428 25.40 41.40 32.02
N GLN D 429 25.02 41.64 33.27
CA GLN D 429 25.97 42.20 34.22
C GLN D 429 27.21 41.33 34.30
N VAL D 430 27.03 40.00 34.33
CA VAL D 430 28.17 39.10 34.40
C VAL D 430 29.10 39.32 33.21
N TRP D 431 28.54 39.48 32.02
CA TRP D 431 29.39 39.67 30.85
C TRP D 431 30.20 40.98 30.92
N LYS D 432 29.54 42.08 31.29
CA LYS D 432 30.20 43.37 31.40
C LYS D 432 31.39 43.33 32.37
N ILE D 433 31.44 42.37 33.27
CA ILE D 433 32.59 42.23 34.16
C ILE D 433 33.65 41.27 33.57
N PHE D 434 33.23 40.29 32.78
CA PHE D 434 34.16 39.28 32.32
C PHE D 434 34.39 39.32 30.79
N MET E 19 -31.14 6.39 23.03
CA MET E 19 -30.89 6.74 21.62
C MET E 19 -31.52 8.13 21.32
N THR E 20 -30.78 8.98 20.61
CA THR E 20 -31.37 10.28 20.31
C THR E 20 -32.25 10.17 19.07
N ASP E 21 -33.21 11.11 18.97
CA ASP E 21 -34.03 11.19 17.76
C ASP E 21 -33.14 11.51 16.57
N THR E 22 -32.04 12.25 16.82
CA THR E 22 -30.99 12.50 15.83
C THR E 22 -30.13 11.27 15.58
N GLU E 23 -30.12 10.32 16.51
CA GLU E 23 -29.36 9.08 16.34
C GLU E 23 -30.12 8.08 15.49
N VAL E 24 -31.42 7.91 15.72
CA VAL E 24 -32.20 7.10 14.78
C VAL E 24 -32.11 7.69 13.38
N ALA E 25 -31.79 8.98 13.29
CA ALA E 25 -31.65 9.63 11.99
C ALA E 25 -30.41 9.13 11.25
N GLN E 26 -29.28 9.04 11.94
CA GLN E 26 -28.09 8.57 11.26
C GLN E 26 -28.30 7.17 10.69
N ILE E 27 -28.95 6.28 11.44
CA ILE E 27 -29.07 4.92 10.96
C ILE E 27 -30.27 4.72 10.06
N THR E 28 -31.22 5.67 10.08
CA THR E 28 -32.23 5.67 9.02
C THR E 28 -31.54 5.91 7.68
N ASP E 29 -30.50 6.73 7.68
CA ASP E 29 -29.71 6.92 6.49
C ASP E 29 -28.70 5.79 6.29
N ASN E 30 -28.42 5.49 5.02
CA ASN E 30 -27.40 4.50 4.68
C ASN E 30 -26.53 5.08 3.58
N PRO E 31 -25.44 5.76 3.95
CA PRO E 31 -24.51 6.27 2.94
C PRO E 31 -23.59 5.22 2.35
N TYR E 32 -23.68 3.92 2.77
CA TYR E 32 -22.65 2.95 2.43
C TYR E 32 -23.11 1.75 1.62
N LYS E 33 -24.40 1.40 1.64
CA LYS E 33 -24.83 0.14 1.04
C LYS E 33 -24.54 0.07 -0.46
N ALA E 34 -24.52 1.21 -1.15
CA ALA E 34 -24.32 1.20 -2.60
C ALA E 34 -22.95 0.67 -3.02
N ASP E 35 -21.95 0.73 -2.14
CA ASP E 35 -20.60 0.27 -2.43
C ASP E 35 -20.45 -1.25 -2.48
N PHE E 36 -21.52 -2.00 -2.27
CA PHE E 36 -21.48 -3.44 -2.26
C PHE E 36 -22.36 -3.99 -3.37
N PRO E 37 -21.80 -4.72 -4.34
CA PRO E 37 -22.62 -5.20 -5.47
C PRO E 37 -23.74 -6.14 -5.07
N ILE E 38 -23.47 -7.08 -4.15
CA ILE E 38 -24.47 -8.05 -3.75
C ILE E 38 -25.63 -7.36 -3.03
N LEU E 39 -25.32 -6.34 -2.23
CA LEU E 39 -26.35 -5.57 -1.54
C LEU E 39 -27.06 -4.62 -2.50
N ALA E 40 -26.31 -4.05 -3.42
CA ALA E 40 -26.91 -3.20 -4.42
C ALA E 40 -27.87 -4.01 -5.27
N ALA E 41 -27.47 -5.24 -5.63
CA ALA E 41 -28.27 -6.10 -6.51
C ALA E 41 -29.52 -6.61 -5.84
N ASN E 42 -29.61 -6.48 -4.53
CA ASN E 42 -30.68 -7.11 -3.76
C ASN E 42 -31.12 -6.18 -2.63
N PRO E 43 -31.86 -5.12 -2.96
CA PRO E 43 -32.43 -4.28 -1.88
C PRO E 43 -33.52 -5.00 -1.05
N LYS E 44 -34.16 -6.05 -1.57
CA LYS E 44 -35.13 -6.77 -0.76
C LYS E 44 -34.52 -7.55 0.41
N VAL E 45 -33.17 -7.62 0.50
CA VAL E 45 -32.48 -8.51 1.43
C VAL E 45 -31.93 -7.69 2.59
N ALA E 46 -32.04 -8.26 3.80
CA ALA E 46 -31.39 -7.71 4.98
C ALA E 46 -30.34 -8.72 5.41
N TYR E 47 -29.05 -8.32 5.35
CA TYR E 47 -27.93 -9.21 5.61
C TYR E 47 -27.42 -8.97 7.02
N LEU E 48 -27.65 -9.93 7.91
CA LEU E 48 -27.33 -9.75 9.33
C LEU E 48 -26.51 -10.90 9.89
N ASP E 49 -25.52 -11.40 9.13
CA ASP E 49 -24.56 -12.41 9.55
C ASP E 49 -23.14 -11.91 9.25
N SER E 50 -22.92 -10.61 9.41
CA SER E 50 -21.60 -10.06 9.15
C SER E 50 -20.56 -10.60 10.12
N ALA E 51 -20.97 -11.15 11.25
CA ALA E 51 -20.00 -11.79 12.12
C ALA E 51 -19.45 -13.05 11.48
N ALA E 52 -20.21 -13.63 10.55
CA ALA E 52 -19.77 -14.81 9.82
C ALA E 52 -18.77 -14.42 8.74
N THR E 53 -19.17 -13.56 7.82
CA THR E 53 -18.28 -12.98 6.83
C THR E 53 -18.98 -11.71 6.39
N SER E 54 -18.23 -10.66 6.14
CA SER E 54 -18.86 -9.43 5.70
C SER E 54 -19.08 -9.48 4.19
N GLN E 55 -19.73 -8.46 3.66
CA GLN E 55 -19.85 -8.37 2.21
C GLN E 55 -18.67 -7.66 1.54
N ARG E 56 -18.55 -7.91 0.21
CA ARG E 56 -17.36 -7.39 -0.46
C ARG E 56 -17.69 -6.12 -1.20
N PRO E 57 -16.85 -5.09 -1.00
CA PRO E 57 -16.94 -3.85 -1.79
C PRO E 57 -16.52 -4.04 -3.24
N ARG E 58 -17.16 -3.27 -4.13
CA ARG E 58 -16.76 -3.26 -5.55
C ARG E 58 -15.27 -3.02 -5.72
N VAL E 59 -14.71 -2.08 -4.94
CA VAL E 59 -13.29 -1.77 -5.05
C VAL E 59 -12.45 -3.02 -4.81
N VAL E 60 -12.80 -3.78 -3.76
CA VAL E 60 -12.03 -4.96 -3.34
C VAL E 60 -12.15 -6.07 -4.35
N ILE E 61 -13.37 -6.29 -4.85
CA ILE E 61 -13.60 -7.30 -5.87
C ILE E 61 -12.77 -6.96 -7.10
N GLU E 62 -12.74 -5.68 -7.48
CA GLU E 62 -12.11 -5.32 -8.74
C GLU E 62 -10.57 -5.47 -8.56
N ALA E 63 -10.01 -5.14 -7.39
CA ALA E 63 -8.56 -5.21 -7.17
C ALA E 63 -8.02 -6.65 -7.19
N GLN E 64 -8.81 -7.62 -6.77
CA GLN E 64 -8.34 -8.98 -6.93
C GLN E 64 -8.28 -9.32 -8.41
N SER E 65 -9.30 -8.91 -9.17
CA SER E 65 -9.32 -9.20 -10.60
C SER E 65 -8.16 -8.50 -11.30
N ARG E 66 -7.97 -7.21 -11.03
CA ARG E 66 -6.91 -6.46 -11.68
C ARG E 66 -5.54 -7.08 -11.44
N PHE E 67 -5.26 -7.50 -10.21
CA PHE E 67 -3.97 -8.11 -9.93
C PHE E 67 -3.69 -9.23 -10.92
N TYR E 68 -4.66 -10.12 -11.10
CA TYR E 68 -4.51 -11.27 -11.99
C TYR E 68 -4.38 -10.83 -13.44
N GLU E 69 -4.98 -9.69 -13.77
CA GLU E 69 -4.97 -9.15 -15.13
C GLU E 69 -3.66 -8.43 -15.47
N THR E 70 -2.97 -7.90 -14.48
CA THR E 70 -1.85 -7.00 -14.72
C THR E 70 -0.50 -7.49 -14.22
N MET E 71 -0.45 -8.36 -13.21
CA MET E 71 0.85 -8.68 -12.61
C MET E 71 1.15 -10.18 -12.49
N ASN E 72 0.33 -10.92 -11.73
CA ASN E 72 0.41 -12.39 -11.62
C ASN E 72 1.78 -12.89 -11.17
N ALA E 73 2.08 -12.72 -9.87
CA ALA E 73 3.36 -13.18 -9.30
C ALA E 73 3.38 -14.72 -9.16
N SER E 83 7.66 -9.39 -11.64
CA SER E 83 7.77 -9.76 -10.23
C SER E 83 8.37 -8.60 -9.46
N VAL E 84 8.66 -7.51 -10.16
CA VAL E 84 9.11 -6.30 -9.48
C VAL E 84 7.97 -5.32 -9.26
N ASP E 85 6.92 -5.37 -10.09
CA ASP E 85 5.77 -4.52 -9.85
C ASP E 85 4.85 -5.13 -8.81
N ALA E 86 4.84 -6.47 -8.75
CA ALA E 86 4.07 -7.17 -7.73
C ALA E 86 4.72 -7.04 -6.37
N THR E 87 6.04 -7.27 -6.28
CA THR E 87 6.68 -7.30 -4.98
C THR E 87 6.50 -5.98 -4.24
N ALA E 88 6.55 -4.86 -4.96
CA ALA E 88 6.36 -3.59 -4.29
C ALA E 88 4.96 -3.44 -3.72
N ALA E 89 3.97 -4.09 -4.31
CA ALA E 89 2.61 -3.90 -3.83
C ALA E 89 2.26 -4.86 -2.70
N ILE E 90 2.79 -6.09 -2.72
CA ILE E 90 2.54 -6.97 -1.59
C ILE E 90 3.07 -6.33 -0.31
N GLU E 91 4.18 -5.60 -0.38
CA GLU E 91 4.68 -4.92 0.82
C GLU E 91 3.77 -3.76 1.18
N ASP E 92 3.29 -3.02 0.18
CA ASP E 92 2.34 -1.94 0.43
C ASP E 92 1.14 -2.47 1.20
N ALA E 93 0.79 -3.74 0.96
CA ALA E 93 -0.33 -4.36 1.66
C ALA E 93 0.00 -4.66 3.11
N ARG E 94 1.11 -5.40 3.36
CA ARG E 94 1.60 -5.61 4.72
C ARG E 94 1.61 -4.29 5.50
N ALA E 95 2.14 -3.23 4.89
CA ALA E 95 2.21 -1.96 5.57
C ALA E 95 0.81 -1.41 5.87
N SER E 96 -0.09 -1.52 4.90
CA SER E 96 -1.45 -1.02 5.10
C SER E 96 -2.09 -1.68 6.31
N ILE E 97 -1.94 -3.00 6.41
CA ILE E 97 -2.45 -3.75 7.54
C ILE E 97 -1.71 -3.37 8.82
N ALA E 98 -0.37 -3.28 8.77
CA ALA E 98 0.37 -2.97 9.99
C ALA E 98 -0.06 -1.63 10.56
N LYS E 99 -0.06 -0.57 9.73
CA LYS E 99 -0.50 0.74 10.20
C LYS E 99 -1.94 0.70 10.71
N PHE E 100 -2.81 -0.09 10.07
CA PHE E 100 -4.20 -0.15 10.48
C PHE E 100 -4.37 -0.68 11.91
N ILE E 101 -3.50 -1.60 12.36
CA ILE E 101 -3.64 -2.17 13.71
C ILE E 101 -2.67 -1.52 14.70
N GLY E 102 -2.14 -0.34 14.37
CA GLY E 102 -1.18 0.35 15.19
C GLY E 102 0.24 -0.18 15.13
N ALA E 103 0.52 -1.20 14.33
CA ALA E 103 1.84 -1.83 14.40
C ALA E 103 2.88 -0.94 13.71
N VAL E 104 3.31 0.09 14.45
CA VAL E 104 4.17 1.13 13.92
C VAL E 104 5.37 1.34 14.83
N ASP E 105 6.45 1.88 14.26
CA ASP E 105 7.71 2.14 14.96
C ASP E 105 7.61 3.47 15.67
N ALA E 108 8.56 7.01 12.24
CA ALA E 108 7.21 6.44 12.38
C ALA E 108 6.94 5.37 11.30
N LYS E 109 7.64 4.16 11.43
CA LYS E 109 7.39 3.32 10.26
C LYS E 109 6.42 2.17 10.58
N PRO E 110 5.66 1.69 9.61
CA PRO E 110 4.85 0.48 9.84
C PRO E 110 5.71 -0.77 9.91
N GLU E 111 5.35 -1.66 10.83
CA GLU E 111 6.10 -2.90 11.07
C GLU E 111 5.65 -4.03 10.14
N SER E 112 5.83 -3.82 8.83
CA SER E 112 5.29 -4.74 7.84
C SER E 112 6.02 -6.09 7.78
N GLN E 113 7.25 -6.15 8.24
CA GLN E 113 7.91 -7.42 8.40
C GLN E 113 7.57 -8.13 9.71
N GLN E 114 6.61 -7.60 10.45
CA GLN E 114 6.04 -8.30 11.60
C GLN E 114 4.59 -8.75 11.35
N ILE E 115 4.12 -8.78 10.11
CA ILE E 115 2.78 -9.28 9.88
C ILE E 115 2.83 -10.37 8.82
N ILE E 116 2.12 -11.46 9.09
CA ILE E 116 2.26 -12.75 8.43
C ILE E 116 0.91 -13.14 7.85
N PHE E 117 0.91 -13.77 6.68
CA PHE E 117 -0.35 -14.19 6.06
C PHE E 117 -0.64 -15.68 6.27
N THR E 118 -1.92 -15.99 6.41
CA THR E 118 -2.40 -17.36 6.59
C THR E 118 -3.67 -17.50 5.76
N ARG E 119 -4.30 -18.68 5.80
CA ARG E 119 -5.59 -18.81 5.12
C ARG E 119 -6.68 -18.01 5.83
N ASN E 120 -6.60 -17.95 7.17
CA ASN E 120 -7.64 -17.44 8.06
C ASN E 120 -7.21 -17.53 9.53
N THR E 121 -8.08 -17.10 10.46
CA THR E 121 -7.73 -17.02 11.89
C THR E 121 -7.48 -18.39 12.47
N SER E 122 -8.18 -19.41 11.97
CA SER E 122 -7.97 -20.75 12.48
C SER E 122 -6.54 -21.19 12.24
N GLU E 123 -6.00 -20.92 11.05
CA GLU E 123 -4.62 -21.31 10.79
C GLU E 123 -3.64 -20.50 11.65
N ALA E 124 -3.83 -19.18 11.73
CA ALA E 124 -2.93 -18.39 12.54
C ALA E 124 -2.91 -18.90 13.96
N LEU E 125 -4.06 -19.29 14.50
CA LEU E 125 -4.08 -19.81 15.86
C LEU E 125 -3.42 -21.18 15.94
N ASN E 126 -3.68 -22.07 14.98
CA ASN E 126 -2.97 -23.35 14.95
C ASN E 126 -1.46 -23.15 14.92
N LEU E 127 -1.00 -22.15 14.16
CA LEU E 127 0.43 -21.82 14.06
C LEU E 127 0.99 -21.42 15.41
N VAL E 128 0.32 -20.49 16.11
CA VAL E 128 0.75 -20.07 17.45
C VAL E 128 0.75 -21.27 18.38
N ALA E 129 -0.34 -22.04 18.39
CA ALA E 129 -0.41 -23.18 19.29
C ALA E 129 0.73 -24.15 19.03
N SER E 130 1.10 -24.34 17.75
CA SER E 130 2.22 -25.21 17.44
C SER E 130 3.54 -24.54 17.72
N SER E 131 3.77 -23.35 17.16
CA SER E 131 5.09 -22.75 17.28
CA SER E 131 5.08 -22.74 17.27
C SER E 131 5.35 -22.24 18.69
N LEU E 132 4.43 -21.43 19.24
CA LEU E 132 4.65 -20.93 20.60
C LEU E 132 4.57 -22.08 21.61
N GLY E 133 3.71 -23.07 21.33
CA GLY E 133 3.61 -24.20 22.24
C GLY E 133 4.92 -24.94 22.40
N ARG E 134 5.64 -25.15 21.31
CA ARG E 134 6.93 -25.84 21.43
C ARG E 134 7.97 -24.95 22.07
N TYR E 135 7.99 -23.66 21.70
CA TYR E 135 9.00 -22.75 22.21
C TYR E 135 8.89 -22.53 23.71
N ALA E 136 7.67 -22.55 24.27
CA ALA E 136 7.46 -22.00 25.59
C ALA E 136 6.89 -22.98 26.62
N LEU E 137 5.96 -23.86 26.25
CA LEU E 137 5.29 -24.71 27.24
C LEU E 137 6.15 -25.92 27.58
N LYS E 138 6.63 -26.01 28.84
CA LYS E 138 7.33 -27.03 29.61
C LYS E 138 6.35 -27.73 30.56
N PRO E 139 6.59 -28.97 30.97
CA PRO E 139 5.50 -29.76 31.58
C PRO E 139 5.09 -29.22 32.94
N GLY E 140 3.78 -29.09 33.13
CA GLY E 140 3.22 -28.45 34.29
C GLY E 140 2.89 -26.99 34.11
N ASP E 141 3.27 -26.39 32.99
CA ASP E 141 2.79 -25.05 32.72
C ASP E 141 1.32 -25.09 32.41
N ASP E 142 0.69 -23.92 32.52
CA ASP E 142 -0.73 -23.79 32.33
C ASP E 142 -0.95 -22.93 31.10
N VAL E 143 -1.89 -23.33 30.23
CA VAL E 143 -2.35 -22.51 29.11
C VAL E 143 -3.75 -22.05 29.46
N VAL E 144 -3.96 -20.75 29.54
CA VAL E 144 -5.24 -20.21 29.97
C VAL E 144 -5.95 -19.62 28.76
N ILE E 145 -7.11 -20.16 28.44
CA ILE E 145 -7.99 -19.56 27.48
C ILE E 145 -9.22 -19.15 28.28
N SER E 146 -10.25 -18.65 27.62
CA SER E 146 -11.48 -18.24 28.30
C SER E 146 -12.64 -19.12 27.86
N ILE E 147 -13.70 -19.17 28.68
CA ILE E 147 -14.86 -19.96 28.27
C ILE E 147 -15.60 -19.37 27.06
N MET E 148 -15.28 -18.14 26.64
CA MET E 148 -15.98 -17.50 25.53
C MET E 148 -15.37 -17.81 24.19
N GLU E 149 -14.34 -18.66 24.17
CA GLU E 149 -13.57 -18.90 22.96
C GLU E 149 -14.37 -19.60 21.88
N HIS E 150 -14.12 -19.20 20.64
CA HIS E 150 -14.44 -19.97 19.46
C HIS E 150 -13.48 -21.17 19.37
N HIS E 151 -13.95 -22.26 18.73
CA HIS E 151 -13.23 -23.53 18.81
C HIS E 151 -11.79 -23.40 18.35
N SER E 152 -11.51 -22.51 17.40
CA SER E 152 -10.15 -22.37 16.88
C SER E 152 -9.17 -21.89 17.93
N ASN E 153 -9.62 -21.24 18.99
CA ASN E 153 -8.78 -20.90 20.13
C ASN E 153 -8.96 -21.90 21.28
N ILE E 154 -9.30 -23.14 20.94
CA ILE E 154 -9.60 -24.17 21.93
C ILE E 154 -8.87 -25.45 21.59
N ILE E 155 -9.20 -26.05 20.45
CA ILE E 155 -8.71 -27.39 20.14
C ILE E 155 -7.20 -27.43 19.95
N PRO E 156 -6.57 -26.48 19.24
CA PRO E 156 -5.11 -26.53 19.19
C PRO E 156 -4.47 -26.46 20.56
N TRP E 157 -5.08 -25.74 21.49
CA TRP E 157 -4.52 -25.64 22.85
C TRP E 157 -4.68 -26.95 23.60
N GLN E 158 -5.80 -27.62 23.36
CA GLN E 158 -6.00 -28.96 23.90
C GLN E 158 -4.91 -29.90 23.39
N GLN E 159 -4.66 -29.90 22.09
CA GLN E 159 -3.62 -30.76 21.52
C GLN E 159 -2.26 -30.43 22.11
N ILE E 160 -1.81 -29.17 21.98
CA ILE E 160 -0.47 -28.80 22.41
C ILE E 160 -0.29 -29.13 23.88
N CYS E 161 -1.35 -29.04 24.69
CA CYS E 161 -1.26 -29.43 26.09
C CYS E 161 -0.92 -30.90 26.26
N LYS E 162 -1.67 -31.78 25.57
CA LYS E 162 -1.38 -33.22 25.64
C LYS E 162 0.02 -33.52 25.10
N ALA E 163 0.40 -32.86 24.03
CA ALA E 163 1.74 -33.07 23.51
C ALA E 163 2.80 -32.67 24.52
N THR E 164 2.50 -31.72 25.41
CA THR E 164 3.55 -31.08 26.20
C THR E 164 3.43 -31.29 27.70
N GLY E 165 2.43 -32.00 28.17
CA GLY E 165 2.28 -32.14 29.60
C GLY E 165 1.88 -30.87 30.32
N ALA E 166 1.04 -30.02 29.69
CA ALA E 166 0.57 -28.77 30.26
C ALA E 166 -0.93 -28.83 30.50
N ASN E 167 -1.39 -28.07 31.49
CA ASN E 167 -2.80 -27.99 31.88
C ASN E 167 -3.52 -26.84 31.18
N LEU E 168 -4.83 -27.02 30.94
CA LEU E 168 -5.65 -26.06 30.21
C LEU E 168 -6.64 -25.40 31.16
N VAL E 169 -6.50 -24.08 31.37
CA VAL E 169 -7.29 -23.34 32.34
C VAL E 169 -8.24 -22.42 31.61
N TYR E 170 -9.48 -22.32 32.09
CA TYR E 170 -10.50 -21.48 31.48
C TYR E 170 -10.86 -20.32 32.39
N LEU E 171 -11.04 -19.15 31.79
CA LEU E 171 -11.55 -17.96 32.46
C LEU E 171 -13.06 -17.97 32.31
N ARG E 172 -13.75 -17.75 33.41
CA ARG E 172 -15.20 -17.84 33.46
C ARG E 172 -15.79 -16.44 33.53
N MET E 173 -17.10 -16.34 33.33
CA MET E 173 -17.81 -15.07 33.30
C MET E 173 -18.59 -14.88 34.60
N ASN E 174 -19.15 -13.69 34.76
CA ASN E 174 -19.93 -13.31 35.93
C ASN E 174 -21.38 -13.09 35.51
N SER E 175 -22.20 -12.61 36.47
CA SER E 175 -23.58 -12.22 36.18
C SER E 175 -23.69 -11.36 34.94
N GLN E 176 -22.85 -10.34 34.83
CA GLN E 176 -22.97 -9.40 33.71
C GLN E 176 -22.18 -9.85 32.48
N TYR E 177 -21.76 -11.12 32.44
CA TYR E 177 -21.11 -11.74 31.28
C TYR E 177 -19.72 -11.19 31.03
N GLN E 178 -19.04 -10.72 32.07
CA GLN E 178 -17.72 -10.14 31.91
C GLN E 178 -16.70 -11.05 32.56
N ILE E 179 -15.42 -10.85 32.21
CA ILE E 179 -14.30 -11.51 32.88
C ILE E 179 -13.79 -10.54 33.95
N THR E 180 -14.14 -10.81 35.21
CA THR E 180 -13.92 -9.84 36.26
C THR E 180 -12.43 -9.77 36.57
N PRO E 181 -11.93 -8.63 37.07
CA PRO E 181 -10.50 -8.56 37.44
C PRO E 181 -10.13 -9.58 38.49
N GLU E 182 -11.09 -9.98 39.31
CA GLU E 182 -10.81 -11.02 40.29
C GLU E 182 -10.53 -12.36 39.63
N GLU E 183 -11.21 -12.69 38.52
CA GLU E 183 -10.88 -13.98 37.94
C GLU E 183 -9.58 -13.94 37.15
N ILE E 184 -9.30 -12.82 36.48
CA ILE E 184 -8.01 -12.62 35.82
C ILE E 184 -6.88 -12.96 36.78
N ALA E 185 -6.88 -12.29 37.94
CA ALA E 185 -5.87 -12.56 38.97
C ALA E 185 -5.97 -13.99 39.51
N SER E 186 -7.13 -14.61 39.43
CA SER E 186 -7.34 -15.90 40.07
CA SER E 186 -7.34 -15.90 40.07
C SER E 186 -6.98 -17.07 39.18
N LYS E 187 -7.29 -16.99 37.90
CA LYS E 187 -6.98 -18.09 37.02
C LYS E 187 -5.65 -17.91 36.30
N ILE E 188 -5.06 -16.71 36.29
CA ILE E 188 -3.74 -16.50 35.68
C ILE E 188 -2.68 -16.42 36.78
N THR E 189 -2.01 -17.55 37.06
CA THR E 189 -1.03 -17.59 38.14
C THR E 189 0.38 -17.78 37.60
N GLU E 190 1.33 -17.91 38.53
CA GLU E 190 2.75 -18.08 38.21
C GLU E 190 2.96 -19.29 37.30
N ARG E 191 2.05 -20.29 37.35
CA ARG E 191 2.10 -21.42 36.43
C ARG E 191 1.78 -21.04 34.99
N ALA E 192 1.06 -19.94 34.76
CA ALA E 192 0.74 -19.56 33.38
C ALA E 192 2.00 -19.34 32.54
N LYS E 193 1.95 -19.85 31.29
CA LYS E 193 3.01 -19.66 30.29
C LYS E 193 2.44 -19.08 28.99
N ILE E 194 1.22 -19.47 28.62
CA ILE E 194 0.51 -18.89 27.48
C ILE E 194 -0.93 -18.56 27.92
N VAL E 195 -1.38 -17.35 27.64
CA VAL E 195 -2.76 -16.93 27.82
C VAL E 195 -3.28 -16.46 26.47
N SER E 196 -4.37 -17.08 26.00
CA SER E 196 -4.93 -16.77 24.70
C SER E 196 -6.43 -16.53 24.84
N VAL E 197 -6.82 -15.25 24.76
CA VAL E 197 -8.17 -14.79 25.05
C VAL E 197 -8.71 -14.04 23.84
N THR E 198 -9.96 -14.36 23.46
CA THR E 198 -10.64 -13.63 22.40
C THR E 198 -10.81 -12.16 22.77
N HIS E 199 -10.67 -11.30 21.77
CA HIS E 199 -10.88 -9.88 22.03
C HIS E 199 -12.38 -9.57 22.07
N VAL E 200 -13.14 -10.11 21.15
CA VAL E 200 -14.59 -9.95 21.12
C VAL E 200 -15.22 -11.31 20.91
N SER E 201 -16.16 -11.67 21.78
CA SER E 201 -16.89 -12.91 21.62
C SER E 201 -17.81 -12.82 20.41
N ASN E 202 -17.76 -13.84 19.55
CA ASN E 202 -18.60 -13.92 18.36
C ASN E 202 -20.00 -14.40 18.65
N VAL E 203 -20.29 -14.74 19.91
CA VAL E 203 -21.64 -15.04 20.33
C VAL E 203 -22.20 -13.97 21.23
N LEU E 204 -21.45 -13.59 22.26
CA LEU E 204 -22.04 -12.65 23.21
C LEU E 204 -21.99 -11.23 22.70
N GLY E 205 -20.98 -10.89 21.92
CA GLY E 205 -20.72 -9.51 21.57
C GLY E 205 -19.89 -8.75 22.57
N THR E 206 -19.33 -9.44 23.57
CA THR E 206 -18.61 -8.82 24.65
C THR E 206 -17.20 -8.44 24.19
N ARG E 207 -16.78 -7.22 24.57
CA ARG E 207 -15.39 -6.79 24.37
C ARG E 207 -14.63 -7.09 25.66
N ASN E 208 -13.61 -7.90 25.55
CA ASN E 208 -12.83 -8.29 26.71
C ASN E 208 -11.71 -7.29 26.98
N ASP E 209 -11.40 -7.12 28.25
CA ASP E 209 -10.35 -6.20 28.65
C ASP E 209 -8.99 -6.83 28.37
N ILE E 210 -8.62 -6.82 27.08
CA ILE E 210 -7.42 -7.50 26.62
C ILE E 210 -6.17 -6.92 27.25
N LYS E 211 -6.11 -5.58 27.35
CA LYS E 211 -4.91 -4.94 27.92
C LYS E 211 -4.69 -5.35 29.36
N ALA E 212 -5.75 -5.41 30.17
CA ALA E 212 -5.60 -5.89 31.54
C ALA E 212 -5.05 -7.32 31.56
N ILE E 213 -5.69 -8.22 30.82
CA ILE E 213 -5.24 -9.60 30.76
C ILE E 213 -3.81 -9.66 30.26
N ALA E 214 -3.48 -8.80 29.29
CA ALA E 214 -2.09 -8.70 28.86
C ALA E 214 -1.20 -8.34 30.04
N LYS E 215 -1.62 -7.34 30.84
CA LYS E 215 -0.80 -6.87 31.94
C LYS E 215 -0.64 -7.92 33.04
N ARG E 216 -1.68 -8.70 33.34
CA ARG E 216 -1.46 -9.76 34.32
C ARG E 216 -0.61 -10.88 33.74
N THR E 217 -0.86 -11.24 32.47
CA THR E 217 -0.17 -12.36 31.83
C THR E 217 1.33 -12.14 31.85
N HIS E 218 1.77 -10.93 31.50
CA HIS E 218 3.19 -10.65 31.55
C HIS E 218 3.74 -10.75 32.97
N ALA E 219 2.95 -10.32 33.97
CA ALA E 219 3.39 -10.39 35.36
C ALA E 219 3.74 -11.81 35.79
N MET E 220 3.10 -12.81 35.20
CA MET E 220 3.28 -14.21 35.59
C MET E 220 4.22 -14.98 34.66
N GLY E 221 4.99 -14.26 33.84
CA GLY E 221 5.92 -14.80 32.88
C GLY E 221 5.24 -15.54 31.76
N ALA E 222 4.25 -14.92 31.14
CA ALA E 222 3.42 -15.63 30.17
C ALA E 222 3.16 -14.74 28.95
N TYR E 223 2.85 -15.38 27.82
CA TYR E 223 2.65 -14.70 26.55
C TYR E 223 1.17 -14.43 26.26
N MET E 224 0.85 -13.18 25.96
CA MET E 224 -0.50 -12.76 25.61
C MET E 224 -0.73 -13.11 24.15
N VAL E 225 -1.77 -13.91 23.87
CA VAL E 225 -2.19 -14.21 22.52
C VAL E 225 -3.60 -13.67 22.35
N VAL E 226 -3.87 -12.96 21.26
CA VAL E 226 -5.13 -12.26 21.05
C VAL E 226 -5.78 -12.76 19.77
N ASP E 227 -6.91 -13.46 19.91
CA ASP E 227 -7.78 -13.79 18.79
C ASP E 227 -8.70 -12.60 18.57
N ALA E 228 -8.51 -11.91 17.46
CA ALA E 228 -9.19 -10.65 17.25
C ALA E 228 -10.03 -10.66 15.97
N ALA E 229 -10.50 -11.85 15.56
CA ALA E 229 -11.25 -11.95 14.31
C ALA E 229 -12.55 -11.17 14.35
N GLN E 230 -13.09 -10.94 15.54
CA GLN E 230 -14.33 -10.19 15.69
C GLN E 230 -14.12 -8.77 16.15
N SER E 231 -12.92 -8.40 16.58
CA SER E 231 -12.70 -7.02 16.97
C SER E 231 -12.17 -6.19 15.82
N ALA E 232 -11.23 -6.74 15.07
CA ALA E 232 -10.60 -6.02 13.98
C ALA E 232 -11.58 -5.33 13.04
N PRO E 233 -12.71 -5.93 12.64
CA PRO E 233 -13.63 -5.24 11.74
C PRO E 233 -14.47 -4.15 12.38
N HIS E 234 -14.45 -3.99 13.71
CA HIS E 234 -15.47 -3.16 14.34
C HIS E 234 -14.91 -2.12 15.30
N ILE E 235 -14.07 -2.53 16.24
CA ILE E 235 -13.47 -1.61 17.17
C ILE E 235 -12.06 -1.31 16.69
N LEU E 236 -11.43 -0.29 17.30
CA LEU E 236 -10.08 0.08 16.92
C LEU E 236 -9.09 -0.82 17.65
N VAL E 237 -8.22 -1.46 16.88
CA VAL E 237 -7.21 -2.35 17.40
C VAL E 237 -5.84 -1.71 17.23
N ASN E 238 -5.13 -1.51 18.34
CA ASN E 238 -3.81 -0.94 18.37
C ASN E 238 -2.94 -1.89 19.17
N VAL E 239 -2.13 -2.69 18.47
CA VAL E 239 -1.38 -3.75 19.14
C VAL E 239 -0.50 -3.23 20.25
N HIS E 240 -0.02 -1.99 20.11
CA HIS E 240 0.90 -1.42 21.08
C HIS E 240 0.18 -0.83 22.29
N ASP E 241 -1.05 -0.37 22.13
CA ASP E 241 -1.84 -0.06 23.31
C ASP E 241 -2.18 -1.33 24.05
N LEU E 242 -2.76 -2.32 23.35
CA LEU E 242 -3.20 -3.55 24.00
C LEU E 242 -2.03 -4.35 24.57
N ASP E 243 -0.79 -4.07 24.13
CA ASP E 243 0.41 -4.69 24.68
C ASP E 243 0.36 -6.21 24.63
N CYS E 244 -0.15 -6.77 23.54
CA CYS E 244 -0.16 -8.21 23.34
C CYS E 244 1.06 -8.68 22.55
N ASP E 245 1.32 -9.99 22.63
CA ASP E 245 2.48 -10.61 22.00
C ASP E 245 2.17 -11.16 20.61
N LEU E 246 1.03 -11.79 20.43
CA LEU E 246 0.53 -12.23 19.14
C LEU E 246 -0.92 -11.79 19.00
N LEU E 247 -1.32 -11.49 17.76
CA LEU E 247 -2.68 -11.10 17.44
C LEU E 247 -3.01 -11.64 16.04
N ALA E 248 -4.23 -12.16 15.89
CA ALA E 248 -4.63 -12.74 14.61
C ALA E 248 -6.05 -12.29 14.26
N PHE E 249 -6.36 -12.35 12.98
CA PHE E 249 -7.74 -12.21 12.53
C PHE E 249 -7.81 -12.63 11.06
N SER E 250 -8.98 -12.48 10.45
CA SER E 250 -9.19 -12.86 9.07
C SER E 250 -9.65 -11.65 8.29
N ALA E 251 -9.19 -11.52 7.04
CA ALA E 251 -9.60 -10.34 6.28
C ALA E 251 -11.04 -10.42 5.85
N HIS E 252 -11.60 -11.62 5.77
CA HIS E 252 -12.90 -11.80 5.15
C HIS E 252 -14.06 -11.33 6.02
N ARG E 253 -13.80 -10.92 7.27
CA ARG E 253 -14.80 -10.31 8.14
C ARG E 253 -14.78 -8.77 8.11
N MET E 254 -13.82 -8.17 7.45
CA MET E 254 -13.76 -6.72 7.31
C MET E 254 -13.55 -6.34 5.85
N CYS E 255 -14.40 -6.88 4.99
CA CYS E 255 -14.48 -6.46 3.61
C CYS E 255 -13.28 -6.89 2.77
N GLY E 256 -12.39 -7.70 3.32
CA GLY E 256 -11.33 -8.28 2.53
C GLY E 256 -11.75 -9.60 1.90
N PRO E 257 -10.89 -10.15 1.04
CA PRO E 257 -11.23 -11.40 0.35
C PRO E 257 -11.13 -12.58 1.29
N MET E 258 -11.76 -13.68 0.87
CA MET E 258 -11.56 -14.94 1.56
C MET E 258 -10.15 -15.48 1.26
N GLY E 259 -9.76 -16.47 2.03
CA GLY E 259 -8.46 -17.06 1.85
C GLY E 259 -7.32 -16.29 2.46
N ILE E 260 -7.60 -15.26 3.27
CA ILE E 260 -6.56 -14.41 3.84
C ILE E 260 -6.79 -14.22 5.33
N GLY E 261 -5.87 -14.77 6.13
CA GLY E 261 -5.75 -14.45 7.55
C GLY E 261 -4.41 -13.75 7.84
N VAL E 262 -4.39 -12.95 8.90
CA VAL E 262 -3.18 -12.24 9.30
C VAL E 262 -2.82 -12.55 10.75
N LEU E 263 -1.52 -12.67 11.00
CA LEU E 263 -0.96 -12.81 12.33
C LEU E 263 0.07 -11.72 12.51
N TRP E 264 -0.10 -10.92 13.54
CA TRP E 264 0.93 -9.98 13.92
C TRP E 264 1.66 -10.54 15.12
N GLY E 265 2.92 -10.20 15.25
CA GLY E 265 3.70 -10.64 16.39
C GLY E 265 4.76 -9.62 16.72
N ARG E 266 5.09 -9.56 18.01
CA ARG E 266 6.27 -8.79 18.43
C ARG E 266 7.52 -9.41 17.80
N ALA E 267 8.36 -8.57 17.20
CA ALA E 267 9.45 -9.03 16.35
C ALA E 267 10.31 -10.07 17.04
N GLU E 268 10.72 -9.81 18.27
CA GLU E 268 11.63 -10.71 18.96
C GLU E 268 11.03 -12.10 19.16
N LEU E 269 9.74 -12.17 19.47
CA LEU E 269 9.09 -13.46 19.56
C LEU E 269 8.95 -14.12 18.18
N LEU E 270 8.50 -13.38 17.18
CA LEU E 270 8.43 -13.94 15.83
C LEU E 270 9.76 -14.54 15.41
N ASN E 271 10.87 -13.85 15.68
CA ASN E 271 12.19 -14.42 15.38
C ASN E 271 12.51 -15.63 16.25
N ALA E 272 12.09 -15.62 17.52
CA ALA E 272 12.43 -16.71 18.44
C ALA E 272 11.66 -17.99 18.17
N MET E 273 10.45 -17.87 17.62
CA MET E 273 9.59 -19.03 17.50
C MET E 273 10.12 -19.97 16.43
N PRO E 274 9.90 -21.27 16.57
CA PRO E 274 10.27 -22.18 15.48
C PRO E 274 9.39 -21.92 14.27
N PRO E 275 9.71 -22.47 13.11
CA PRO E 275 8.78 -22.43 12.00
C PRO E 275 7.67 -23.46 12.18
N PHE E 276 6.54 -23.19 11.52
CA PHE E 276 5.40 -24.08 11.64
C PHE E 276 5.29 -24.92 10.38
N LEU E 277 4.62 -24.42 9.35
CA LEU E 277 4.70 -25.08 8.05
C LEU E 277 6.11 -24.96 7.48
N THR E 278 6.62 -26.07 6.96
CA THR E 278 7.96 -26.13 6.41
C THR E 278 7.89 -26.46 4.93
N GLY E 279 8.87 -25.98 4.18
CA GLY E 279 8.88 -26.32 2.77
C GLY E 279 9.77 -25.38 2.00
N GLY E 280 9.32 -25.02 0.79
CA GLY E 280 10.01 -24.05 -0.03
C GLY E 280 9.50 -22.63 0.14
N GLU E 281 10.39 -21.66 -0.09
CA GLU E 281 10.13 -20.22 -0.04
C GLU E 281 9.88 -19.73 1.39
N MET E 282 10.14 -20.57 2.39
CA MET E 282 10.00 -20.15 3.79
C MET E 282 11.36 -19.78 4.38
N TRP E 293 16.61 -21.81 7.47
CA TRP E 293 15.34 -21.09 7.62
C TRP E 293 15.57 -19.59 7.51
N ALA E 294 14.76 -18.98 6.64
CA ALA E 294 14.72 -17.59 6.21
C ALA E 294 14.39 -16.62 7.34
N PRO E 295 14.34 -15.30 7.11
CA PRO E 295 13.89 -14.40 8.16
C PRO E 295 12.37 -14.32 8.22
N VAL E 296 11.90 -13.92 9.40
CA VAL E 296 10.54 -13.39 9.52
C VAL E 296 10.40 -12.18 8.60
N PRO E 297 9.27 -12.00 7.90
CA PRO E 297 8.10 -12.87 7.90
C PRO E 297 8.17 -14.15 7.06
N GLU E 298 9.09 -14.22 6.08
CA GLU E 298 9.06 -15.33 5.13
C GLU E 298 9.19 -16.69 5.82
N LYS E 299 9.72 -16.74 7.04
CA LYS E 299 9.88 -18.00 7.77
C LYS E 299 8.55 -18.68 8.08
N PHE E 300 7.41 -17.97 7.94
CA PHE E 300 6.11 -18.48 8.34
C PHE E 300 5.12 -18.55 7.20
N GLU E 301 5.59 -18.44 5.97
CA GLU E 301 4.70 -18.40 4.80
C GLU E 301 5.32 -19.33 3.77
N ALA E 302 4.94 -20.61 3.82
CA ALA E 302 5.52 -21.64 2.97
C ALA E 302 4.73 -21.82 1.68
N GLY E 303 5.40 -21.69 0.55
CA GLY E 303 4.78 -21.91 -0.73
C GLY E 303 4.20 -20.65 -1.34
N THR E 304 3.59 -20.81 -2.51
CA THR E 304 2.96 -19.68 -3.16
C THR E 304 1.76 -19.17 -2.36
N GLN E 305 1.74 -17.87 -2.12
CA GLN E 305 0.68 -17.27 -1.33
C GLN E 305 -0.34 -16.60 -2.26
N ASP E 306 -1.50 -16.28 -1.68
CA ASP E 306 -2.57 -15.66 -2.43
C ASP E 306 -2.22 -14.19 -2.69
N ALA E 307 -1.27 -13.98 -3.61
CA ALA E 307 -0.81 -12.64 -3.93
C ALA E 307 -1.96 -11.72 -4.29
N ALA E 308 -2.83 -12.19 -5.19
CA ALA E 308 -3.99 -11.38 -5.55
C ALA E 308 -4.91 -11.18 -4.36
N GLY E 309 -4.99 -12.16 -3.46
CA GLY E 309 -5.77 -11.97 -2.25
C GLY E 309 -5.13 -11.00 -1.26
N ILE E 310 -3.81 -11.14 -1.01
CA ILE E 310 -3.11 -10.16 -0.19
C ILE E 310 -3.30 -8.76 -0.78
N TYR E 311 -3.26 -8.67 -2.10
CA TYR E 311 -3.42 -7.41 -2.80
C TYR E 311 -4.78 -6.78 -2.48
N ALA E 312 -5.85 -7.57 -2.60
CA ALA E 312 -7.17 -7.06 -2.29
C ALA E 312 -7.30 -6.77 -0.80
N THR E 313 -6.61 -7.55 0.04
CA THR E 313 -6.62 -7.26 1.47
C THR E 313 -6.13 -5.83 1.70
N GLY E 314 -5.09 -5.43 0.97
CA GLY E 314 -4.70 -4.03 0.97
C GLY E 314 -5.80 -3.12 0.46
N ALA E 315 -6.44 -3.48 -0.66
CA ALA E 315 -7.56 -2.65 -1.10
C ALA E 315 -8.57 -2.45 0.02
N ALA E 316 -8.85 -3.52 0.77
CA ALA E 316 -9.91 -3.47 1.77
C ALA E 316 -9.51 -2.58 2.92
N ILE E 317 -8.26 -2.64 3.36
CA ILE E 317 -7.86 -1.75 4.44
C ILE E 317 -7.85 -0.30 3.95
N LYS E 318 -7.41 -0.07 2.70
CA LYS E 318 -7.41 1.30 2.18
C LYS E 318 -8.83 1.84 2.00
N TYR E 319 -9.81 0.97 1.72
CA TYR E 319 -11.21 1.38 1.59
C TYR E 319 -11.78 1.77 2.95
N LEU E 320 -11.43 1.04 4.00
CA LEU E 320 -11.96 1.37 5.30
C LEU E 320 -11.44 2.73 5.80
N ASN E 321 -10.14 3.01 5.63
CA ASN E 321 -9.61 4.30 6.06
C ASN E 321 -10.35 5.45 5.41
N GLY E 322 -10.66 5.35 4.12
CA GLY E 322 -11.37 6.40 3.46
C GLY E 322 -12.71 6.68 4.10
N LEU E 323 -13.40 5.63 4.59
CA LEU E 323 -14.68 5.79 5.27
C LEU E 323 -14.53 6.39 6.66
N ASP E 324 -13.30 6.46 7.19
CA ASP E 324 -13.03 6.77 8.59
C ASP E 324 -13.50 5.61 9.44
N MET E 325 -12.52 4.84 9.93
CA MET E 325 -12.79 3.72 10.82
C MET E 325 -13.53 4.20 12.07
N ALA E 326 -13.31 5.46 12.50
CA ALA E 326 -14.07 6.05 13.61
C ALA E 326 -15.54 6.25 13.25
N LYS E 327 -15.80 6.84 12.09
CA LYS E 327 -17.18 6.91 11.62
C LYS E 327 -17.77 5.51 11.50
N ILE E 328 -16.95 4.53 11.14
CA ILE E 328 -17.43 3.15 11.05
C ILE E 328 -17.76 2.62 12.44
N GLU E 329 -16.89 2.86 13.41
CA GLU E 329 -17.14 2.40 14.76
C GLU E 329 -18.43 3.01 15.32
N LYS E 330 -18.62 4.32 15.13
CA LYS E 330 -19.78 5.01 15.70
C LYS E 330 -21.09 4.54 15.07
N ARG E 331 -21.13 4.38 13.76
CA ARG E 331 -22.37 3.93 13.14
C ARG E 331 -22.72 2.54 13.65
N GLU E 332 -21.71 1.67 13.78
CA GLU E 332 -21.94 0.30 14.19
C GLU E 332 -22.39 0.21 15.64
N GLU E 333 -21.96 1.14 16.49
CA GLU E 333 -22.55 1.20 17.83
C GLU E 333 -24.01 1.63 17.74
N LEU E 334 -24.34 2.56 16.86
CA LEU E 334 -25.72 3.00 16.74
C LEU E 334 -26.59 1.91 16.16
N LEU E 335 -26.07 1.14 15.21
CA LEU E 335 -26.84 0.02 14.69
C LEU E 335 -26.96 -1.09 15.72
N ALA E 336 -25.85 -1.53 16.28
CA ALA E 336 -25.90 -2.56 17.31
C ALA E 336 -26.84 -2.16 18.44
N ARG E 337 -26.78 -0.90 18.86
CA ARG E 337 -27.57 -0.46 20.02
C ARG E 337 -29.05 -0.42 19.70
N TYR E 338 -29.40 0.06 18.50
CA TYR E 338 -30.79 0.13 18.10
C TYR E 338 -31.43 -1.27 18.07
N LEU E 339 -30.63 -2.28 17.69
CA LEU E 339 -31.11 -3.65 17.55
C LEU E 339 -31.50 -4.26 18.89
N VAL E 340 -30.62 -4.21 19.90
CA VAL E 340 -30.99 -4.79 21.19
C VAL E 340 -32.20 -4.08 21.77
N GLN E 341 -32.27 -2.74 21.58
CA GLN E 341 -33.45 -2.01 22.04
C GLN E 341 -34.69 -2.57 21.39
N GLN E 342 -34.62 -2.83 20.09
CA GLN E 342 -35.79 -3.34 19.43
C GLN E 342 -36.08 -4.78 19.84
N LEU E 343 -35.02 -5.57 20.02
CA LEU E 343 -35.19 -6.95 20.43
C LEU E 343 -35.84 -7.04 21.80
N CYS E 344 -35.48 -6.14 22.75
CA CYS E 344 -36.19 -6.13 24.03
C CYS E 344 -37.65 -5.69 23.91
N THR E 345 -38.04 -5.04 22.82
CA THR E 345 -39.46 -4.79 22.67
C THR E 345 -40.23 -6.10 22.57
N LEU E 346 -39.56 -7.16 22.09
CA LEU E 346 -40.17 -8.48 21.88
C LEU E 346 -40.04 -9.37 23.12
N ASP E 347 -41.19 -9.73 23.70
CA ASP E 347 -41.21 -10.50 24.94
C ASP E 347 -40.86 -11.96 24.70
N PHE E 348 -41.35 -12.51 23.60
CA PHE E 348 -41.05 -13.89 23.23
C PHE E 348 -39.60 -14.07 22.84
N VAL E 349 -38.75 -13.04 22.90
CA VAL E 349 -37.34 -13.16 22.55
C VAL E 349 -36.49 -13.05 23.81
N ASP E 350 -35.53 -13.97 23.94
CA ASP E 350 -34.51 -13.95 24.99
C ASP E 350 -33.14 -13.63 24.37
N ILE E 351 -32.56 -12.48 24.75
CA ILE E 351 -31.21 -12.10 24.34
C ILE E 351 -30.21 -12.91 25.16
N VAL E 352 -29.31 -13.61 24.47
CA VAL E 352 -28.37 -14.52 25.15
C VAL E 352 -27.11 -13.71 25.41
N GLY E 353 -27.18 -12.84 26.40
CA GLY E 353 -26.05 -11.97 26.65
C GLY E 353 -26.51 -10.70 27.33
N SER E 354 -25.67 -9.67 27.22
CA SER E 354 -25.97 -8.44 27.94
C SER E 354 -27.15 -7.74 27.29
N LYS E 355 -28.19 -7.50 28.10
CA LYS E 355 -29.37 -6.78 27.66
C LYS E 355 -29.09 -5.30 27.41
N LEU E 356 -27.93 -4.79 27.82
CA LEU E 356 -27.50 -3.44 27.47
C LEU E 356 -26.78 -3.46 26.11
N GLY E 357 -27.15 -2.52 25.24
CA GLY E 357 -26.58 -2.44 23.89
C GLY E 357 -25.26 -1.70 23.79
N GLN E 358 -24.88 -0.96 24.85
CA GLN E 358 -23.54 -0.41 24.98
C GLN E 358 -22.49 -1.50 25.12
N ASN E 359 -22.88 -2.76 25.29
CA ASN E 359 -21.93 -3.85 25.45
C ASN E 359 -21.68 -4.67 24.19
N HIS E 360 -22.63 -4.71 23.27
CA HIS E 360 -22.53 -5.59 22.12
C HIS E 360 -21.71 -4.90 21.03
N VAL E 361 -20.57 -5.48 20.69
CA VAL E 361 -19.75 -5.02 19.58
C VAL E 361 -20.05 -5.91 18.38
N GLY E 362 -21.07 -5.55 17.59
CA GLY E 362 -21.37 -6.23 16.34
C GLY E 362 -22.28 -7.45 16.41
N ALA E 363 -22.23 -8.25 17.48
CA ALA E 363 -22.96 -9.52 17.52
C ALA E 363 -23.97 -9.57 18.67
N VAL E 364 -25.19 -10.00 18.36
CA VAL E 364 -26.25 -10.23 19.35
C VAL E 364 -26.80 -11.65 19.18
N ALA E 365 -26.71 -12.46 20.23
CA ALA E 365 -27.28 -13.80 20.20
C ALA E 365 -28.63 -13.81 20.91
N PHE E 366 -29.54 -14.64 20.42
CA PHE E 366 -30.91 -14.64 20.96
C PHE E 366 -31.60 -15.93 20.59
N ASN E 367 -32.81 -16.08 21.11
CA ASN E 367 -33.66 -17.24 20.89
C ASN E 367 -35.10 -16.78 20.93
N VAL E 368 -35.92 -17.27 20.00
CA VAL E 368 -37.36 -17.19 20.20
C VAL E 368 -37.70 -18.30 21.18
N ARG E 369 -38.40 -17.94 22.26
CA ARG E 369 -38.75 -18.92 23.29
C ARG E 369 -39.62 -20.03 22.69
N GLY E 370 -39.05 -21.23 22.67
CA GLY E 370 -39.76 -22.40 22.20
C GLY E 370 -39.48 -22.77 20.77
N VAL E 371 -38.84 -21.92 19.99
CA VAL E 371 -38.69 -22.16 18.56
C VAL E 371 -37.21 -22.44 18.32
N HIS E 372 -36.92 -23.53 17.63
CA HIS E 372 -35.54 -23.91 17.38
C HIS E 372 -34.92 -22.91 16.41
N PRO E 373 -33.69 -22.45 16.68
CA PRO E 373 -33.09 -21.45 15.79
C PRO E 373 -33.12 -21.88 14.33
N HIS E 374 -32.94 -23.17 14.02
CA HIS E 374 -33.00 -23.62 12.64
C HIS E 374 -34.32 -23.21 12.03
N ASP E 375 -35.40 -23.35 12.79
CA ASP E 375 -36.71 -22.90 12.33
C ASP E 375 -36.80 -21.37 12.26
N VAL E 376 -36.24 -20.66 13.25
CA VAL E 376 -36.28 -19.20 13.22
C VAL E 376 -35.59 -18.69 11.97
N SER E 377 -34.41 -19.24 11.68
CA SER E 377 -33.61 -18.86 10.53
C SER E 377 -34.34 -19.12 9.22
N SER E 378 -35.18 -20.17 9.19
CA SER E 378 -35.90 -20.47 7.96
C SER E 378 -37.01 -19.47 7.74
N ILE E 379 -37.75 -19.11 8.80
CA ILE E 379 -38.80 -18.10 8.67
C ILE E 379 -38.20 -16.77 8.24
N LEU E 380 -37.14 -16.36 8.91
CA LEU E 380 -36.51 -15.08 8.56
C LEU E 380 -35.95 -15.12 7.14
N ASP E 381 -35.42 -16.28 6.71
CA ASP E 381 -34.93 -16.40 5.34
C ASP E 381 -36.06 -16.26 4.32
N MET E 382 -37.23 -16.87 4.60
CA MET E 382 -38.38 -16.64 3.73
C MET E 382 -38.81 -15.18 3.74
N ASN E 383 -38.42 -14.42 4.75
CA ASN E 383 -38.69 -13.00 4.78
C ASN E 383 -37.51 -12.16 4.31
N ASN E 384 -36.49 -12.82 3.72
CA ASN E 384 -35.27 -12.16 3.20
C ASN E 384 -34.45 -11.53 4.33
N VAL E 385 -34.11 -12.32 5.33
CA VAL E 385 -33.26 -11.89 6.43
C VAL E 385 -32.22 -12.96 6.67
N CYS E 386 -30.96 -12.57 6.84
CA CYS E 386 -29.87 -13.52 7.03
C CYS E 386 -29.33 -13.41 8.44
N ILE E 387 -29.61 -14.41 9.26
CA ILE E 387 -29.04 -14.53 10.58
C ILE E 387 -28.36 -15.90 10.64
N ARG E 388 -27.50 -16.07 11.62
CA ARG E 388 -26.92 -17.39 11.81
C ARG E 388 -27.74 -18.11 12.85
N ALA E 389 -27.86 -19.42 12.70
CA ALA E 389 -28.55 -20.23 13.68
C ALA E 389 -27.71 -21.46 13.99
N GLY E 390 -27.61 -21.82 15.27
CA GLY E 390 -26.82 -22.95 15.70
C GLY E 390 -25.95 -22.64 16.91
N HIS E 391 -24.74 -23.18 16.96
CA HIS E 391 -23.89 -22.95 18.11
C HIS E 391 -22.66 -22.13 17.79
N HIS E 392 -22.49 -21.74 16.53
CA HIS E 392 -21.54 -20.69 16.19
C HIS E 392 -20.11 -21.08 16.55
N CYS E 393 -19.83 -22.38 16.55
CA CYS E 393 -18.49 -22.88 16.84
C CYS E 393 -17.96 -22.31 18.15
N ALA E 394 -18.87 -22.18 19.14
CA ALA E 394 -18.52 -21.81 20.51
C ALA E 394 -19.32 -22.68 21.50
N GLU E 395 -19.17 -24.02 21.38
CA GLU E 395 -19.92 -24.94 22.22
C GLU E 395 -19.72 -24.72 23.72
N PRO E 396 -18.47 -24.73 24.26
CA PRO E 396 -18.33 -24.49 25.70
C PRO E 396 -19.09 -23.27 26.18
N LEU E 397 -19.10 -22.18 25.40
CA LEU E 397 -19.87 -21.02 25.84
C LEU E 397 -21.36 -21.35 25.87
N LEU E 398 -21.87 -21.99 24.83
CA LEU E 398 -23.31 -22.27 24.79
C LEU E 398 -23.71 -23.25 25.88
N ILE E 399 -22.87 -24.25 26.14
CA ILE E 399 -23.07 -25.15 27.27
C ILE E 399 -23.08 -24.38 28.59
N GLU E 400 -22.06 -23.54 28.78
CA GLU E 400 -22.00 -22.69 29.97
C GLU E 400 -23.29 -21.90 30.18
N LEU E 401 -23.81 -21.32 29.13
CA LEU E 401 -25.03 -20.54 29.27
C LEU E 401 -26.29 -21.42 29.16
N HIS E 402 -26.11 -22.74 29.16
CA HIS E 402 -27.21 -23.71 29.16
C HIS E 402 -28.12 -23.52 27.96
N GLU E 403 -27.51 -23.50 26.78
CA GLU E 403 -28.22 -23.42 25.51
C GLU E 403 -27.74 -24.54 24.61
N SER E 404 -28.60 -24.93 23.68
CA SER E 404 -28.16 -25.81 22.60
C SER E 404 -27.87 -25.06 21.34
N SER E 405 -28.73 -24.10 20.99
CA SER E 405 -28.56 -23.24 19.83
C SER E 405 -29.01 -21.84 20.19
N THR E 406 -28.50 -20.88 19.42
CA THR E 406 -29.01 -19.52 19.44
C THR E 406 -29.04 -18.99 18.02
N CYS E 407 -29.98 -18.08 17.79
CA CYS E 407 -29.89 -17.22 16.63
C CYS E 407 -28.83 -16.15 16.87
N ARG E 408 -28.41 -15.51 15.79
CA ARG E 408 -27.46 -14.41 15.93
C ARG E 408 -27.71 -13.39 14.83
N ALA E 409 -27.87 -12.12 15.22
CA ALA E 409 -27.90 -11.02 14.27
C ALA E 409 -26.58 -10.24 14.34
N SER E 410 -26.11 -9.76 13.18
CA SER E 410 -24.76 -9.20 13.04
C SER E 410 -24.82 -7.90 12.24
N VAL E 411 -24.37 -6.81 12.84
CA VAL E 411 -24.41 -5.53 12.14
C VAL E 411 -23.01 -5.09 11.69
N ALA E 412 -23.01 -4.43 10.56
CA ALA E 412 -21.83 -3.77 10.07
C ALA E 412 -22.25 -2.37 9.66
N PHE E 413 -21.25 -1.55 9.31
CA PHE E 413 -21.49 -0.14 8.97
C PHE E 413 -22.39 0.01 7.75
N TYR E 414 -22.42 -1.01 6.88
CA TYR E 414 -23.22 -0.98 5.67
C TYR E 414 -24.67 -1.53 5.88
N ASN E 415 -25.12 -1.63 7.13
CA ASN E 415 -26.51 -1.94 7.46
C ASN E 415 -27.26 -0.66 7.80
N ASP E 416 -28.59 -0.78 7.83
CA ASP E 416 -29.42 0.37 8.15
C ASP E 416 -30.59 -0.05 9.05
N LYS E 417 -31.22 0.95 9.68
CA LYS E 417 -32.35 0.68 10.58
C LYS E 417 -33.43 -0.14 9.89
N HIS E 418 -33.57 0.00 8.56
CA HIS E 418 -34.53 -0.83 7.85
C HIS E 418 -34.11 -2.28 7.85
N ASP E 419 -32.80 -2.56 7.83
CA ASP E 419 -32.37 -3.95 7.97
C ASP E 419 -32.81 -4.52 9.31
N ILE E 420 -32.72 -3.71 10.37
CA ILE E 420 -33.07 -4.16 11.71
C ILE E 420 -34.58 -4.26 11.84
N ASP E 421 -35.32 -3.47 11.08
CA ASP E 421 -36.76 -3.56 11.13
C ASP E 421 -37.28 -4.78 10.38
N GLN E 422 -36.60 -5.23 9.33
CA GLN E 422 -37.00 -6.48 8.69
C GLN E 422 -36.78 -7.68 9.59
N LEU E 423 -35.74 -7.66 10.44
CA LEU E 423 -35.56 -8.74 11.41
C LEU E 423 -36.66 -8.72 12.47
N ILE E 424 -37.03 -7.54 12.96
CA ILE E 424 -38.07 -7.44 13.97
C ILE E 424 -39.41 -7.82 13.37
N GLU E 425 -39.68 -7.39 12.14
CA GLU E 425 -40.96 -7.79 11.54
C GLU E 425 -40.96 -9.23 11.07
N GLY E 426 -39.81 -9.84 10.85
CA GLY E 426 -39.82 -11.23 10.49
C GLY E 426 -39.96 -12.08 11.73
N LEU E 427 -39.26 -11.68 12.80
CA LEU E 427 -39.41 -12.36 14.07
C LEU E 427 -40.87 -12.40 14.51
N ASN E 428 -41.60 -11.32 14.31
CA ASN E 428 -43.03 -11.32 14.66
C ASN E 428 -43.81 -12.30 13.82
N GLN E 429 -43.50 -12.40 12.52
CA GLN E 429 -44.06 -13.46 11.70
C GLN E 429 -43.79 -14.84 12.33
N VAL E 430 -42.55 -15.07 12.78
CA VAL E 430 -42.23 -16.36 13.38
C VAL E 430 -43.12 -16.60 14.60
N TRP E 431 -43.35 -15.57 15.41
CA TRP E 431 -44.13 -15.80 16.62
C TRP E 431 -45.56 -16.22 16.27
N LYS E 432 -46.19 -15.47 15.35
CA LYS E 432 -47.56 -15.74 14.91
C LYS E 432 -47.72 -17.18 14.42
N ILE E 433 -46.64 -17.87 14.08
CA ILE E 433 -46.78 -19.27 13.71
C ILE E 433 -46.58 -20.21 14.90
N PHE E 434 -45.75 -19.85 15.87
CA PHE E 434 -45.40 -20.80 16.91
C PHE E 434 -45.92 -20.44 18.31
N MET F 19 -22.00 -40.10 -37.66
CA MET F 19 -20.56 -40.20 -37.83
C MET F 19 -20.13 -41.32 -38.78
N THR F 20 -21.01 -41.83 -39.63
CA THR F 20 -20.65 -42.88 -40.57
C THR F 20 -20.48 -42.34 -41.98
N ASP F 21 -19.81 -43.12 -42.81
CA ASP F 21 -19.69 -42.79 -44.24
C ASP F 21 -21.06 -42.76 -44.91
N THR F 22 -22.01 -43.60 -44.47
CA THR F 22 -23.35 -43.53 -45.04
C THR F 22 -24.13 -42.32 -44.55
N GLU F 23 -23.75 -41.76 -43.40
CA GLU F 23 -24.42 -40.58 -42.86
C GLU F 23 -23.92 -39.28 -43.49
N VAL F 24 -22.61 -39.14 -43.68
CA VAL F 24 -22.15 -38.01 -44.47
C VAL F 24 -22.76 -38.07 -45.87
N ALA F 25 -23.19 -39.26 -46.29
CA ALA F 25 -23.85 -39.39 -47.59
C ALA F 25 -25.22 -38.72 -47.59
N GLN F 26 -26.04 -38.97 -46.56
CA GLN F 26 -27.37 -38.38 -46.52
C GLN F 26 -27.28 -36.84 -46.53
N ILE F 27 -26.32 -36.28 -45.80
CA ILE F 27 -26.31 -34.82 -45.70
C ILE F 27 -25.54 -34.18 -46.83
N THR F 28 -24.75 -34.97 -47.57
CA THR F 28 -24.25 -34.47 -48.85
C THR F 28 -25.40 -34.23 -49.84
N ASP F 29 -26.38 -35.12 -49.86
CA ASP F 29 -27.54 -34.83 -50.68
C ASP F 29 -28.43 -33.83 -49.96
N ASN F 30 -29.14 -33.03 -50.72
CA ASN F 30 -30.11 -32.09 -50.19
C ASN F 30 -31.35 -32.28 -51.04
N PRO F 31 -32.26 -33.15 -50.61
CA PRO F 31 -33.52 -33.30 -51.35
C PRO F 31 -34.51 -32.15 -51.15
N TYR F 32 -34.19 -31.14 -50.32
CA TYR F 32 -35.21 -30.18 -49.89
C TYR F 32 -34.98 -28.73 -50.27
N LYS F 33 -33.75 -28.33 -50.63
CA LYS F 33 -33.47 -26.91 -50.77
C LYS F 33 -34.29 -26.25 -51.88
N ALA F 34 -34.63 -27.00 -52.94
CA ALA F 34 -35.40 -26.42 -54.04
C ALA F 34 -36.79 -25.96 -53.62
N ASP F 35 -37.34 -26.50 -52.53
CA ASP F 35 -38.66 -26.10 -52.05
C ASP F 35 -38.71 -24.70 -51.48
N PHE F 36 -37.58 -24.01 -51.41
CA PHE F 36 -37.52 -22.69 -50.80
C PHE F 36 -37.11 -21.66 -51.83
N PRO F 37 -37.97 -20.69 -52.15
CA PRO F 37 -37.63 -19.73 -53.20
C PRO F 37 -36.39 -18.93 -52.90
N ILE F 38 -36.22 -18.45 -51.65
CA ILE F 38 -35.08 -17.62 -51.32
C ILE F 38 -33.79 -18.42 -51.46
N LEU F 39 -33.82 -19.70 -51.10
CA LEU F 39 -32.63 -20.55 -51.20
C LEU F 39 -32.41 -20.99 -52.64
N ALA F 40 -33.50 -21.27 -53.36
CA ALA F 40 -33.35 -21.64 -54.75
C ALA F 40 -32.71 -20.52 -55.53
N ALA F 41 -33.11 -19.27 -55.24
CA ALA F 41 -32.64 -18.07 -55.98
C ALA F 41 -31.19 -17.72 -55.73
N ASN F 42 -30.57 -18.29 -54.70
CA ASN F 42 -29.24 -17.89 -54.29
C ASN F 42 -28.47 -19.12 -53.82
N PRO F 43 -27.99 -19.94 -54.75
CA PRO F 43 -27.15 -21.08 -54.32
C PRO F 43 -25.80 -20.66 -53.73
N LYS F 44 -25.30 -19.46 -54.05
CA LYS F 44 -24.02 -19.06 -53.44
C LYS F 44 -24.11 -18.84 -51.92
N VAL F 45 -25.30 -18.95 -51.31
CA VAL F 45 -25.54 -18.56 -49.92
C VAL F 45 -25.68 -19.80 -49.07
N ALA F 46 -25.14 -19.73 -47.84
CA ALA F 46 -25.36 -20.75 -46.81
C ALA F 46 -26.08 -20.09 -45.64
N TYR F 47 -27.30 -20.53 -45.36
CA TYR F 47 -28.15 -19.93 -44.33
C TYR F 47 -28.07 -20.76 -43.07
N LEU F 48 -27.46 -20.21 -42.04
CA LEU F 48 -27.23 -20.97 -40.80
C LEU F 48 -27.73 -20.21 -39.58
N ASP F 49 -28.89 -19.58 -39.70
CA ASP F 49 -29.57 -18.92 -38.59
C ASP F 49 -31.03 -19.36 -38.51
N SER F 50 -31.32 -20.64 -38.80
CA SER F 50 -32.72 -21.07 -38.72
C SER F 50 -33.29 -20.99 -37.31
N ALA F 51 -32.46 -20.82 -36.29
CA ALA F 51 -33.00 -20.63 -34.95
C ALA F 51 -33.61 -19.26 -34.81
N ALA F 52 -33.21 -18.33 -35.67
CA ALA F 52 -33.77 -17.00 -35.69
C ALA F 52 -35.14 -17.02 -36.37
N THR F 53 -35.17 -17.44 -37.63
CA THR F 53 -36.41 -17.66 -38.35
C THR F 53 -36.05 -18.58 -39.49
N SER F 54 -36.98 -19.46 -39.85
CA SER F 54 -36.67 -20.36 -40.94
C SER F 54 -36.99 -19.69 -42.27
N GLN F 55 -36.56 -20.32 -43.35
CA GLN F 55 -37.02 -19.86 -44.64
C GLN F 55 -38.33 -20.56 -44.97
N ARG F 56 -39.10 -19.95 -45.87
CA ARG F 56 -40.47 -20.34 -46.15
C ARG F 56 -40.55 -21.17 -47.43
N PRO F 57 -41.31 -22.27 -47.37
CA PRO F 57 -41.59 -23.06 -48.59
C PRO F 57 -42.47 -22.30 -49.56
N ARG F 58 -42.27 -22.57 -50.86
CA ARG F 58 -43.14 -21.97 -51.89
C ARG F 58 -44.61 -22.23 -51.61
N VAL F 59 -44.94 -23.42 -51.11
CA VAL F 59 -46.33 -23.75 -50.83
C VAL F 59 -46.90 -22.79 -49.78
N VAL F 60 -46.12 -22.49 -48.73
CA VAL F 60 -46.59 -21.63 -47.65
C VAL F 60 -46.74 -20.19 -48.14
N ILE F 61 -45.78 -19.71 -48.93
CA ILE F 61 -45.87 -18.36 -49.45
C ILE F 61 -47.11 -18.21 -50.33
N GLU F 62 -47.30 -19.14 -51.27
CA GLU F 62 -48.50 -18.95 -52.10
C GLU F 62 -49.79 -19.25 -51.35
N ALA F 63 -49.78 -20.03 -50.26
CA ALA F 63 -51.05 -20.22 -49.56
C ALA F 63 -51.50 -18.94 -48.87
N GLN F 64 -50.56 -18.13 -48.35
CA GLN F 64 -51.01 -16.89 -47.74
C GLN F 64 -51.58 -15.97 -48.82
N SER F 65 -51.08 -16.12 -50.04
CA SER F 65 -51.56 -15.31 -51.14
CA SER F 65 -51.56 -15.30 -51.15
C SER F 65 -52.96 -15.74 -51.57
N ARG F 66 -53.12 -17.04 -51.87
CA ARG F 66 -54.42 -17.58 -52.26
C ARG F 66 -55.49 -17.14 -51.27
N PHE F 67 -55.18 -17.18 -49.97
CA PHE F 67 -56.18 -16.76 -49.00
C PHE F 67 -56.68 -15.36 -49.32
N TYR F 68 -55.77 -14.44 -49.57
CA TYR F 68 -56.16 -13.06 -49.80
C TYR F 68 -56.89 -12.89 -51.12
N GLU F 69 -56.54 -13.70 -52.11
CA GLU F 69 -57.16 -13.62 -53.44
C GLU F 69 -58.41 -14.48 -53.58
N THR F 70 -58.64 -15.45 -52.71
CA THR F 70 -59.79 -16.34 -52.89
C THR F 70 -60.86 -16.19 -51.82
N MET F 71 -60.53 -15.97 -50.55
CA MET F 71 -61.56 -15.89 -49.52
C MET F 71 -61.27 -14.82 -48.44
N ASN F 72 -60.97 -13.57 -48.83
CA ASN F 72 -60.59 -12.53 -47.87
C ASN F 72 -61.63 -12.26 -46.79
N ALA F 73 -61.47 -12.89 -45.63
CA ALA F 73 -62.45 -12.80 -44.57
C ALA F 73 -61.80 -12.82 -43.20
N TRP F 82 -68.86 -15.83 -49.33
CA TRP F 82 -67.69 -16.28 -48.56
C TRP F 82 -68.03 -16.36 -47.08
N SER F 83 -67.09 -15.82 -46.27
CA SER F 83 -67.11 -15.72 -44.80
C SER F 83 -67.58 -17.02 -44.15
N VAL F 84 -67.86 -18.02 -44.98
CA VAL F 84 -68.19 -19.35 -44.52
C VAL F 84 -67.24 -20.40 -45.07
N ASP F 85 -66.60 -20.17 -46.21
CA ASP F 85 -65.51 -21.06 -46.63
C ASP F 85 -64.23 -20.73 -45.87
N ALA F 86 -64.10 -19.48 -45.42
CA ALA F 86 -62.93 -19.09 -44.64
C ALA F 86 -62.98 -19.69 -43.24
N THR F 87 -64.11 -19.58 -42.56
CA THR F 87 -64.17 -20.04 -41.17
C THR F 87 -63.88 -21.53 -41.07
N ALA F 88 -64.34 -22.31 -42.05
CA ALA F 88 -64.05 -23.74 -42.01
C ALA F 88 -62.56 -24.03 -42.10
N ALA F 89 -61.80 -23.13 -42.71
CA ALA F 89 -60.39 -23.37 -42.91
C ALA F 89 -59.54 -22.96 -41.72
N ILE F 90 -59.89 -21.87 -41.02
CA ILE F 90 -59.15 -21.54 -39.81
C ILE F 90 -59.22 -22.68 -38.80
N GLU F 91 -60.36 -23.40 -38.74
CA GLU F 91 -60.44 -24.51 -37.80
C GLU F 91 -59.56 -25.67 -38.26
N ASP F 92 -59.53 -25.96 -39.57
CA ASP F 92 -58.62 -26.97 -40.08
C ASP F 92 -57.18 -26.66 -39.68
N ALA F 93 -56.85 -25.37 -39.58
CA ALA F 93 -55.51 -24.97 -39.17
C ALA F 93 -55.29 -25.25 -37.68
N ARG F 94 -56.17 -24.75 -36.82
CA ARG F 94 -56.18 -25.13 -35.41
C ARG F 94 -56.01 -26.64 -35.27
N ALA F 95 -56.80 -27.41 -36.04
CA ALA F 95 -56.74 -28.86 -35.95
C ALA F 95 -55.37 -29.38 -36.37
N SER F 96 -54.83 -28.85 -37.48
CA SER F 96 -53.54 -29.28 -37.97
C SER F 96 -52.44 -29.06 -36.93
N ILE F 97 -52.43 -27.86 -36.32
CA ILE F 97 -51.48 -27.58 -35.26
C ILE F 97 -51.73 -28.49 -34.06
N ALA F 98 -53.01 -28.64 -33.67
CA ALA F 98 -53.32 -29.46 -32.50
C ALA F 98 -52.81 -30.89 -32.68
N LYS F 99 -53.15 -31.53 -33.81
CA LYS F 99 -52.64 -32.88 -34.07
C LYS F 99 -51.12 -32.91 -34.16
N PHE F 100 -50.51 -31.84 -34.67
CA PHE F 100 -49.06 -31.81 -34.80
C PHE F 100 -48.33 -31.86 -33.44
N ILE F 101 -48.91 -31.28 -32.40
CA ILE F 101 -48.26 -31.25 -31.09
C ILE F 101 -48.84 -32.31 -30.15
N GLY F 102 -49.55 -33.31 -30.70
CA GLY F 102 -50.20 -34.33 -29.93
C GLY F 102 -51.50 -33.93 -29.26
N ALA F 103 -51.98 -32.71 -29.43
CA ALA F 103 -53.13 -32.25 -28.66
C ALA F 103 -54.41 -32.88 -29.22
N VAL F 104 -54.59 -34.16 -28.84
CA VAL F 104 -55.62 -35.04 -29.38
C VAL F 104 -56.42 -35.67 -28.24
N ASP F 105 -57.62 -36.15 -28.59
CA ASP F 105 -58.54 -36.82 -27.65
C ASP F 105 -58.16 -38.27 -27.59
N ALA F 108 -60.89 -40.17 -31.20
CA ALA F 108 -59.53 -39.68 -31.40
C ALA F 108 -59.51 -38.30 -32.13
N LYS F 109 -59.97 -37.24 -31.40
CA LYS F 109 -60.19 -35.97 -32.08
C LYS F 109 -59.09 -34.94 -31.78
N PRO F 110 -58.83 -34.01 -32.70
CA PRO F 110 -57.89 -32.92 -32.39
C PRO F 110 -58.48 -31.92 -31.41
N GLU F 111 -57.67 -31.50 -30.45
CA GLU F 111 -58.14 -30.57 -29.41
C GLU F 111 -58.01 -29.14 -29.92
N SER F 112 -58.62 -28.88 -31.07
CA SER F 112 -58.39 -27.62 -31.73
C SER F 112 -59.04 -26.45 -31.02
N GLN F 113 -60.05 -26.68 -30.20
CA GLN F 113 -60.59 -25.52 -29.53
C GLN F 113 -59.75 -25.14 -28.31
N GLN F 114 -58.59 -25.81 -28.12
CA GLN F 114 -57.66 -25.48 -27.06
C GLN F 114 -56.36 -24.85 -27.57
N ILE F 115 -56.31 -24.37 -28.78
CA ILE F 115 -55.10 -23.71 -29.25
C ILE F 115 -55.46 -22.33 -29.76
N ILE F 116 -54.62 -21.35 -29.40
CA ILE F 116 -54.90 -19.93 -29.48
C ILE F 116 -53.80 -19.27 -30.28
N PHE F 117 -54.15 -18.23 -31.04
CA PHE F 117 -53.17 -17.53 -31.83
C PHE F 117 -52.71 -16.23 -31.17
N THR F 118 -51.43 -15.91 -31.39
CA THR F 118 -50.82 -14.69 -30.89
C THR F 118 -49.92 -14.10 -31.98
N ARG F 119 -49.27 -12.98 -31.66
CA ARG F 119 -48.31 -12.41 -32.60
C ARG F 119 -47.13 -13.33 -32.80
N ASN F 120 -46.68 -13.99 -31.72
CA ASN F 120 -45.46 -14.76 -31.62
C ASN F 120 -45.31 -15.28 -30.18
N THR F 121 -44.22 -16.02 -29.90
CA THR F 121 -44.05 -16.65 -28.58
C THR F 121 -43.99 -15.64 -27.47
N SER F 122 -43.42 -14.47 -27.74
CA SER F 122 -43.32 -13.44 -26.72
C SER F 122 -44.70 -13.03 -26.23
N GLU F 123 -45.66 -12.86 -27.14
CA GLU F 123 -47.01 -12.50 -26.69
C GLU F 123 -47.65 -13.64 -25.91
N ALA F 124 -47.49 -14.87 -26.40
CA ALA F 124 -48.07 -15.99 -25.68
C ALA F 124 -47.53 -16.04 -24.26
N LEU F 125 -46.24 -15.77 -24.09
CA LEU F 125 -45.68 -15.78 -22.74
C LEU F 125 -46.17 -14.61 -21.90
N ASN F 126 -46.26 -13.41 -22.49
CA ASN F 126 -46.84 -12.27 -21.80
C ASN F 126 -48.27 -12.56 -21.34
N LEU F 127 -49.05 -13.27 -22.16
CA LEU F 127 -50.41 -13.67 -21.82
C LEU F 127 -50.44 -14.62 -20.62
N VAL F 128 -49.62 -15.70 -20.69
CA VAL F 128 -49.55 -16.63 -19.58
C VAL F 128 -49.12 -15.92 -18.31
N ALA F 129 -48.01 -15.18 -18.38
CA ALA F 129 -47.50 -14.51 -17.19
C ALA F 129 -48.56 -13.58 -16.59
N SER F 130 -49.37 -12.94 -17.44
CA SER F 130 -50.43 -12.05 -16.96
C SER F 130 -51.63 -12.82 -16.45
N SER F 131 -52.26 -13.64 -17.30
CA SER F 131 -53.47 -14.32 -16.88
CA SER F 131 -53.47 -14.32 -16.88
C SER F 131 -53.18 -15.36 -15.80
N LEU F 132 -52.24 -16.28 -16.06
CA LEU F 132 -51.95 -17.29 -15.05
C LEU F 132 -51.42 -16.63 -13.79
N GLY F 133 -50.66 -15.53 -13.95
CA GLY F 133 -50.16 -14.81 -12.80
C GLY F 133 -51.26 -14.29 -11.89
N ARG F 134 -52.31 -13.70 -12.47
CA ARG F 134 -53.40 -13.18 -11.62
C ARG F 134 -54.15 -14.34 -10.98
N TYR F 135 -54.44 -15.36 -11.76
CA TYR F 135 -55.26 -16.47 -11.30
C TYR F 135 -54.57 -17.28 -10.19
N ALA F 136 -53.25 -17.36 -10.17
CA ALA F 136 -52.62 -18.39 -9.35
C ALA F 136 -51.68 -17.87 -8.27
N LEU F 137 -50.94 -16.81 -8.50
CA LEU F 137 -49.91 -16.37 -7.55
C LEU F 137 -50.49 -15.51 -6.44
N LYS F 138 -50.39 -15.96 -5.21
CA LYS F 138 -50.64 -15.28 -3.95
C LYS F 138 -49.29 -14.90 -3.31
N PRO F 139 -49.22 -13.86 -2.47
CA PRO F 139 -47.92 -13.26 -2.14
C PRO F 139 -47.07 -14.21 -1.33
N GLY F 140 -45.81 -14.34 -1.71
CA GLY F 140 -44.96 -15.35 -1.12
C GLY F 140 -44.89 -16.67 -1.89
N ASP F 141 -45.63 -16.81 -2.99
CA ASP F 141 -45.43 -17.93 -3.89
C ASP F 141 -44.12 -17.76 -4.65
N ASP F 142 -43.66 -18.86 -5.23
CA ASP F 142 -42.41 -18.85 -5.97
C ASP F 142 -42.72 -19.18 -7.42
N VAL F 143 -42.21 -18.38 -8.35
CA VAL F 143 -42.29 -18.65 -9.78
C VAL F 143 -40.91 -19.08 -10.22
N VAL F 144 -40.78 -20.29 -10.78
CA VAL F 144 -39.47 -20.85 -11.12
C VAL F 144 -39.29 -20.87 -12.64
N ILE F 145 -38.23 -20.18 -13.08
CA ILE F 145 -37.77 -20.23 -14.46
C ILE F 145 -36.38 -20.87 -14.44
N SER F 146 -35.71 -20.93 -15.58
CA SER F 146 -34.36 -21.49 -15.63
C SER F 146 -33.39 -20.42 -16.08
N ILE F 147 -32.10 -20.64 -15.80
CA ILE F 147 -31.11 -19.67 -16.27
C ILE F 147 -30.93 -19.69 -17.79
N MET F 148 -31.52 -20.67 -18.49
CA MET F 148 -31.34 -20.80 -19.93
C MET F 148 -32.37 -20.03 -20.73
N GLU F 149 -33.22 -19.27 -20.04
CA GLU F 149 -34.35 -18.61 -20.67
C GLU F 149 -33.92 -17.51 -21.65
N HIS F 150 -34.68 -17.41 -22.72
CA HIS F 150 -34.76 -16.22 -23.56
C HIS F 150 -35.58 -15.16 -22.81
N HIS F 151 -35.28 -13.87 -23.08
CA HIS F 151 -35.79 -12.78 -22.26
C HIS F 151 -37.32 -12.82 -22.13
N SER F 152 -38.02 -13.30 -23.17
CA SER F 152 -39.49 -13.36 -23.15
C SER F 152 -40.04 -14.29 -22.08
N ASN F 153 -39.24 -15.25 -21.61
CA ASN F 153 -39.59 -16.07 -20.44
C ASN F 153 -38.88 -15.57 -19.18
N ILE F 154 -38.59 -14.26 -19.11
CA ILE F 154 -37.87 -13.68 -17.98
C ILE F 154 -38.58 -12.41 -17.56
N ILE F 155 -38.60 -11.40 -18.43
CA ILE F 155 -39.08 -10.07 -18.02
C ILE F 155 -40.57 -10.11 -17.65
N PRO F 156 -41.47 -10.77 -18.39
CA PRO F 156 -42.86 -10.82 -17.91
C PRO F 156 -43.00 -11.45 -16.52
N TRP F 157 -42.17 -12.44 -16.18
CA TRP F 157 -42.25 -13.05 -14.86
C TRP F 157 -41.69 -12.12 -13.80
N GLN F 158 -40.66 -11.37 -14.14
CA GLN F 158 -40.18 -10.34 -13.25
C GLN F 158 -41.31 -9.36 -12.91
N GLN F 159 -42.04 -8.89 -13.93
CA GLN F 159 -43.15 -7.97 -13.71
C GLN F 159 -44.21 -8.58 -12.80
N ILE F 160 -44.76 -9.73 -13.21
CA ILE F 160 -45.88 -10.32 -12.48
C ILE F 160 -45.47 -10.61 -11.05
N CYS F 161 -44.19 -10.91 -10.82
CA CYS F 161 -43.71 -11.10 -9.46
C CYS F 161 -43.84 -9.83 -8.63
N LYS F 162 -43.38 -8.69 -9.15
CA LYS F 162 -43.49 -7.45 -8.40
C LYS F 162 -44.96 -7.10 -8.15
N ALA F 163 -45.80 -7.31 -9.14
CA ALA F 163 -47.21 -6.99 -8.99
C ALA F 163 -47.87 -7.83 -7.90
N THR F 164 -47.38 -9.03 -7.64
CA THR F 164 -48.11 -10.00 -6.83
C THR F 164 -47.43 -10.43 -5.53
N GLY F 165 -46.27 -9.89 -5.21
CA GLY F 165 -45.57 -10.32 -4.01
C GLY F 165 -44.98 -11.73 -4.04
N ALA F 166 -44.51 -12.18 -5.21
CA ALA F 166 -43.95 -13.51 -5.38
C ALA F 166 -42.46 -13.41 -5.69
N ASN F 167 -41.70 -14.43 -5.28
CA ASN F 167 -40.27 -14.51 -5.52
C ASN F 167 -39.99 -15.26 -6.84
N LEU F 168 -38.89 -14.87 -7.50
CA LEU F 168 -38.50 -15.44 -8.79
C LEU F 168 -37.25 -16.31 -8.63
N VAL F 169 -37.38 -17.61 -8.90
CA VAL F 169 -36.31 -18.59 -8.68
C VAL F 169 -35.80 -19.11 -10.03
N TYR F 170 -34.48 -19.29 -10.13
CA TYR F 170 -33.81 -19.82 -11.32
C TYR F 170 -33.25 -21.23 -11.10
N LEU F 171 -33.42 -22.10 -12.08
CA LEU F 171 -32.79 -23.41 -12.14
C LEU F 171 -31.49 -23.24 -12.90
N ARG F 172 -30.40 -23.74 -12.31
CA ARG F 172 -29.05 -23.53 -12.83
C ARG F 172 -28.55 -24.80 -13.47
N MET F 173 -27.45 -24.69 -14.22
CA MET F 173 -26.88 -25.77 -15.00
C MET F 173 -25.66 -26.32 -14.30
N ASN F 174 -25.16 -27.45 -14.82
CA ASN F 174 -24.01 -28.13 -14.25
C ASN F 174 -22.83 -28.07 -15.24
N SER F 175 -21.74 -28.76 -14.90
CA SER F 175 -20.59 -28.92 -15.78
C SER F 175 -21.02 -29.29 -17.19
N GLN F 176 -21.94 -30.25 -17.31
CA GLN F 176 -22.35 -30.73 -18.61
C GLN F 176 -23.50 -29.93 -19.22
N TYR F 177 -23.82 -28.76 -18.65
CA TYR F 177 -24.82 -27.83 -19.18
C TYR F 177 -26.24 -28.40 -19.07
N GLN F 178 -26.48 -29.25 -18.09
CA GLN F 178 -27.78 -29.89 -17.95
C GLN F 178 -28.46 -29.36 -16.68
N ILE F 179 -29.78 -29.52 -16.61
CA ILE F 179 -30.54 -29.26 -15.40
C ILE F 179 -30.77 -30.61 -14.71
N THR F 180 -29.98 -30.90 -13.70
CA THR F 180 -29.94 -32.21 -13.10
C THR F 180 -31.17 -32.46 -12.24
N PRO F 181 -31.54 -33.71 -12.00
CA PRO F 181 -32.68 -33.98 -11.10
C PRO F 181 -32.47 -33.47 -9.69
N GLU F 182 -31.22 -33.37 -9.21
CA GLU F 182 -31.02 -32.79 -7.90
C GLU F 182 -31.40 -31.30 -7.89
N GLU F 183 -31.14 -30.57 -8.98
CA GLU F 183 -31.41 -29.13 -9.02
C GLU F 183 -32.90 -28.84 -9.13
N ILE F 184 -33.60 -29.62 -9.97
CA ILE F 184 -35.06 -29.58 -10.08
C ILE F 184 -35.69 -29.71 -8.69
N ALA F 185 -35.39 -30.84 -8.00
CA ALA F 185 -35.94 -31.06 -6.66
C ALA F 185 -35.55 -29.99 -5.65
N SER F 186 -34.46 -29.26 -5.86
CA SER F 186 -34.02 -28.31 -4.84
C SER F 186 -34.70 -26.95 -4.99
N LYS F 187 -35.07 -26.57 -6.23
CA LYS F 187 -35.62 -25.27 -6.51
C LYS F 187 -37.12 -25.24 -6.71
N ILE F 188 -37.75 -26.37 -7.04
CA ILE F 188 -39.20 -26.44 -7.20
C ILE F 188 -39.74 -27.07 -5.92
N THR F 189 -40.11 -26.23 -4.95
CA THR F 189 -40.57 -26.69 -3.65
C THR F 189 -42.06 -26.41 -3.49
N GLU F 190 -42.59 -26.74 -2.31
CA GLU F 190 -44.01 -26.55 -2.02
C GLU F 190 -44.43 -25.09 -2.19
N ARG F 191 -43.48 -24.14 -2.05
CA ARG F 191 -43.76 -22.73 -2.33
C ARG F 191 -44.02 -22.45 -3.81
N ALA F 192 -43.51 -23.28 -4.72
CA ALA F 192 -43.74 -23.07 -6.15
C ALA F 192 -45.25 -23.11 -6.50
N LYS F 193 -45.67 -22.17 -7.39
CA LYS F 193 -47.00 -22.10 -8.01
C LYS F 193 -46.93 -22.07 -9.54
N ILE F 194 -45.90 -21.44 -10.12
CA ILE F 194 -45.71 -21.48 -11.57
C ILE F 194 -44.24 -21.84 -11.86
N VAL F 195 -44.03 -22.83 -12.73
CA VAL F 195 -42.71 -23.21 -13.21
C VAL F 195 -42.75 -23.05 -14.72
N SER F 196 -41.85 -22.24 -15.26
CA SER F 196 -41.84 -21.95 -16.70
C SER F 196 -40.43 -22.12 -17.25
N VAL F 197 -40.23 -23.22 -17.97
CA VAL F 197 -38.93 -23.68 -18.42
C VAL F 197 -38.93 -23.86 -19.92
N THR F 198 -37.88 -23.37 -20.59
CA THR F 198 -37.69 -23.63 -22.00
C THR F 198 -37.55 -25.12 -22.28
N HIS F 199 -38.06 -25.52 -23.44
CA HIS F 199 -37.87 -26.89 -23.85
C HIS F 199 -36.50 -27.06 -24.45
N VAL F 200 -36.11 -26.13 -25.32
CA VAL F 200 -34.81 -26.15 -25.97
C VAL F 200 -34.22 -24.75 -25.91
N SER F 201 -32.98 -24.66 -25.44
CA SER F 201 -32.28 -23.38 -25.40
C SER F 201 -31.88 -22.94 -26.79
N ASN F 202 -32.10 -21.66 -27.08
CA ASN F 202 -31.70 -21.03 -28.35
C ASN F 202 -30.22 -20.64 -28.41
N VAL F 203 -29.44 -20.84 -27.34
CA VAL F 203 -28.01 -20.62 -27.37
C VAL F 203 -27.25 -21.94 -27.26
N LEU F 204 -27.60 -22.75 -26.28
CA LEU F 204 -26.82 -23.95 -26.07
C LEU F 204 -27.24 -25.06 -27.00
N GLY F 205 -28.51 -25.12 -27.34
CA GLY F 205 -29.04 -26.27 -28.04
C GLY F 205 -29.50 -27.40 -27.14
N THR F 206 -29.56 -27.18 -25.83
CA THR F 206 -29.89 -28.24 -24.89
C THR F 206 -31.37 -28.55 -24.88
N ARG F 207 -31.74 -29.84 -24.83
CA ARG F 207 -33.12 -30.27 -24.61
C ARG F 207 -33.32 -30.57 -23.12
N ASN F 208 -34.27 -29.89 -22.50
CA ASN F 208 -34.54 -30.11 -21.08
C ASN F 208 -35.56 -31.22 -20.87
N ASP F 209 -35.38 -31.96 -19.78
CA ASP F 209 -36.36 -32.99 -19.48
C ASP F 209 -37.62 -32.34 -18.93
N ILE F 210 -38.43 -31.81 -19.86
CA ILE F 210 -39.64 -31.07 -19.53
C ILE F 210 -40.60 -31.94 -18.75
N LYS F 211 -40.72 -33.22 -19.13
CA LYS F 211 -41.59 -34.15 -18.43
C LYS F 211 -41.17 -34.31 -16.98
N ALA F 212 -39.87 -34.41 -16.72
CA ALA F 212 -39.41 -34.45 -15.33
C ALA F 212 -39.83 -33.19 -14.58
N ILE F 213 -39.56 -32.01 -15.16
CA ILE F 213 -39.93 -30.74 -14.55
C ILE F 213 -41.42 -30.70 -14.27
N ALA F 214 -42.21 -31.21 -15.23
CA ALA F 214 -43.66 -31.27 -15.09
C ALA F 214 -44.10 -32.11 -13.90
N LYS F 215 -43.53 -33.30 -13.73
CA LYS F 215 -43.96 -34.22 -12.68
C LYS F 215 -43.58 -33.69 -11.29
N ARG F 216 -42.43 -33.07 -11.15
CA ARG F 216 -42.10 -32.47 -9.86
C ARG F 216 -42.97 -31.25 -9.56
N THR F 217 -43.19 -30.40 -10.56
CA THR F 217 -43.95 -29.16 -10.36
C THR F 217 -45.38 -29.47 -9.95
N HIS F 218 -45.98 -30.45 -10.60
CA HIS F 218 -47.34 -30.83 -10.22
C HIS F 218 -47.35 -31.36 -8.78
N ALA F 219 -46.30 -32.08 -8.38
CA ALA F 219 -46.19 -32.52 -7.00
C ALA F 219 -46.19 -31.34 -6.05
N MET F 220 -45.69 -30.21 -6.47
CA MET F 220 -45.52 -29.08 -5.58
C MET F 220 -46.65 -28.08 -5.65
N GLY F 221 -47.78 -28.47 -6.27
CA GLY F 221 -49.01 -27.71 -6.48
C GLY F 221 -48.83 -26.55 -7.42
N ALA F 222 -48.20 -26.78 -8.57
CA ALA F 222 -47.79 -25.68 -9.42
C ALA F 222 -48.04 -25.97 -10.90
N TYR F 223 -48.18 -24.91 -11.69
CA TYR F 223 -48.55 -25.02 -13.10
C TYR F 223 -47.30 -25.02 -13.99
N MET F 224 -47.20 -26.01 -14.87
CA MET F 224 -46.12 -26.16 -15.82
C MET F 224 -46.37 -25.37 -17.11
N VAL F 225 -45.47 -24.43 -17.41
CA VAL F 225 -45.50 -23.65 -18.64
C VAL F 225 -44.24 -23.96 -19.44
N VAL F 226 -44.41 -24.19 -20.75
CA VAL F 226 -43.33 -24.64 -21.63
C VAL F 226 -43.16 -23.63 -22.75
N ASP F 227 -42.01 -22.95 -22.75
CA ASP F 227 -41.58 -22.15 -23.89
C ASP F 227 -40.90 -23.09 -24.87
N ALA F 228 -41.56 -23.35 -25.99
CA ALA F 228 -41.06 -24.35 -26.90
C ALA F 228 -40.81 -23.78 -28.29
N ALA F 229 -40.45 -22.50 -28.39
CA ALA F 229 -40.23 -21.93 -29.73
C ALA F 229 -39.07 -22.59 -30.46
N GLN F 230 -38.14 -23.19 -29.73
CA GLN F 230 -36.98 -23.84 -30.31
C GLN F 230 -37.12 -25.35 -30.36
N SER F 231 -38.11 -25.90 -29.67
CA SER F 231 -38.26 -27.34 -29.74
C SER F 231 -39.24 -27.73 -30.81
N ALA F 232 -40.34 -27.02 -30.92
CA ALA F 232 -41.36 -27.35 -31.91
C ALA F 232 -40.83 -27.52 -33.32
N PRO F 233 -39.91 -26.69 -33.84
CA PRO F 233 -39.45 -26.88 -35.23
C PRO F 233 -38.49 -28.07 -35.42
N HIS F 234 -38.06 -28.75 -34.37
CA HIS F 234 -36.96 -29.68 -34.54
C HIS F 234 -37.19 -31.06 -33.92
N ILE F 235 -37.60 -31.07 -32.66
CA ILE F 235 -37.87 -32.29 -31.94
C ILE F 235 -39.36 -32.56 -32.05
N LEU F 236 -39.76 -33.78 -31.70
CA LEU F 236 -41.19 -34.10 -31.72
C LEU F 236 -41.80 -33.67 -30.40
N VAL F 237 -42.86 -32.86 -30.46
CA VAL F 237 -43.51 -32.37 -29.27
C VAL F 237 -44.88 -33.03 -29.15
N ASN F 238 -45.14 -33.64 -27.99
CA ASN F 238 -46.43 -34.24 -27.67
C ASN F 238 -46.84 -33.73 -26.29
N VAL F 239 -47.76 -32.77 -26.27
CA VAL F 239 -48.14 -32.12 -25.02
C VAL F 239 -48.67 -33.11 -24.00
N HIS F 240 -49.28 -34.20 -24.46
CA HIS F 240 -49.87 -35.15 -23.52
C HIS F 240 -48.83 -36.08 -22.94
N ASP F 241 -47.77 -36.33 -23.70
CA ASP F 241 -46.62 -37.02 -23.14
C ASP F 241 -45.90 -36.15 -22.12
N LEU F 242 -45.54 -34.93 -22.52
CA LEU F 242 -44.81 -34.05 -21.61
C LEU F 242 -45.66 -33.66 -20.40
N ASP F 243 -46.97 -33.86 -20.46
CA ASP F 243 -47.85 -33.59 -19.32
C ASP F 243 -47.68 -32.16 -18.78
N CYS F 244 -47.53 -31.22 -19.70
CA CYS F 244 -47.45 -29.82 -19.31
C CYS F 244 -48.81 -29.13 -19.36
N ASP F 245 -48.90 -28.00 -18.67
CA ASP F 245 -50.13 -27.22 -18.62
C ASP F 245 -50.23 -26.18 -19.72
N LEU F 246 -49.15 -25.47 -20.01
CA LEU F 246 -49.14 -24.53 -21.12
C LEU F 246 -47.89 -24.78 -21.97
N LEU F 247 -48.03 -24.55 -23.27
CA LEU F 247 -46.94 -24.69 -24.22
C LEU F 247 -47.09 -23.61 -25.30
N ALA F 248 -45.99 -22.98 -25.70
CA ALA F 248 -46.09 -21.93 -26.69
C ALA F 248 -44.97 -22.11 -27.70
N PHE F 249 -45.13 -21.48 -28.87
CA PHE F 249 -44.04 -21.32 -29.84
C PHE F 249 -44.47 -20.33 -30.95
N SER F 250 -43.62 -20.16 -31.95
CA SER F 250 -43.89 -19.26 -33.05
C SER F 250 -43.90 -20.05 -34.35
N ALA F 251 -44.83 -19.72 -35.25
CA ALA F 251 -44.89 -20.47 -36.50
C ALA F 251 -43.72 -20.16 -37.41
N HIS F 252 -43.07 -19.01 -37.25
CA HIS F 252 -42.08 -18.56 -38.22
C HIS F 252 -40.74 -19.26 -38.10
N ARG F 253 -40.53 -20.09 -37.08
CA ARG F 253 -39.34 -20.95 -37.01
C ARG F 253 -39.57 -22.34 -37.55
N MET F 254 -40.79 -22.68 -37.91
CA MET F 254 -41.04 -24.01 -38.43
C MET F 254 -41.78 -23.89 -39.76
N CYS F 255 -41.24 -23.02 -40.61
CA CYS F 255 -41.63 -22.82 -41.98
C CYS F 255 -42.97 -22.11 -42.15
N GLY F 256 -43.56 -21.61 -41.08
CA GLY F 256 -44.76 -20.80 -41.18
C GLY F 256 -44.50 -19.32 -41.34
N PRO F 257 -45.57 -18.53 -41.52
CA PRO F 257 -45.39 -17.09 -41.76
C PRO F 257 -44.98 -16.37 -40.48
N MET F 258 -44.51 -15.14 -40.66
CA MET F 258 -44.34 -14.28 -39.51
C MET F 258 -45.70 -13.81 -38.99
N GLY F 259 -45.71 -13.28 -37.79
CA GLY F 259 -46.94 -12.78 -37.23
C GLY F 259 -47.87 -13.80 -36.63
N ILE F 260 -47.41 -15.03 -36.40
CA ILE F 260 -48.25 -16.10 -35.87
C ILE F 260 -47.52 -16.83 -34.75
N GLY F 261 -48.06 -16.74 -33.54
CA GLY F 261 -47.69 -17.63 -32.43
C GLY F 261 -48.87 -18.46 -31.91
N VAL F 262 -48.59 -19.63 -31.40
CA VAL F 262 -49.59 -20.50 -30.81
C VAL F 262 -49.18 -20.86 -29.40
N LEU F 263 -50.22 -20.91 -28.57
CA LEU F 263 -50.23 -21.30 -27.17
C LEU F 263 -51.27 -22.38 -27.08
N TRP F 264 -50.87 -23.53 -26.58
CA TRP F 264 -51.77 -24.63 -26.26
C TRP F 264 -51.98 -24.60 -24.77
N GLY F 265 -53.12 -25.06 -24.31
CA GLY F 265 -53.41 -25.11 -22.89
C GLY F 265 -54.36 -26.24 -22.61
N ARG F 266 -54.23 -26.80 -21.40
CA ARG F 266 -55.22 -27.76 -20.91
C ARG F 266 -56.58 -27.07 -20.78
N ALA F 267 -57.61 -27.70 -21.33
CA ALA F 267 -58.91 -27.06 -21.47
C ALA F 267 -59.39 -26.48 -20.14
N GLU F 268 -59.26 -27.26 -19.09
CA GLU F 268 -59.77 -26.81 -17.80
C GLU F 268 -59.09 -25.53 -17.35
N LEU F 269 -57.77 -25.42 -17.52
CA LEU F 269 -57.05 -24.22 -17.11
C LEU F 269 -57.41 -23.00 -17.98
N LEU F 270 -57.44 -23.17 -19.31
CA LEU F 270 -57.86 -22.08 -20.18
C LEU F 270 -59.22 -21.54 -19.78
N ASN F 271 -60.19 -22.42 -19.49
CA ASN F 271 -61.47 -21.93 -19.01
C ASN F 271 -61.33 -21.19 -17.69
N ALA F 272 -60.44 -21.65 -16.82
CA ALA F 272 -60.32 -21.02 -15.51
C ALA F 272 -59.66 -19.66 -15.55
N MET F 273 -58.71 -19.45 -16.46
CA MET F 273 -57.89 -18.25 -16.43
C MET F 273 -58.68 -17.02 -16.87
N PRO F 274 -58.32 -15.84 -16.37
CA PRO F 274 -58.93 -14.59 -16.86
C PRO F 274 -58.57 -14.31 -18.31
N PRO F 275 -59.25 -13.35 -18.95
CA PRO F 275 -58.79 -12.87 -20.26
C PRO F 275 -57.59 -11.94 -20.11
N PHE F 276 -56.83 -11.84 -21.20
CA PHE F 276 -55.63 -11.00 -21.19
C PHE F 276 -55.96 -9.71 -21.93
N LEU F 277 -55.82 -9.70 -23.25
CA LEU F 277 -56.32 -8.58 -24.02
C LEU F 277 -57.84 -8.57 -24.04
N THR F 278 -58.43 -7.39 -23.89
CA THR F 278 -59.87 -7.26 -23.83
C THR F 278 -60.33 -6.47 -25.05
N GLY F 279 -61.55 -6.75 -25.53
CA GLY F 279 -62.05 -5.98 -26.66
C GLY F 279 -63.19 -6.63 -27.40
N GLY F 280 -63.20 -6.53 -28.74
CA GLY F 280 -64.22 -7.21 -29.52
C GLY F 280 -63.78 -8.58 -29.98
N GLU F 281 -64.77 -9.47 -30.17
CA GLU F 281 -64.55 -10.84 -30.61
C GLU F 281 -63.86 -11.58 -29.49
N MET F 282 -64.17 -11.09 -28.28
CA MET F 282 -63.16 -10.52 -27.40
C MET F 282 -62.92 -11.96 -27.20
N TRP F 293 -68.06 -12.55 -21.44
CA TRP F 293 -66.85 -13.02 -22.12
C TRP F 293 -67.04 -14.45 -22.66
N ALA F 294 -66.55 -14.65 -23.88
CA ALA F 294 -66.75 -15.78 -24.78
C ALA F 294 -66.16 -17.12 -24.30
N PRO F 295 -66.28 -18.19 -25.08
CA PRO F 295 -65.56 -19.41 -24.76
C PRO F 295 -64.13 -19.37 -25.24
N VAL F 296 -63.31 -20.21 -24.62
CA VAL F 296 -62.04 -20.58 -25.26
C VAL F 296 -62.34 -21.20 -26.60
N PRO F 297 -61.55 -20.93 -27.66
CA PRO F 297 -60.40 -20.03 -27.73
C PRO F 297 -60.70 -18.55 -27.90
N GLU F 298 -61.91 -18.20 -28.35
CA GLU F 298 -62.17 -16.81 -28.73
C GLU F 298 -61.92 -15.83 -27.60
N LYS F 299 -61.98 -16.29 -26.35
CA LYS F 299 -61.76 -15.43 -25.19
C LYS F 299 -60.34 -14.87 -25.12
N PHE F 300 -59.41 -15.38 -25.95
CA PHE F 300 -58.01 -15.00 -25.91
C PHE F 300 -57.51 -14.45 -27.23
N GLU F 301 -58.41 -14.09 -28.15
CA GLU F 301 -58.04 -13.60 -29.48
C GLU F 301 -58.92 -12.40 -29.77
N ALA F 302 -58.46 -11.23 -29.32
CA ALA F 302 -59.21 -9.99 -29.40
C ALA F 302 -58.94 -9.28 -30.72
N GLY F 303 -59.99 -8.98 -31.44
CA GLY F 303 -59.85 -8.26 -32.68
C GLY F 303 -59.69 -9.18 -33.87
N THR F 304 -59.54 -8.54 -35.02
CA THR F 304 -59.31 -9.26 -36.27
C THR F 304 -57.96 -9.95 -36.24
N GLN F 305 -57.94 -11.23 -36.55
CA GLN F 305 -56.70 -12.00 -36.50
C GLN F 305 -56.12 -12.19 -37.91
N ASP F 306 -54.86 -12.59 -37.95
CA ASP F 306 -54.18 -12.80 -39.21
C ASP F 306 -54.66 -14.10 -39.85
N ALA F 307 -55.90 -14.09 -40.33
CA ALA F 307 -56.49 -15.27 -40.95
C ALA F 307 -55.62 -15.86 -42.05
N ALA F 308 -55.08 -15.01 -42.94
CA ALA F 308 -54.20 -15.52 -44.00
C ALA F 308 -52.90 -16.11 -43.44
N GLY F 309 -52.39 -15.56 -42.34
CA GLY F 309 -51.24 -16.17 -41.69
C GLY F 309 -51.58 -17.48 -40.99
N ILE F 310 -52.70 -17.51 -40.26
CA ILE F 310 -53.18 -18.76 -39.66
C ILE F 310 -53.38 -19.81 -40.75
N TYR F 311 -53.92 -19.40 -41.90
CA TYR F 311 -54.12 -20.32 -43.00
C TYR F 311 -52.81 -20.93 -43.48
N ALA F 312 -51.81 -20.09 -43.74
CA ALA F 312 -50.52 -20.58 -44.18
C ALA F 312 -49.80 -21.33 -43.08
N THR F 313 -50.05 -20.95 -41.82
CA THR F 313 -49.47 -21.72 -40.72
C THR F 313 -49.91 -23.16 -40.81
N GLY F 314 -51.19 -23.37 -41.13
CA GLY F 314 -51.67 -24.70 -41.46
C GLY F 314 -50.99 -25.29 -42.69
N ALA F 315 -50.86 -24.51 -43.77
CA ALA F 315 -50.12 -25.01 -44.92
C ALA F 315 -48.74 -25.54 -44.48
N ALA F 316 -48.08 -24.81 -43.57
CA ALA F 316 -46.73 -25.18 -43.13
C ALA F 316 -46.77 -26.44 -42.30
N ILE F 317 -47.79 -26.61 -41.46
CA ILE F 317 -47.89 -27.86 -40.73
C ILE F 317 -48.14 -29.02 -41.68
N LYS F 318 -48.99 -28.80 -42.69
CA LYS F 318 -49.25 -29.86 -43.66
C LYS F 318 -48.01 -30.16 -44.51
N TYR F 319 -47.15 -29.15 -44.75
CA TYR F 319 -45.93 -29.36 -45.50
C TYR F 319 -44.89 -30.16 -44.72
N LEU F 320 -44.73 -29.87 -43.44
CA LEU F 320 -43.74 -30.61 -42.67
C LEU F 320 -44.16 -32.06 -42.51
N ASN F 321 -45.45 -32.26 -42.21
CA ASN F 321 -46.01 -33.60 -42.04
C ASN F 321 -45.80 -34.44 -43.30
N GLY F 322 -45.96 -33.83 -44.48
CA GLY F 322 -45.73 -34.56 -45.71
C GLY F 322 -44.30 -35.05 -45.83
N LEU F 323 -43.34 -34.25 -45.35
CA LEU F 323 -41.93 -34.63 -45.32
C LEU F 323 -41.62 -35.61 -44.19
N ASP F 324 -42.55 -35.80 -43.23
CA ASP F 324 -42.37 -36.64 -42.04
C ASP F 324 -41.38 -36.07 -41.04
N MET F 325 -41.87 -35.80 -39.82
CA MET F 325 -41.00 -35.35 -38.72
C MET F 325 -39.87 -36.35 -38.42
N ALA F 326 -40.07 -37.64 -38.65
CA ALA F 326 -38.97 -38.57 -38.40
C ALA F 326 -37.81 -38.30 -39.35
N LYS F 327 -38.10 -38.17 -40.64
CA LYS F 327 -37.04 -37.80 -41.56
C LYS F 327 -36.46 -36.42 -41.21
N ILE F 328 -37.27 -35.50 -40.70
CA ILE F 328 -36.75 -34.18 -40.33
C ILE F 328 -35.88 -34.29 -39.08
N GLU F 329 -36.37 -34.95 -38.03
CA GLU F 329 -35.55 -35.06 -36.84
C GLU F 329 -34.22 -35.72 -37.18
N LYS F 330 -34.25 -36.79 -37.98
CA LYS F 330 -33.02 -37.52 -38.27
C LYS F 330 -32.02 -36.68 -39.03
N ARG F 331 -32.47 -35.98 -40.10
CA ARG F 331 -31.54 -35.20 -40.89
C ARG F 331 -30.92 -34.08 -40.06
N GLU F 332 -31.73 -33.42 -39.25
CA GLU F 332 -31.23 -32.33 -38.45
C GLU F 332 -30.25 -32.83 -37.37
N GLU F 333 -30.44 -34.07 -36.89
CA GLU F 333 -29.44 -34.64 -36.02
C GLU F 333 -28.14 -34.90 -36.78
N LEU F 334 -28.23 -35.33 -38.04
CA LEU F 334 -27.01 -35.56 -38.81
C LEU F 334 -26.31 -34.25 -39.12
N LEU F 335 -27.07 -33.19 -39.39
CA LEU F 335 -26.45 -31.89 -39.65
C LEU F 335 -25.85 -31.30 -38.37
N ALA F 336 -26.61 -31.28 -37.28
CA ALA F 336 -26.04 -30.81 -36.01
C ALA F 336 -24.78 -31.61 -35.65
N ARG F 337 -24.82 -32.94 -35.82
CA ARG F 337 -23.67 -33.74 -35.42
C ARG F 337 -22.47 -33.41 -36.31
N TYR F 338 -22.73 -33.20 -37.61
CA TYR F 338 -21.65 -32.85 -38.55
C TYR F 338 -20.99 -31.52 -38.21
N LEU F 339 -21.79 -30.54 -37.76
CA LEU F 339 -21.29 -29.19 -37.51
C LEU F 339 -20.35 -29.15 -36.31
N VAL F 340 -20.80 -29.64 -35.15
CA VAL F 340 -19.94 -29.60 -33.97
C VAL F 340 -18.67 -30.39 -34.24
N GLN F 341 -18.81 -31.52 -34.95
CA GLN F 341 -17.64 -32.33 -35.27
C GLN F 341 -16.63 -31.52 -36.06
N GLN F 342 -17.12 -30.80 -37.06
CA GLN F 342 -16.25 -30.01 -37.92
C GLN F 342 -15.71 -28.79 -37.17
N LEU F 343 -16.55 -28.18 -36.34
CA LEU F 343 -16.14 -27.04 -35.54
C LEU F 343 -15.03 -27.42 -34.59
N CYS F 344 -15.09 -28.64 -34.02
CA CYS F 344 -14.05 -29.14 -33.13
C CYS F 344 -12.73 -29.38 -33.84
N THR F 345 -12.74 -29.49 -35.15
CA THR F 345 -11.45 -29.58 -35.84
C THR F 345 -10.65 -28.31 -35.65
N LEU F 346 -11.35 -27.19 -35.48
CA LEU F 346 -10.75 -25.86 -35.38
C LEU F 346 -10.42 -25.53 -33.93
N ASP F 347 -9.11 -25.32 -33.66
CA ASP F 347 -8.66 -25.07 -32.31
C ASP F 347 -8.97 -23.64 -31.87
N PHE F 348 -8.86 -22.69 -32.79
CA PHE F 348 -9.14 -21.29 -32.48
C PHE F 348 -10.60 -21.05 -32.19
N VAL F 349 -11.45 -22.07 -32.21
CA VAL F 349 -12.88 -21.93 -31.96
C VAL F 349 -13.24 -22.53 -30.61
N ASP F 350 -14.02 -21.78 -29.82
CA ASP F 350 -14.57 -22.26 -28.55
C ASP F 350 -16.08 -22.46 -28.68
N ILE F 351 -16.55 -23.72 -28.56
CA ILE F 351 -17.97 -24.04 -28.54
C ILE F 351 -18.54 -23.68 -27.19
N VAL F 352 -19.60 -22.89 -27.19
CA VAL F 352 -20.23 -22.43 -25.93
C VAL F 352 -21.39 -23.39 -25.67
N GLY F 353 -21.06 -24.55 -25.13
CA GLY F 353 -22.06 -25.55 -24.91
C GLY F 353 -21.43 -26.93 -24.92
N SER F 354 -22.27 -27.94 -25.12
CA SER F 354 -21.75 -29.30 -25.06
C SER F 354 -20.93 -29.58 -26.30
N LYS F 355 -19.68 -30.01 -26.07
CA LYS F 355 -18.87 -30.40 -27.21
C LYS F 355 -19.39 -31.67 -27.87
N LEU F 356 -20.33 -32.39 -27.25
CA LEU F 356 -20.99 -33.51 -27.91
C LEU F 356 -22.16 -33.01 -28.75
N GLY F 357 -22.20 -33.41 -30.02
CA GLY F 357 -23.23 -32.95 -30.94
C GLY F 357 -24.53 -33.72 -30.87
N GLN F 358 -24.51 -34.87 -30.19
CA GLN F 358 -25.74 -35.56 -29.86
C GLN F 358 -26.60 -34.75 -28.90
N ASN F 359 -26.07 -33.69 -28.30
CA ASN F 359 -26.82 -32.87 -27.35
C ASN F 359 -27.43 -31.62 -27.97
N HIS F 360 -26.92 -31.17 -29.11
CA HIS F 360 -27.37 -29.93 -29.74
C HIS F 360 -28.60 -30.22 -30.61
N VAL F 361 -29.71 -29.58 -30.29
CA VAL F 361 -30.93 -29.63 -31.10
C VAL F 361 -30.99 -28.36 -31.95
N GLY F 362 -30.37 -28.40 -33.13
CA GLY F 362 -30.48 -27.31 -34.10
C GLY F 362 -29.52 -26.13 -33.94
N ALA F 363 -29.14 -25.75 -32.71
CA ALA F 363 -28.33 -24.54 -32.48
C ALA F 363 -27.02 -24.83 -31.77
N VAL F 364 -25.93 -24.28 -32.31
CA VAL F 364 -24.58 -24.36 -31.73
C VAL F 364 -24.04 -22.95 -31.57
N ALA F 365 -23.70 -22.59 -30.34
CA ALA F 365 -23.07 -21.32 -30.04
C ALA F 365 -21.56 -21.53 -29.95
N PHE F 366 -20.81 -20.51 -30.37
CA PHE F 366 -19.36 -20.63 -30.42
C PHE F 366 -18.73 -19.26 -30.50
N ASN F 367 -17.41 -19.23 -30.42
CA ASN F 367 -16.65 -17.99 -30.46
C ASN F 367 -15.33 -18.26 -31.15
N VAL F 368 -14.91 -17.35 -32.01
CA VAL F 368 -13.52 -17.35 -32.43
C VAL F 368 -12.71 -16.73 -31.30
N ARG F 369 -11.69 -17.43 -30.82
CA ARG F 369 -10.88 -16.93 -29.73
C ARG F 369 -10.22 -15.61 -30.11
N GLY F 370 -10.62 -14.54 -29.43
CA GLY F 370 -10.05 -13.25 -29.64
C GLY F 370 -10.83 -12.33 -30.54
N VAL F 371 -11.82 -12.84 -31.26
CA VAL F 371 -12.50 -12.06 -32.29
C VAL F 371 -13.94 -11.84 -31.86
N HIS F 372 -14.40 -10.59 -31.89
CA HIS F 372 -15.78 -10.29 -31.50
C HIS F 372 -16.72 -10.87 -32.56
N PRO F 373 -17.79 -11.53 -32.15
CA PRO F 373 -18.67 -12.18 -33.13
C PRO F 373 -19.09 -11.23 -34.24
N HIS F 374 -19.37 -9.96 -33.90
CA HIS F 374 -19.84 -9.01 -34.90
C HIS F 374 -18.86 -8.97 -36.06
N ASP F 375 -17.57 -9.00 -35.74
CA ASP F 375 -16.56 -9.07 -36.79
C ASP F 375 -16.61 -10.44 -37.48
N VAL F 376 -16.80 -11.53 -36.73
CA VAL F 376 -16.85 -12.86 -37.32
C VAL F 376 -18.00 -12.94 -38.32
N SER F 377 -19.15 -12.44 -37.90
CA SER F 377 -20.37 -12.44 -38.70
C SER F 377 -20.20 -11.64 -39.98
N SER F 378 -19.35 -10.61 -39.96
CA SER F 378 -19.16 -9.76 -41.14
C SER F 378 -18.35 -10.47 -42.21
N ILE F 379 -17.22 -11.07 -41.82
CA ILE F 379 -16.39 -11.82 -42.76
C ILE F 379 -17.18 -13.00 -43.30
N LEU F 380 -17.99 -13.63 -42.45
CA LEU F 380 -18.85 -14.70 -42.95
C LEU F 380 -19.89 -14.17 -43.93
N ASP F 381 -20.44 -12.96 -43.70
CA ASP F 381 -21.38 -12.39 -44.67
C ASP F 381 -20.67 -12.11 -45.99
N MET F 382 -19.45 -11.57 -45.92
CA MET F 382 -18.68 -11.39 -47.14
C MET F 382 -18.41 -12.74 -47.83
N ASN F 383 -18.53 -13.85 -47.13
CA ASN F 383 -18.41 -15.17 -47.74
C ASN F 383 -19.76 -15.84 -47.97
N ASN F 384 -20.87 -15.10 -47.82
CA ASN F 384 -22.23 -15.62 -48.04
C ASN F 384 -22.59 -16.70 -47.00
N VAL F 385 -22.45 -16.36 -45.72
CA VAL F 385 -22.81 -17.26 -44.64
C VAL F 385 -23.59 -16.47 -43.60
N CYS F 386 -24.76 -16.98 -43.20
CA CYS F 386 -25.69 -16.26 -42.33
CA CYS F 386 -25.68 -16.24 -42.33
C CYS F 386 -25.71 -16.91 -40.96
N ILE F 387 -25.19 -16.22 -39.96
CA ILE F 387 -25.13 -16.69 -38.58
C ILE F 387 -25.58 -15.54 -37.70
N ARG F 388 -25.94 -15.86 -36.47
CA ARG F 388 -26.29 -14.82 -35.52
C ARG F 388 -25.07 -14.50 -34.68
N ALA F 389 -24.90 -13.22 -34.35
CA ALA F 389 -23.83 -12.77 -33.49
C ALA F 389 -24.40 -11.82 -32.45
N GLY F 390 -23.96 -11.98 -31.20
CA GLY F 390 -24.44 -11.15 -30.12
C GLY F 390 -24.81 -11.97 -28.89
N HIS F 391 -25.88 -11.58 -28.19
CA HIS F 391 -26.29 -12.30 -27.00
C HIS F 391 -27.62 -13.03 -27.15
N HIS F 392 -28.28 -12.90 -28.30
CA HIS F 392 -29.41 -13.77 -28.63
C HIS F 392 -30.59 -13.61 -27.66
N CYS F 393 -30.72 -12.44 -27.04
CA CYS F 393 -31.81 -12.19 -26.10
C CYS F 393 -31.89 -13.30 -25.06
N ALA F 394 -30.70 -13.80 -24.67
CA ALA F 394 -30.52 -14.72 -23.55
C ALA F 394 -29.35 -14.24 -22.70
N GLU F 395 -29.40 -12.95 -22.32
CA GLU F 395 -28.28 -12.34 -21.60
C GLU F 395 -27.96 -13.04 -20.28
N PRO F 396 -28.92 -13.27 -19.35
CA PRO F 396 -28.57 -13.98 -18.11
C PRO F 396 -27.78 -15.25 -18.35
N LEU F 397 -28.11 -16.03 -19.39
CA LEU F 397 -27.31 -17.21 -19.67
C LEU F 397 -25.89 -16.81 -20.05
N LEU F 398 -25.73 -15.82 -20.92
CA LEU F 398 -24.38 -15.48 -21.38
C LEU F 398 -23.51 -14.95 -20.22
N ILE F 399 -24.13 -14.22 -19.28
CA ILE F 399 -23.44 -13.84 -18.04
C ILE F 399 -22.97 -15.08 -17.27
N GLU F 400 -23.87 -16.06 -17.08
CA GLU F 400 -23.48 -17.29 -16.39
C GLU F 400 -22.24 -17.92 -17.01
N LEU F 401 -22.17 -17.99 -18.33
CA LEU F 401 -21.00 -18.60 -18.96
C LEU F 401 -19.84 -17.63 -19.15
N HIS F 402 -19.95 -16.41 -18.59
CA HIS F 402 -18.87 -15.44 -18.62
C HIS F 402 -18.49 -15.14 -20.07
N GLU F 403 -19.53 -14.80 -20.85
CA GLU F 403 -19.42 -14.36 -22.23
C GLU F 403 -20.21 -13.07 -22.33
N SER F 404 -19.82 -12.19 -23.25
CA SER F 404 -20.70 -11.08 -23.60
C SER F 404 -21.40 -11.31 -24.92
N SER F 405 -20.69 -11.92 -25.87
CA SER F 405 -21.27 -12.23 -27.17
C SER F 405 -20.78 -13.59 -27.64
N THR F 406 -21.61 -14.25 -28.46
CA THR F 406 -21.23 -15.47 -29.16
C THR F 406 -21.79 -15.46 -30.57
N CYS F 407 -21.10 -16.17 -31.44
CA CYS F 407 -21.67 -16.57 -32.70
C CYS F 407 -22.66 -17.71 -32.47
N ARG F 408 -23.49 -17.96 -33.48
CA ARG F 408 -24.39 -19.09 -33.41
C ARG F 408 -24.67 -19.58 -34.83
N ALA F 409 -24.46 -20.88 -35.05
CA ALA F 409 -24.87 -21.54 -36.29
C ALA F 409 -26.07 -22.43 -36.03
N SER F 410 -27.01 -22.44 -36.98
CA SER F 410 -28.33 -23.07 -36.79
C SER F 410 -28.64 -23.89 -38.04
N VAL F 411 -28.87 -25.18 -37.87
CA VAL F 411 -29.14 -26.05 -39.01
C VAL F 411 -30.63 -26.41 -39.06
N ALA F 412 -31.11 -26.55 -40.26
CA ALA F 412 -32.45 -27.05 -40.48
C ALA F 412 -32.37 -28.13 -41.55
N PHE F 413 -33.51 -28.80 -41.81
CA PHE F 413 -33.54 -29.92 -42.75
C PHE F 413 -33.15 -29.53 -44.17
N TYR F 414 -33.32 -28.26 -44.53
CA TYR F 414 -32.99 -27.77 -45.87
C TYR F 414 -31.54 -27.26 -45.99
N ASN F 415 -30.67 -27.58 -45.02
CA ASN F 415 -29.23 -27.36 -45.18
C ASN F 415 -28.52 -28.67 -45.54
N ASP F 416 -27.29 -28.54 -46.02
CA ASP F 416 -26.52 -29.70 -46.40
C ASP F 416 -25.06 -29.53 -45.96
N LYS F 417 -24.29 -30.61 -46.08
CA LYS F 417 -22.89 -30.58 -45.65
C LYS F 417 -22.14 -29.42 -46.30
N HIS F 418 -22.52 -29.02 -47.51
CA HIS F 418 -21.83 -27.89 -48.11
C HIS F 418 -22.17 -26.59 -47.39
N ASP F 419 -23.38 -26.48 -46.83
CA ASP F 419 -23.64 -25.31 -46.01
C ASP F 419 -22.69 -25.25 -44.84
N ILE F 420 -22.43 -26.40 -44.22
CA ILE F 420 -21.55 -26.46 -43.06
C ILE F 420 -20.11 -26.34 -43.49
N ASP F 421 -19.79 -26.72 -44.73
CA ASP F 421 -18.42 -26.57 -45.17
C ASP F 421 -18.09 -25.12 -45.53
N GLN F 422 -19.06 -24.33 -46.01
CA GLN F 422 -18.81 -22.91 -46.22
C GLN F 422 -18.57 -22.18 -44.89
N LEU F 423 -19.29 -22.56 -43.84
CA LEU F 423 -19.06 -21.95 -42.54
C LEU F 423 -17.67 -22.29 -42.01
N ILE F 424 -17.22 -23.53 -42.20
CA ILE F 424 -15.92 -23.94 -41.69
C ILE F 424 -14.83 -23.26 -42.47
N GLU F 425 -14.95 -23.20 -43.79
CA GLU F 425 -13.93 -22.53 -44.59
C GLU F 425 -14.04 -21.01 -44.50
N GLY F 426 -15.17 -20.47 -44.07
CA GLY F 426 -15.23 -19.05 -43.88
C GLY F 426 -14.59 -18.67 -42.55
N LEU F 427 -14.87 -19.46 -41.51
CA LEU F 427 -14.19 -19.26 -40.24
C LEU F 427 -12.67 -19.30 -40.42
N ASN F 428 -12.18 -20.17 -41.30
CA ASN F 428 -10.76 -20.24 -41.57
C ASN F 428 -10.26 -18.93 -42.17
N GLN F 429 -11.02 -18.35 -43.10
CA GLN F 429 -10.72 -17.00 -43.56
C GLN F 429 -10.67 -16.02 -42.38
N VAL F 430 -11.61 -16.15 -41.43
CA VAL F 430 -11.62 -15.26 -40.28
C VAL F 430 -10.33 -15.34 -39.49
N TRP F 431 -9.84 -16.57 -39.28
CA TRP F 431 -8.62 -16.72 -38.48
C TRP F 431 -7.41 -16.11 -39.20
N LYS F 432 -7.25 -16.45 -40.48
CA LYS F 432 -6.12 -15.96 -41.25
C LYS F 432 -6.02 -14.44 -41.22
N ILE F 433 -7.11 -13.72 -40.97
CA ILE F 433 -7.03 -12.27 -40.86
C ILE F 433 -6.82 -11.83 -39.41
N PHE F 434 -7.31 -12.56 -38.42
CA PHE F 434 -7.21 -12.10 -37.05
C PHE F 434 -6.28 -12.97 -36.19
N1 PLG G . 41.28 24.85 -2.21
C2 PLG G . 41.39 26.22 -1.65
C2A PLG G . 40.48 27.33 -2.17
C3 PLG G . 42.27 26.44 -0.72
O3 PLG G . 42.41 27.69 -0.14
C4 PLG G . 43.15 25.33 -0.24
C4A PLG G . 44.18 25.64 0.82
C5 PLG G . 43.05 24.14 -0.73
C6 PLG G . 42.03 23.90 -1.82
C5A PLG G . 43.94 23.00 -0.27
OP4 PLG G . 43.52 22.65 1.01
P PLG G . 44.36 21.60 1.99
OP1 PLG G . 45.54 22.14 2.71
OP2 PLG G . 43.54 21.10 3.07
OP3 PLG G . 44.78 20.39 1.26
C PLG G . 45.59 28.86 2.15
O PLG G . 46.18 29.16 3.23
OXT PLG G . 45.02 29.78 1.48
CA PLG G . 45.59 27.39 1.71
N PLG G . 44.33 27.06 1.01
N1 PLG H . -1.74 18.53 -18.55
C2 PLG H . -2.70 18.55 -17.42
C2A PLG H . -2.24 18.17 -16.02
C3 PLG H . -3.95 18.90 -17.67
O3 PLG H . -4.92 18.94 -16.70
C4 PLG H . -4.35 19.27 -19.04
C4A PLG H . -5.80 19.65 -19.27
C5 PLG H . -3.51 19.24 -20.01
C6 PLG H . -2.09 18.84 -19.74
C5A PLG H . -3.91 19.59 -21.43
OP4 PLG H . -4.14 20.96 -21.48
P PLG H . -4.86 21.70 -22.76
OP1 PLG H . -4.92 23.12 -22.56
OP2 PLG H . -4.08 21.46 -23.97
OP3 PLG H . -6.25 21.42 -23.10
C PLG H . -8.89 19.36 -17.12
O PLG H . -8.48 18.82 -16.05
OXT PLG H . -10.12 19.51 -17.31
CA PLG H . -7.91 19.85 -18.20
N PLG H . -6.76 18.97 -18.42
N1 PLG I . 6.28 -29.66 -5.95
C2 PLG I . 6.85 -29.19 -7.26
C2A PLG I . 7.40 -30.19 -8.29
C3 PLG I . 6.88 -27.89 -7.51
O3 PLG I . 7.39 -27.39 -8.70
C4 PLG I . 6.33 -26.94 -6.51
C4A PLG I . 6.38 -25.45 -6.81
C5 PLG I . 5.82 -27.37 -5.38
C6 PLG I . 5.81 -28.85 -5.09
C5A PLG I . 5.29 -26.37 -4.35
OP4 PLG I . 4.10 -25.81 -4.85
P PLG I . 3.45 -24.44 -4.21
OP1 PLG I . 4.18 -23.16 -4.30
OP2 PLG I . 2.20 -24.12 -4.87
OP3 PLG I . 3.16 -24.65 -2.80
C PLG I . 8.54 -23.74 -9.30
O PLG I . 8.93 -22.61 -9.61
OXT PLG I . 9.19 -24.73 -9.74
CA PLG I . 7.30 -23.89 -8.41
N PLG I . 7.55 -25.05 -7.55
N1 PLG J . 17.21 11.14 39.98
C2 PLG J . 17.20 12.45 39.27
C2A PLG J . 16.90 12.55 37.77
C3 PLG J . 17.51 13.53 39.96
O3 PLG J . 17.52 14.76 39.31
C4 PLG J . 17.80 13.43 41.42
C4A PLG J . 18.15 14.70 42.20
C5 PLG J . 17.79 12.30 42.03
C6 PLG J . 17.47 11.06 41.23
C5A PLG J . 18.11 12.16 43.52
OP4 PLG J . 17.03 12.66 44.26
P PLG J . 17.20 12.94 45.90
OP1 PLG J . 18.14 13.98 46.35
OP2 PLG J . 17.46 11.73 46.65
OP3 PLG J . 16.00 13.45 46.49
C PLG J . 19.22 18.19 41.27
O PLG J . 19.75 19.06 42.00
OXT PLG J . 19.25 18.33 40.02
CA PLG J . 18.55 17.00 41.97
N PLG J . 18.92 15.68 41.48
N1 PLG K . -12.14 -16.34 16.36
C2 PLG K . -13.50 -15.80 16.46
C2A PLG K . -13.89 -14.92 17.65
C3 PLG K . -14.35 -16.08 15.49
O3 PLG K . -15.66 -15.61 15.48
C4 PLG K . -13.92 -16.93 14.36
C4A PLG K . -14.95 -17.25 13.28
C5 PLG K . -12.74 -17.41 14.31
C6 PLG K . -11.75 -17.09 15.40
C5A PLG K . -12.26 -18.30 13.16
OP4 PLG K . -12.11 -17.50 12.03
P PLG K . -11.88 -18.14 10.54
OP1 PLG K . -11.59 -17.12 9.58
OP2 PLG K . -13.00 -18.85 9.88
OP3 PLG K . -10.72 -19.02 10.46
C PLG K . -18.64 -16.76 13.12
O PLG K . -18.97 -16.31 14.25
OXT PLG K . -19.51 -17.07 12.27
CA PLG K . -17.19 -16.91 12.70
N PLG K . -16.30 -17.32 13.79
N1 PLG L . -38.33 -18.58 -26.63
C2 PLG L . -37.09 -19.02 -27.30
C2A PLG L . -36.32 -20.26 -26.80
C3 PLG L . -36.63 -18.35 -28.34
O3 PLG L . -35.47 -18.75 -28.99
C4 PLG L . -37.38 -17.17 -28.84
C4A PLG L . -36.83 -16.39 -30.03
C5 PLG L . -38.45 -16.81 -28.23
C6 PLG L . -38.98 -17.57 -27.04
C5A PLG L . -39.24 -15.59 -28.69
OP4 PLG L . -39.85 -15.93 -29.88
P PLG L . -40.55 -14.76 -30.80
OP1 PLG L . -39.69 -13.73 -31.39
OP2 PLG L . -41.19 -15.37 -31.93
OP3 PLG L . -41.57 -14.05 -30.05
C PLG L . -33.41 -16.55 -31.57
O PLG L . -32.72 -16.01 -32.48
OXT PLG L . -32.82 -17.36 -30.81
CA PLG L . -34.91 -16.21 -31.47
N PLG L . -35.38 -16.34 -30.10
#